data_2CWJ
# 
_entry.id   2CWJ 
# 
_audit_conform.dict_name       mmcif_pdbx.dic 
_audit_conform.dict_version    5.388 
_audit_conform.dict_location   http://mmcif.pdb.org/dictionaries/ascii/mmcif_pdbx.dic 
# 
loop_
_database_2.database_id 
_database_2.database_code 
_database_2.pdbx_database_accession 
_database_2.pdbx_DOI 
PDB   2CWJ         pdb_00002cwj 10.2210/pdb2cwj/pdb 
RCSB  RCSB024704   ?            ?                   
WWPDB D_1000024704 ?            ?                   
# 
loop_
_pdbx_audit_revision_history.ordinal 
_pdbx_audit_revision_history.data_content_type 
_pdbx_audit_revision_history.major_revision 
_pdbx_audit_revision_history.minor_revision 
_pdbx_audit_revision_history.revision_date 
1 'Structure model' 1 0 2005-12-21 
2 'Structure model' 1 1 2008-04-30 
3 'Structure model' 1 2 2011-07-13 
4 'Structure model' 1 3 2017-10-11 
5 'Structure model' 1 4 2024-03-13 
# 
_pdbx_audit_revision_details.ordinal             1 
_pdbx_audit_revision_details.revision_ordinal    1 
_pdbx_audit_revision_details.data_content_type   'Structure model' 
_pdbx_audit_revision_details.provider            repository 
_pdbx_audit_revision_details.type                'Initial release' 
_pdbx_audit_revision_details.description         ? 
_pdbx_audit_revision_details.details             ? 
# 
loop_
_pdbx_audit_revision_group.ordinal 
_pdbx_audit_revision_group.revision_ordinal 
_pdbx_audit_revision_group.data_content_type 
_pdbx_audit_revision_group.group 
1 2 'Structure model' 'Version format compliance' 
2 3 'Structure model' 'Derived calculations'      
3 3 'Structure model' 'Source and taxonomy'       
4 3 'Structure model' 'Version format compliance' 
5 4 'Structure model' 'Refinement description'    
6 5 'Structure model' 'Data collection'           
7 5 'Structure model' 'Database references'       
# 
loop_
_pdbx_audit_revision_category.ordinal 
_pdbx_audit_revision_category.revision_ordinal 
_pdbx_audit_revision_category.data_content_type 
_pdbx_audit_revision_category.category 
1 4 'Structure model' software       
2 5 'Structure model' chem_comp_atom 
3 5 'Structure model' chem_comp_bond 
4 5 'Structure model' database_2     
# 
loop_
_pdbx_audit_revision_item.ordinal 
_pdbx_audit_revision_item.revision_ordinal 
_pdbx_audit_revision_item.data_content_type 
_pdbx_audit_revision_item.item 
1  4 'Structure model' '_software.classification'            
2  4 'Structure model' '_software.contact_author'            
3  4 'Structure model' '_software.contact_author_email'      
4  4 'Structure model' '_software.date'                      
5  4 'Structure model' '_software.language'                  
6  4 'Structure model' '_software.location'                  
7  4 'Structure model' '_software.name'                      
8  4 'Structure model' '_software.type'                      
9  4 'Structure model' '_software.version'                   
10 5 'Structure model' '_database_2.pdbx_DOI'                
11 5 'Structure model' '_database_2.pdbx_database_accession' 
# 
_pdbx_database_status.entry_id                        2CWJ 
_pdbx_database_status.deposit_site                    PDBJ 
_pdbx_database_status.process_site                    PDBJ 
_pdbx_database_status.recvd_initial_deposition_date   2005-06-21 
_pdbx_database_status.status_code                     REL 
_pdbx_database_status.status_code_sf                  ? 
_pdbx_database_status.status_code_mr                  ? 
_pdbx_database_status.SG_entry                        Y 
_pdbx_database_status.pdb_format_compatible           Y 
_pdbx_database_status.status_code_cs                  ? 
_pdbx_database_status.methods_development_category    ? 
_pdbx_database_status.status_code_nmr_data            ? 
# 
_pdbx_database_related.db_name        TargetDB 
_pdbx_database_related.db_id          ape001001501.1 
_pdbx_database_related.details        . 
_pdbx_database_related.content_type   unspecified 
# 
loop_
_audit_author.name 
_audit_author.pdbx_ordinal 
'Takemoto-hori, C.'                                      1 
'Suetsugu-hanawa, K.'                                    2 
'Murayama, K.'                                           3 
'Shirouzu, M.'                                           4 
'Yokoyama, S.'                                           5 
'RIKEN Structural Genomics/Proteomics Initiative (RSGI)' 6 
# 
_citation.id                        primary 
_citation.title                     'crystal structure of APE1501, a putative endonuclease from Aeropyrum pernix' 
_citation.journal_abbrev            'To be Published' 
_citation.journal_volume            ? 
_citation.page_first                ? 
_citation.page_last                 ? 
_citation.year                      ? 
_citation.journal_id_ASTM           ? 
_citation.country                   ? 
_citation.journal_id_ISSN           ? 
_citation.journal_id_CSD            0353 
_citation.book_publisher            ? 
_citation.pdbx_database_id_PubMed   ? 
_citation.pdbx_database_id_DOI      ? 
# 
loop_
_citation_author.citation_id 
_citation_author.name 
_citation_author.ordinal 
_citation_author.identifier_ORCID 
primary 'Takemoto-hori, C.'   1 ? 
primary 'Suetsugu-hanawa, K.' 2 ? 
primary 'Murayama, K.'        3 ? 
primary 'Shirouzu, M.'        4 ? 
primary 'Yokoyama, S.'        5 ? 
# 
_entity.id                         1 
_entity.type                       polymer 
_entity.src_method                 man 
_entity.pdbx_description           'putative endonuclease' 
_entity.formula_weight             13484.349 
_entity.pdbx_number_of_molecules   1 
_entity.pdbx_ec                    3.1.-.- 
_entity.pdbx_mutation              ? 
_entity.pdbx_fragment              ? 
_entity.details                    ? 
# 
_entity_poly.entity_id                      1 
_entity_poly.type                           'polypeptide(L)' 
_entity_poly.nstd_linkage                   no 
_entity_poly.nstd_monomer                   no 
_entity_poly.pdbx_seq_one_letter_code       
;METAPKPVGPYSQAVESGCFMFVSGQIPINPETGALEEGGFKESAKRALDNLKAIVEGAGYSMDDIVKVTVYITDISRFS
EFNEVYREYFNRPYPARAVVGVAALPLGAPLEVEAVLYTCRRK
;
_entity_poly.pdbx_seq_one_letter_code_can   
;METAPKPVGPYSQAVESGCFMFVSGQIPINPETGALEEGGFKESAKRALDNLKAIVEGAGYSMDDIVKVTVYITDISRFS
EFNEVYREYFNRPYPARAVVGVAALPLGAPLEVEAVLYTCRRK
;
_entity_poly.pdbx_strand_id                 A 
_entity_poly.pdbx_target_identifier         ape001001501.1 
# 
loop_
_entity_poly_seq.entity_id 
_entity_poly_seq.num 
_entity_poly_seq.mon_id 
_entity_poly_seq.hetero 
1 1   MET n 
1 2   GLU n 
1 3   THR n 
1 4   ALA n 
1 5   PRO n 
1 6   LYS n 
1 7   PRO n 
1 8   VAL n 
1 9   GLY n 
1 10  PRO n 
1 11  TYR n 
1 12  SER n 
1 13  GLN n 
1 14  ALA n 
1 15  VAL n 
1 16  GLU n 
1 17  SER n 
1 18  GLY n 
1 19  CYS n 
1 20  PHE n 
1 21  MET n 
1 22  PHE n 
1 23  VAL n 
1 24  SER n 
1 25  GLY n 
1 26  GLN n 
1 27  ILE n 
1 28  PRO n 
1 29  ILE n 
1 30  ASN n 
1 31  PRO n 
1 32  GLU n 
1 33  THR n 
1 34  GLY n 
1 35  ALA n 
1 36  LEU n 
1 37  GLU n 
1 38  GLU n 
1 39  GLY n 
1 40  GLY n 
1 41  PHE n 
1 42  LYS n 
1 43  GLU n 
1 44  SER n 
1 45  ALA n 
1 46  LYS n 
1 47  ARG n 
1 48  ALA n 
1 49  LEU n 
1 50  ASP n 
1 51  ASN n 
1 52  LEU n 
1 53  LYS n 
1 54  ALA n 
1 55  ILE n 
1 56  VAL n 
1 57  GLU n 
1 58  GLY n 
1 59  ALA n 
1 60  GLY n 
1 61  TYR n 
1 62  SER n 
1 63  MET n 
1 64  ASP n 
1 65  ASP n 
1 66  ILE n 
1 67  VAL n 
1 68  LYS n 
1 69  VAL n 
1 70  THR n 
1 71  VAL n 
1 72  TYR n 
1 73  ILE n 
1 74  THR n 
1 75  ASP n 
1 76  ILE n 
1 77  SER n 
1 78  ARG n 
1 79  PHE n 
1 80  SER n 
1 81  GLU n 
1 82  PHE n 
1 83  ASN n 
1 84  GLU n 
1 85  VAL n 
1 86  TYR n 
1 87  ARG n 
1 88  GLU n 
1 89  TYR n 
1 90  PHE n 
1 91  ASN n 
1 92  ARG n 
1 93  PRO n 
1 94  TYR n 
1 95  PRO n 
1 96  ALA n 
1 97  ARG n 
1 98  ALA n 
1 99  VAL n 
1 100 VAL n 
1 101 GLY n 
1 102 VAL n 
1 103 ALA n 
1 104 ALA n 
1 105 LEU n 
1 106 PRO n 
1 107 LEU n 
1 108 GLY n 
1 109 ALA n 
1 110 PRO n 
1 111 LEU n 
1 112 GLU n 
1 113 VAL n 
1 114 GLU n 
1 115 ALA n 
1 116 VAL n 
1 117 LEU n 
1 118 TYR n 
1 119 THR n 
1 120 CYS n 
1 121 ARG n 
1 122 ARG n 
1 123 LYS n 
# 
_entity_src_gen.entity_id                          1 
_entity_src_gen.pdbx_src_id                        1 
_entity_src_gen.pdbx_alt_source_flag               sample 
_entity_src_gen.pdbx_seq_type                      ? 
_entity_src_gen.pdbx_beg_seq_num                   ? 
_entity_src_gen.pdbx_end_seq_num                   ? 
_entity_src_gen.gene_src_common_name               ? 
_entity_src_gen.gene_src_genus                     Aeropyrum 
_entity_src_gen.pdbx_gene_src_gene                 ? 
_entity_src_gen.gene_src_species                   'Aeropyrum pernix' 
_entity_src_gen.gene_src_strain                    K1 
_entity_src_gen.gene_src_tissue                    ? 
_entity_src_gen.gene_src_tissue_fraction           ? 
_entity_src_gen.gene_src_details                   ? 
_entity_src_gen.pdbx_gene_src_fragment             ? 
_entity_src_gen.pdbx_gene_src_scientific_name      'Aeropyrum pernix' 
_entity_src_gen.pdbx_gene_src_ncbi_taxonomy_id     272557 
_entity_src_gen.pdbx_gene_src_variant              ? 
_entity_src_gen.pdbx_gene_src_cell_line            ? 
_entity_src_gen.pdbx_gene_src_atcc                 ? 
_entity_src_gen.pdbx_gene_src_organ                ? 
_entity_src_gen.pdbx_gene_src_organelle            ? 
_entity_src_gen.pdbx_gene_src_cell                 ? 
_entity_src_gen.pdbx_gene_src_cellular_location    ? 
_entity_src_gen.host_org_common_name               ? 
_entity_src_gen.pdbx_host_org_scientific_name      'Escherichia coli' 
_entity_src_gen.pdbx_host_org_ncbi_taxonomy_id     562 
_entity_src_gen.host_org_genus                     Escherichia 
_entity_src_gen.pdbx_host_org_gene                 ? 
_entity_src_gen.pdbx_host_org_organ                ? 
_entity_src_gen.host_org_species                   ? 
_entity_src_gen.pdbx_host_org_tissue               ? 
_entity_src_gen.pdbx_host_org_tissue_fraction      ? 
_entity_src_gen.pdbx_host_org_strain               'B834(DE2)pRARE' 
_entity_src_gen.pdbx_host_org_variant              ? 
_entity_src_gen.pdbx_host_org_cell_line            ? 
_entity_src_gen.pdbx_host_org_atcc                 ? 
_entity_src_gen.pdbx_host_org_culture_collection   ? 
_entity_src_gen.pdbx_host_org_cell                 ? 
_entity_src_gen.pdbx_host_org_organelle            ? 
_entity_src_gen.pdbx_host_org_cellular_location    ? 
_entity_src_gen.pdbx_host_org_vector_type          plasmid 
_entity_src_gen.pdbx_host_org_vector               ? 
_entity_src_gen.host_org_details                   ? 
_entity_src_gen.expression_system_id               ? 
_entity_src_gen.plasmid_name                       pET11a 
_entity_src_gen.plasmid_details                    ? 
_entity_src_gen.pdbx_description                   ? 
# 
loop_
_chem_comp.id 
_chem_comp.type 
_chem_comp.mon_nstd_flag 
_chem_comp.name 
_chem_comp.pdbx_synonyms 
_chem_comp.formula 
_chem_comp.formula_weight 
ALA 'L-peptide linking' y ALANINE         ? 'C3 H7 N O2'     89.093  
ARG 'L-peptide linking' y ARGININE        ? 'C6 H15 N4 O2 1' 175.209 
ASN 'L-peptide linking' y ASPARAGINE      ? 'C4 H8 N2 O3'    132.118 
ASP 'L-peptide linking' y 'ASPARTIC ACID' ? 'C4 H7 N O4'     133.103 
CYS 'L-peptide linking' y CYSTEINE        ? 'C3 H7 N O2 S'   121.158 
GLN 'L-peptide linking' y GLUTAMINE       ? 'C5 H10 N2 O3'   146.144 
GLU 'L-peptide linking' y 'GLUTAMIC ACID' ? 'C5 H9 N O4'     147.129 
GLY 'peptide linking'   y GLYCINE         ? 'C2 H5 N O2'     75.067  
ILE 'L-peptide linking' y ISOLEUCINE      ? 'C6 H13 N O2'    131.173 
LEU 'L-peptide linking' y LEUCINE         ? 'C6 H13 N O2'    131.173 
LYS 'L-peptide linking' y LYSINE          ? 'C6 H15 N2 O2 1' 147.195 
MET 'L-peptide linking' y METHIONINE      ? 'C5 H11 N O2 S'  149.211 
PHE 'L-peptide linking' y PHENYLALANINE   ? 'C9 H11 N O2'    165.189 
PRO 'L-peptide linking' y PROLINE         ? 'C5 H9 N O2'     115.130 
SER 'L-peptide linking' y SERINE          ? 'C3 H7 N O3'     105.093 
THR 'L-peptide linking' y THREONINE       ? 'C4 H9 N O3'     119.119 
TYR 'L-peptide linking' y TYROSINE        ? 'C9 H11 N O3'    181.189 
VAL 'L-peptide linking' y VALINE          ? 'C5 H11 N O2'    117.146 
# 
loop_
_pdbx_poly_seq_scheme.asym_id 
_pdbx_poly_seq_scheme.entity_id 
_pdbx_poly_seq_scheme.seq_id 
_pdbx_poly_seq_scheme.mon_id 
_pdbx_poly_seq_scheme.ndb_seq_num 
_pdbx_poly_seq_scheme.pdb_seq_num 
_pdbx_poly_seq_scheme.auth_seq_num 
_pdbx_poly_seq_scheme.pdb_mon_id 
_pdbx_poly_seq_scheme.auth_mon_id 
_pdbx_poly_seq_scheme.pdb_strand_id 
_pdbx_poly_seq_scheme.pdb_ins_code 
_pdbx_poly_seq_scheme.hetero 
A 1 1   MET 1   1   ?   ?   ?   A . n 
A 1 2   GLU 2   2   ?   ?   ?   A . n 
A 1 3   THR 3   3   ?   ?   ?   A . n 
A 1 4   ALA 4   4   4   ALA ALA A . n 
A 1 5   PRO 5   5   5   PRO PRO A . n 
A 1 6   LYS 6   6   6   LYS LYS A . n 
A 1 7   PRO 7   7   7   PRO PRO A . n 
A 1 8   VAL 8   8   8   VAL VAL A . n 
A 1 9   GLY 9   9   9   GLY GLY A . n 
A 1 10  PRO 10  10  10  PRO PRO A . n 
A 1 11  TYR 11  11  11  TYR TYR A . n 
A 1 12  SER 12  12  12  SER SER A . n 
A 1 13  GLN 13  13  13  GLN GLN A . n 
A 1 14  ALA 14  14  14  ALA ALA A . n 
A 1 15  VAL 15  15  15  VAL VAL A . n 
A 1 16  GLU 16  16  16  GLU GLU A . n 
A 1 17  SER 17  17  17  SER SER A . n 
A 1 18  GLY 18  18  18  GLY GLY A . n 
A 1 19  CYS 19  19  19  CYS CYS A . n 
A 1 20  PHE 20  20  20  PHE PHE A . n 
A 1 21  MET 21  21  21  MET MET A . n 
A 1 22  PHE 22  22  22  PHE PHE A . n 
A 1 23  VAL 23  23  23  VAL VAL A . n 
A 1 24  SER 24  24  24  SER SER A . n 
A 1 25  GLY 25  25  25  GLY GLY A . n 
A 1 26  GLN 26  26  26  GLN GLN A . n 
A 1 27  ILE 27  27  27  ILE ILE A . n 
A 1 28  PRO 28  28  28  PRO PRO A . n 
A 1 29  ILE 29  29  29  ILE ILE A . n 
A 1 30  ASN 30  30  30  ASN ASN A . n 
A 1 31  PRO 31  31  31  PRO PRO A . n 
A 1 32  GLU 32  32  32  GLU GLU A . n 
A 1 33  THR 33  33  33  THR THR A . n 
A 1 34  GLY 34  34  34  GLY GLY A . n 
A 1 35  ALA 35  35  35  ALA ALA A . n 
A 1 36  LEU 36  36  36  LEU LEU A . n 
A 1 37  GLU 37  37  37  GLU GLU A . n 
A 1 38  GLU 38  38  38  GLU GLU A . n 
A 1 39  GLY 39  39  39  GLY GLY A . n 
A 1 40  GLY 40  40  40  GLY GLY A . n 
A 1 41  PHE 41  41  41  PHE PHE A . n 
A 1 42  LYS 42  42  42  LYS LYS A . n 
A 1 43  GLU 43  43  43  GLU GLU A . n 
A 1 44  SER 44  44  44  SER SER A . n 
A 1 45  ALA 45  45  45  ALA ALA A . n 
A 1 46  LYS 46  46  46  LYS LYS A . n 
A 1 47  ARG 47  47  47  ARG ARG A . n 
A 1 48  ALA 48  48  48  ALA ALA A . n 
A 1 49  LEU 49  49  49  LEU LEU A . n 
A 1 50  ASP 50  50  50  ASP ASP A . n 
A 1 51  ASN 51  51  51  ASN ASN A . n 
A 1 52  LEU 52  52  52  LEU LEU A . n 
A 1 53  LYS 53  53  53  LYS LYS A . n 
A 1 54  ALA 54  54  54  ALA ALA A . n 
A 1 55  ILE 55  55  55  ILE ILE A . n 
A 1 56  VAL 56  56  56  VAL VAL A . n 
A 1 57  GLU 57  57  57  GLU GLU A . n 
A 1 58  GLY 58  58  58  GLY GLY A . n 
A 1 59  ALA 59  59  59  ALA ALA A . n 
A 1 60  GLY 60  60  60  GLY GLY A . n 
A 1 61  TYR 61  61  61  TYR TYR A . n 
A 1 62  SER 62  62  62  SER SER A . n 
A 1 63  MET 63  63  63  MET MET A . n 
A 1 64  ASP 64  64  64  ASP ASP A . n 
A 1 65  ASP 65  65  65  ASP ASP A . n 
A 1 66  ILE 66  66  66  ILE ILE A . n 
A 1 67  VAL 67  67  67  VAL VAL A . n 
A 1 68  LYS 68  68  68  LYS LYS A . n 
A 1 69  VAL 69  69  69  VAL VAL A . n 
A 1 70  THR 70  70  70  THR THR A . n 
A 1 71  VAL 71  71  71  VAL VAL A . n 
A 1 72  TYR 72  72  72  TYR TYR A . n 
A 1 73  ILE 73  73  73  ILE ILE A . n 
A 1 74  THR 74  74  74  THR THR A . n 
A 1 75  ASP 75  75  75  ASP ASP A . n 
A 1 76  ILE 76  76  76  ILE ILE A . n 
A 1 77  SER 77  77  77  SER SER A . n 
A 1 78  ARG 78  78  78  ARG ARG A . n 
A 1 79  PHE 79  79  79  PHE PHE A . n 
A 1 80  SER 80  80  80  SER SER A . n 
A 1 81  GLU 81  81  81  GLU GLU A . n 
A 1 82  PHE 82  82  82  PHE PHE A . n 
A 1 83  ASN 83  83  83  ASN ASN A . n 
A 1 84  GLU 84  84  84  GLU GLU A . n 
A 1 85  VAL 85  85  85  VAL VAL A . n 
A 1 86  TYR 86  86  86  TYR TYR A . n 
A 1 87  ARG 87  87  87  ARG ARG A . n 
A 1 88  GLU 88  88  88  GLU GLU A . n 
A 1 89  TYR 89  89  89  TYR TYR A . n 
A 1 90  PHE 90  90  90  PHE PHE A . n 
A 1 91  ASN 91  91  91  ASN ASN A . n 
A 1 92  ARG 92  92  92  ARG ARG A . n 
A 1 93  PRO 93  93  93  PRO PRO A . n 
A 1 94  TYR 94  94  94  TYR TYR A . n 
A 1 95  PRO 95  95  95  PRO PRO A . n 
A 1 96  ALA 96  96  96  ALA ALA A . n 
A 1 97  ARG 97  97  97  ARG ARG A . n 
A 1 98  ALA 98  98  98  ALA ALA A . n 
A 1 99  VAL 99  99  99  VAL VAL A . n 
A 1 100 VAL 100 100 100 VAL VAL A . n 
A 1 101 GLY 101 101 101 GLY GLY A . n 
A 1 102 VAL 102 102 102 VAL VAL A . n 
A 1 103 ALA 103 103 103 ALA ALA A . n 
A 1 104 ALA 104 104 104 ALA ALA A . n 
A 1 105 LEU 105 105 105 LEU LEU A . n 
A 1 106 PRO 106 106 106 PRO PRO A . n 
A 1 107 LEU 107 107 107 LEU LEU A . n 
A 1 108 GLY 108 108 108 GLY GLY A . n 
A 1 109 ALA 109 109 109 ALA ALA A . n 
A 1 110 PRO 110 110 110 PRO PRO A . n 
A 1 111 LEU 111 111 111 LEU LEU A . n 
A 1 112 GLU 112 112 112 GLU GLU A . n 
A 1 113 VAL 113 113 113 VAL VAL A . n 
A 1 114 GLU 114 114 114 GLU GLU A . n 
A 1 115 ALA 115 115 115 ALA ALA A . n 
A 1 116 VAL 116 116 116 VAL VAL A . n 
A 1 117 LEU 117 117 117 LEU LEU A . n 
A 1 118 TYR 118 118 118 TYR TYR A . n 
A 1 119 THR 119 119 119 THR THR A . n 
A 1 120 CYS 120 120 ?   ?   ?   A . n 
A 1 121 ARG 121 121 ?   ?   ?   A . n 
A 1 122 ARG 122 122 ?   ?   ?   A . n 
A 1 123 LYS 123 123 ?   ?   ?   A . n 
# 
loop_
_software.name 
_software.version 
_software.date 
_software.type 
_software.contact_author 
_software.contact_author_email 
_software.classification 
_software.location 
_software.language 
_software.citation_id 
_software.pdbx_ordinal 
DENZO       .     ?               package 'Zbyszek Otwinowski' zbyszek@mix.swmed.edu    'data reduction'  
http://www.lnls.br/infra/linhasluz/denzo-hkl.htm ?          ? 1 
SCALEPACK   .     ?               package 'Zbyszek Otwinowski' zbyszek@mix.swmed.edu    'data scaling'    
http://www.lnls.br/infra/linhasluz/denzo-hkl.htm ?          ? 2 
CNS         .     ?               package 'Axel T. Brunger'    axel.brunger@yale.edu    refinement        
http://cns.csb.yale.edu/v1.1/                    Fortran_77 ? 3 
PDB_EXTRACT 1.601 'Jan. 30, 2005' package PDB                  sw-help@rcsb.rutgers.edu 'data extraction' 
http://pdb.rutgers.edu/software/                 C++        ? 4 
HKL-2000    .     ?               ?       ?                    ?                        'data reduction'  ? ?          ? 5 
MOLREP      .     ?               ?       ?                    ?                        phasing           ? ?          ? 6 
# 
_cell.length_a           109.026 
_cell.length_b           109.026 
_cell.length_c           109.026 
_cell.angle_alpha        90.00 
_cell.angle_beta         90.00 
_cell.angle_gamma        90.00 
_cell.entry_id           2CWJ 
_cell.pdbx_unique_axis   ? 
_cell.Z_PDB              24 
# 
_symmetry.space_group_name_H-M             'I 21 3' 
_symmetry.entry_id                         2CWJ 
_symmetry.pdbx_full_space_group_name_H-M   ? 
_symmetry.Int_Tables_number                199 
_symmetry.cell_setting                     ? 
_symmetry.space_group_name_Hall            ? 
# 
_exptl.entry_id          2CWJ 
_exptl.crystals_number   1 
_exptl.method            'X-RAY DIFFRACTION' 
# 
_exptl_crystal.id                    1 
_exptl_crystal.density_Matthews      4.00 
_exptl_crystal.density_meas          ? 
_exptl_crystal.density_percent_sol   69.26 
_exptl_crystal.description           ? 
_exptl_crystal.F_000                 ? 
_exptl_crystal.preparation           ? 
# 
_exptl_crystal_grow.crystal_id      1 
_exptl_crystal_grow.method          'VAPOR DIFFUSION, HANGING DROP' 
_exptl_crystal_grow.pH              7.0 
_exptl_crystal_grow.temp            293 
_exptl_crystal_grow.temp_details    ? 
_exptl_crystal_grow.pdbx_details    
'2.5M Ammonium sulphate, 0.2M Sodium malonate, pH 7.0, VAPOR DIFFUSION, HANGING DROP, temperature 293K' 
_exptl_crystal_grow.pdbx_pH_range   . 
# 
_diffrn.id                     1 
_diffrn.ambient_temp           100 
_diffrn.ambient_temp_details   ? 
_diffrn.crystal_id             1 
# 
_diffrn_detector.diffrn_id              1 
_diffrn_detector.detector               'IMAGE PLATE' 
_diffrn_detector.type                   'RIGAKU RAXIS IV' 
_diffrn_detector.pdbx_collection_date   2005-05-25 
_diffrn_detector.details                ? 
# 
_diffrn_radiation.diffrn_id                        1 
_diffrn_radiation.wavelength_id                    1 
_diffrn_radiation.pdbx_diffrn_protocol             'SINGLE WAVELENGTH' 
_diffrn_radiation.monochromator                    'conforcal mirror' 
_diffrn_radiation.pdbx_monochromatic_or_laue_m_l   M 
_diffrn_radiation.pdbx_scattering_type             x-ray 
# 
_diffrn_radiation_wavelength.id           1 
_diffrn_radiation_wavelength.wavelength   1.5418 
_diffrn_radiation_wavelength.wt           1.0 
# 
_diffrn_source.diffrn_id                   1 
_diffrn_source.source                      'ROTATING ANODE' 
_diffrn_source.type                        'RIGAKU FR-E' 
_diffrn_source.pdbx_wavelength             ? 
_diffrn_source.pdbx_wavelength_list        1.5418 
_diffrn_source.pdbx_synchrotron_site       ? 
_diffrn_source.pdbx_synchrotron_beamline   ? 
# 
_reflns.entry_id                     2CWJ 
_reflns.d_resolution_low             50 
_reflns.d_resolution_high            3.6 
_reflns.number_obs                   2592 
_reflns.percent_possible_obs         99.3 
_reflns.pdbx_Rmerge_I_obs            ? 
_reflns.pdbx_chi_squared             ? 
_reflns.pdbx_redundancy              ? 
_reflns.pdbx_scaling_rejects         ? 
_reflns.pdbx_netI_over_sigmaI        ? 
_reflns.pdbx_Rsym_value              ? 
_reflns.observed_criterion_sigma_F   ? 
_reflns.observed_criterion_sigma_I   -3 
_reflns.number_all                   ? 
_reflns.B_iso_Wilson_estimate        ? 
_reflns.R_free_details               ? 
_reflns.limit_h_max                  ? 
_reflns.limit_h_min                  ? 
_reflns.limit_k_max                  ? 
_reflns.limit_k_min                  ? 
_reflns.limit_l_max                  ? 
_reflns.limit_l_min                  ? 
_reflns.observed_criterion_F_max     ? 
_reflns.observed_criterion_F_min     ? 
_reflns.pdbx_ordinal                 1 
_reflns.pdbx_diffrn_id               1 
# 
_reflns_shell.d_res_high             3.6 
_reflns_shell.d_res_low              3.83 
_reflns_shell.percent_possible_obs   ? 
_reflns_shell.percent_possible_all   100 
_reflns_shell.Rmerge_I_obs           ? 
_reflns_shell.meanI_over_sigI_obs    ? 
_reflns_shell.pdbx_Rsym_value        ? 
_reflns_shell.pdbx_redundancy        ? 
_reflns_shell.number_unique_all      ? 
_reflns_shell.number_measured_all    ? 
_reflns_shell.number_measured_obs    ? 
_reflns_shell.number_unique_obs      ? 
_reflns_shell.pdbx_chi_squared       ? 
_reflns_shell.pdbx_ordinal           1 
_reflns_shell.pdbx_diffrn_id         1 
# 
_refine.ls_d_res_high                            3.600 
_refine.ls_d_res_low                             50.000 
_refine.pdbx_ls_sigma_F                          0.00 
_refine.ls_percent_reflns_obs                    98.500 
_refine.ls_number_reflns_obs                     2574 
_refine.ls_R_factor_R_work                       0.326 
_refine.ls_R_factor_R_free                       0.337 
_refine.ls_percent_reflns_R_free                 9.300 
_refine.ls_number_reflns_R_free                  242 
_refine.B_iso_mean                               121.628 
_refine.solvent_model_param_bsol                 69.055 
_refine.aniso_B[1][1]                            0.000 
_refine.aniso_B[2][2]                            0.000 
_refine.aniso_B[3][3]                            0.000 
_refine.aniso_B[1][2]                            0.000 
_refine.aniso_B[1][3]                            0.000 
_refine.aniso_B[2][3]                            0.000 
_refine.entry_id                                 2CWJ 
_refine.pdbx_ls_sigma_I                          ? 
_refine.ls_number_reflns_all                     ? 
_refine.ls_R_factor_all                          ? 
_refine.ls_R_factor_obs                          ? 
_refine.ls_redundancy_reflns_obs                 ? 
_refine.pdbx_data_cutoff_high_absF               ? 
_refine.pdbx_data_cutoff_low_absF                ? 
_refine.ls_number_parameters                     ? 
_refine.ls_number_restraints                     ? 
_refine.ls_R_factor_R_free_error                 ? 
_refine.ls_R_factor_R_free_error_details         ? 
_refine.pdbx_method_to_determine_struct          'MOLECULAR REPLACEMENT' 
_refine.pdbx_starting_model                      ? 
_refine.pdbx_ls_cross_valid_method               ? 
_refine.pdbx_R_Free_selection_details            RANDOM 
_refine.pdbx_stereochem_target_val_spec_case     ? 
_refine.pdbx_stereochemistry_target_values       'Engh & Huber' 
_refine.solvent_model_details                    ? 
_refine.solvent_model_param_ksol                 ? 
_refine.occupancy_max                            ? 
_refine.occupancy_min                            ? 
_refine.pdbx_isotropic_thermal_model             ? 
_refine.details                                  ? 
_refine.B_iso_min                                ? 
_refine.B_iso_max                                ? 
_refine.correlation_coeff_Fo_to_Fc               ? 
_refine.correlation_coeff_Fo_to_Fc_free          ? 
_refine.pdbx_solvent_vdw_probe_radii             ? 
_refine.pdbx_solvent_ion_probe_radii             ? 
_refine.pdbx_solvent_shrinkage_radii             ? 
_refine.overall_SU_R_Cruickshank_DPI             ? 
_refine.overall_SU_R_free                        ? 
_refine.overall_SU_ML                            ? 
_refine.overall_SU_B                             ? 
_refine.pdbx_overall_ESU_R_Free                  ? 
_refine.pdbx_data_cutoff_high_rms_absF           ? 
_refine.pdbx_overall_ESU_R                       ? 
_refine.ls_wR_factor_R_free                      ? 
_refine.ls_wR_factor_R_work                      ? 
_refine.overall_FOM_free_R_set                   ? 
_refine.overall_FOM_work_R_set                   ? 
_refine.pdbx_refine_id                           'X-RAY DIFFRACTION' 
_refine.pdbx_diffrn_id                           1 
_refine.pdbx_TLS_residual_ADP_flag               ? 
_refine.pdbx_overall_phase_error                 ? 
_refine.pdbx_overall_SU_R_free_Cruickshank_DPI   ? 
_refine.pdbx_overall_SU_R_Blow_DPI               ? 
_refine.pdbx_overall_SU_R_free_Blow_DPI          ? 
# 
_refine_analyze.entry_id                        2CWJ 
_refine_analyze.Luzzati_coordinate_error_obs    0.69 
_refine_analyze.Luzzati_sigma_a_obs             0.74 
_refine_analyze.Luzzati_d_res_low_obs           5.00 
_refine_analyze.Luzzati_coordinate_error_free   0.82 
_refine_analyze.Luzzati_sigma_a_free            0.83 
_refine_analyze.Luzzati_d_res_low_free          ? 
_refine_analyze.number_disordered_residues      ? 
_refine_analyze.occupancy_sum_non_hydrogen      ? 
_refine_analyze.occupancy_sum_hydrogen          ? 
_refine_analyze.pdbx_Luzzati_d_res_high_obs     ? 
_refine_analyze.pdbx_refine_id                  'X-RAY DIFFRACTION' 
# 
_refine_hist.pdbx_refine_id                   'X-RAY DIFFRACTION' 
_refine_hist.cycle_id                         LAST 
_refine_hist.pdbx_number_atoms_protein        886 
_refine_hist.pdbx_number_atoms_nucleic_acid   0 
_refine_hist.pdbx_number_atoms_ligand         0 
_refine_hist.number_atoms_solvent             0 
_refine_hist.number_atoms_total               886 
_refine_hist.d_res_high                       3.600 
_refine_hist.d_res_low                        50.000 
# 
loop_
_refine_ls_restr.type 
_refine_ls_restr.dev_ideal 
_refine_ls_restr.dev_ideal_target 
_refine_ls_restr.number 
_refine_ls_restr.weight 
_refine_ls_restr.pdbx_refine_id 
_refine_ls_restr.pdbx_restraint_function 
c_bond_d    0.011 ? ? ? 'X-RAY DIFFRACTION' ? 
c_angle_deg 1.7   ? ? ? 'X-RAY DIFFRACTION' ? 
# 
_pdbx_xplor_file.serial_no        1 
_pdbx_xplor_file.param_file       protein_rep.param 
_pdbx_xplor_file.topol_file       ? 
_pdbx_xplor_file.pdbx_refine_id   'X-RAY DIFFRACTION' 
# 
_struct.entry_id                  2CWJ 
_struct.title                     'crystal structure of APE1501, a putative endonuclease from Aeropyrum pernix' 
_struct.pdbx_model_details        ? 
_struct.pdbx_CASP_flag            ? 
_struct.pdbx_model_type_details   ? 
# 
_struct_keywords.entry_id        2CWJ 
_struct_keywords.pdbx_keywords   HYDROLASE 
_struct_keywords.text            
;HYDROLASE, endoribonucrease, Aeropyrum pernix, Structural Genomics, NPPSFA, National Project on Protein Structural and Functional Analyses, RIKEN Structural Genomics/Proteomics Initiative, RSGI
;
# 
_struct_asym.id                            A 
_struct_asym.pdbx_blank_PDB_chainid_flag   N 
_struct_asym.pdbx_modified                 N 
_struct_asym.entity_id                     1 
_struct_asym.details                       ? 
# 
_struct_ref.id                         1 
_struct_ref.db_code                    BAA80500 
_struct_ref.db_name                    GB 
_struct_ref.entity_id                  1 
_struct_ref.pdbx_db_accession          5105186 
_struct_ref.pdbx_align_begin           1 
_struct_ref.pdbx_seq_one_letter_code   ? 
_struct_ref.pdbx_db_isoform            ? 
# 
_struct_ref_seq.align_id                      1 
_struct_ref_seq.ref_id                        1 
_struct_ref_seq.pdbx_PDB_id_code              2CWJ 
_struct_ref_seq.pdbx_strand_id                A 
_struct_ref_seq.seq_align_beg                 1 
_struct_ref_seq.pdbx_seq_align_beg_ins_code   ? 
_struct_ref_seq.seq_align_end                 123 
_struct_ref_seq.pdbx_seq_align_end_ins_code   ? 
_struct_ref_seq.pdbx_db_accession             5105186 
_struct_ref_seq.db_align_beg                  1 
_struct_ref_seq.pdbx_db_align_beg_ins_code    ? 
_struct_ref_seq.db_align_end                  123 
_struct_ref_seq.pdbx_db_align_end_ins_code    ? 
_struct_ref_seq.pdbx_auth_seq_align_beg       1 
_struct_ref_seq.pdbx_auth_seq_align_end       123 
# 
loop_
_pdbx_struct_assembly.id 
_pdbx_struct_assembly.details 
_pdbx_struct_assembly.method_details 
_pdbx_struct_assembly.oligomeric_details 
_pdbx_struct_assembly.oligomeric_count 
1 author_defined_assembly   ?        monomeric 1 
2 software_defined_assembly PISA,PQS trimeric  3 
# 
loop_
_pdbx_struct_assembly_prop.biol_id 
_pdbx_struct_assembly_prop.type 
_pdbx_struct_assembly_prop.value 
_pdbx_struct_assembly_prop.details 
2 'ABSA (A^2)' 4970  ? 
2 MORE         -40   ? 
2 'SSA (A^2)'  14200 ? 
# 
loop_
_pdbx_struct_assembly_gen.assembly_id 
_pdbx_struct_assembly_gen.oper_expression 
_pdbx_struct_assembly_gen.asym_id_list 
1 1     A 
2 1,2,3 A 
# 
loop_
_pdbx_struct_oper_list.id 
_pdbx_struct_oper_list.type 
_pdbx_struct_oper_list.name 
_pdbx_struct_oper_list.symmetry_operation 
_pdbx_struct_oper_list.matrix[1][1] 
_pdbx_struct_oper_list.matrix[1][2] 
_pdbx_struct_oper_list.matrix[1][3] 
_pdbx_struct_oper_list.vector[1] 
_pdbx_struct_oper_list.matrix[2][1] 
_pdbx_struct_oper_list.matrix[2][2] 
_pdbx_struct_oper_list.matrix[2][3] 
_pdbx_struct_oper_list.vector[2] 
_pdbx_struct_oper_list.matrix[3][1] 
_pdbx_struct_oper_list.matrix[3][2] 
_pdbx_struct_oper_list.matrix[3][3] 
_pdbx_struct_oper_list.vector[3] 
1 'identity operation'         1_555 x,y,z     1.0000000000 0.0000000000 0.0000000000  0.0000000000  0.0000000000 1.0000000000 0.0000000000  0.0000000000   0.0000000000  0.0000000000  1.0000000000  0.0000000000   
2 'crystal symmetry operation' 5_564 z,x+1,y-1 0.3196597291 0.6768779398 -0.6630640332 7.7161296462  0.8072768100 0.1718383382 0.5646022827  -10.6150334977 0.4961066515  -0.7157568303 -0.4914980673 -18.5984643578 
3 'crystal symmetry operation' 9_465 y-1,z+1,x 0.3196597291 0.8072768100 0.4961066515  15.3295563430 0.6768779398 0.1718383382 -0.7157568303 -16.7107861192 -0.6630640332 0.5646022827  -0.4914980673 1.9684509008    
# 
_struct_biol.id   1 
# 
loop_
_struct_conf.conf_type_id 
_struct_conf.id 
_struct_conf.pdbx_PDB_helix_id 
_struct_conf.beg_label_comp_id 
_struct_conf.beg_label_asym_id 
_struct_conf.beg_label_seq_id 
_struct_conf.pdbx_beg_PDB_ins_code 
_struct_conf.end_label_comp_id 
_struct_conf.end_label_asym_id 
_struct_conf.end_label_seq_id 
_struct_conf.pdbx_end_PDB_ins_code 
_struct_conf.beg_auth_comp_id 
_struct_conf.beg_auth_asym_id 
_struct_conf.beg_auth_seq_id 
_struct_conf.end_auth_comp_id 
_struct_conf.end_auth_asym_id 
_struct_conf.end_auth_seq_id 
_struct_conf.pdbx_PDB_helix_class 
_struct_conf.details 
_struct_conf.pdbx_PDB_helix_length 
HELX_P HELX_P1 1 ASN A 30  ? GLY A 34  ? ASN A 30  GLY A 34  5 ? 5  
HELX_P HELX_P2 2 PHE A 41  ? ALA A 59  ? PHE A 41  ALA A 59  1 ? 19 
HELX_P HELX_P3 3 SER A 62  ? ILE A 66  ? SER A 62  ILE A 66  5 ? 5  
HELX_P HELX_P4 4 SER A 77  ? GLU A 88  ? SER A 77  GLU A 88  1 ? 12 
HELX_P HELX_P5 5 LEU A 105 ? ALA A 109 ? LEU A 105 ALA A 109 5 ? 5  
# 
_struct_conf_type.id          HELX_P 
_struct_conf_type.criteria    ? 
_struct_conf_type.reference   ? 
# 
_struct_mon_prot_cis.pdbx_id                1 
_struct_mon_prot_cis.label_comp_id          ARG 
_struct_mon_prot_cis.label_seq_id           92 
_struct_mon_prot_cis.label_asym_id          A 
_struct_mon_prot_cis.label_alt_id           . 
_struct_mon_prot_cis.pdbx_PDB_ins_code      ? 
_struct_mon_prot_cis.auth_comp_id           ARG 
_struct_mon_prot_cis.auth_seq_id            92 
_struct_mon_prot_cis.auth_asym_id           A 
_struct_mon_prot_cis.pdbx_label_comp_id_2   PRO 
_struct_mon_prot_cis.pdbx_label_seq_id_2    93 
_struct_mon_prot_cis.pdbx_label_asym_id_2   A 
_struct_mon_prot_cis.pdbx_PDB_ins_code_2    ? 
_struct_mon_prot_cis.pdbx_auth_comp_id_2    PRO 
_struct_mon_prot_cis.pdbx_auth_seq_id_2     93 
_struct_mon_prot_cis.pdbx_auth_asym_id_2    A 
_struct_mon_prot_cis.pdbx_PDB_model_num     1 
_struct_mon_prot_cis.pdbx_omega_angle       -0.30 
# 
_struct_sheet.id               A 
_struct_sheet.type             ? 
_struct_sheet.number_strands   5 
_struct_sheet.details          ? 
# 
loop_
_struct_sheet_order.sheet_id 
_struct_sheet_order.range_id_1 
_struct_sheet_order.range_id_2 
_struct_sheet_order.offset 
_struct_sheet_order.sense 
A 1 2 ? anti-parallel 
A 2 3 ? anti-parallel 
A 3 4 ? anti-parallel 
A 4 5 ? parallel      
# 
loop_
_struct_sheet_range.sheet_id 
_struct_sheet_range.id 
_struct_sheet_range.beg_label_comp_id 
_struct_sheet_range.beg_label_asym_id 
_struct_sheet_range.beg_label_seq_id 
_struct_sheet_range.pdbx_beg_PDB_ins_code 
_struct_sheet_range.end_label_comp_id 
_struct_sheet_range.end_label_asym_id 
_struct_sheet_range.end_label_seq_id 
_struct_sheet_range.pdbx_end_PDB_ins_code 
_struct_sheet_range.beg_auth_comp_id 
_struct_sheet_range.beg_auth_asym_id 
_struct_sheet_range.beg_auth_seq_id 
_struct_sheet_range.end_auth_comp_id 
_struct_sheet_range.end_auth_asym_id 
_struct_sheet_range.end_auth_seq_id 
A 1 VAL A 15  ? SER A 17  ? VAL A 15  SER A 17  
A 2 PHE A 20  ? GLN A 26  ? PHE A 20  GLN A 26  
A 3 LEU A 111 ? VAL A 116 ? LEU A 111 VAL A 116 
A 4 LYS A 68  ? ILE A 73  ? LYS A 68  ILE A 73  
A 5 ALA A 96  ? GLY A 101 ? ALA A 96  GLY A 101 
# 
loop_
_pdbx_struct_sheet_hbond.sheet_id 
_pdbx_struct_sheet_hbond.range_id_1 
_pdbx_struct_sheet_hbond.range_id_2 
_pdbx_struct_sheet_hbond.range_1_label_atom_id 
_pdbx_struct_sheet_hbond.range_1_label_comp_id 
_pdbx_struct_sheet_hbond.range_1_label_asym_id 
_pdbx_struct_sheet_hbond.range_1_label_seq_id 
_pdbx_struct_sheet_hbond.range_1_PDB_ins_code 
_pdbx_struct_sheet_hbond.range_1_auth_atom_id 
_pdbx_struct_sheet_hbond.range_1_auth_comp_id 
_pdbx_struct_sheet_hbond.range_1_auth_asym_id 
_pdbx_struct_sheet_hbond.range_1_auth_seq_id 
_pdbx_struct_sheet_hbond.range_2_label_atom_id 
_pdbx_struct_sheet_hbond.range_2_label_comp_id 
_pdbx_struct_sheet_hbond.range_2_label_asym_id 
_pdbx_struct_sheet_hbond.range_2_label_seq_id 
_pdbx_struct_sheet_hbond.range_2_PDB_ins_code 
_pdbx_struct_sheet_hbond.range_2_auth_atom_id 
_pdbx_struct_sheet_hbond.range_2_auth_comp_id 
_pdbx_struct_sheet_hbond.range_2_auth_asym_id 
_pdbx_struct_sheet_hbond.range_2_auth_seq_id 
A 1 2 O VAL A 15  ? O VAL A 15  N PHE A 22  ? N PHE A 22  
A 2 3 N GLN A 26  ? N GLN A 26  O VAL A 113 ? O VAL A 113 
A 3 4 O GLU A 114 ? O GLU A 114 N THR A 70  ? N THR A 70  
A 4 5 N ILE A 73  ? N ILE A 73  O VAL A 100 ? O VAL A 100 
# 
loop_
_pdbx_validate_torsion.id 
_pdbx_validate_torsion.PDB_model_num 
_pdbx_validate_torsion.auth_comp_id 
_pdbx_validate_torsion.auth_asym_id 
_pdbx_validate_torsion.auth_seq_id 
_pdbx_validate_torsion.PDB_ins_code 
_pdbx_validate_torsion.label_alt_id 
_pdbx_validate_torsion.phi 
_pdbx_validate_torsion.psi 
1  1 PRO A 7   ? ? -38.76  139.25  
2  1 GLN A 13  ? ? -75.29  21.17   
3  1 ALA A 14  ? ? 161.90  145.65  
4  1 PRO A 28  ? ? -70.44  46.94   
5  1 ASN A 30  ? ? -57.45  97.99   
6  1 THR A 33  ? ? -149.47 15.96   
7  1 PHE A 41  ? ? -108.01 -97.07  
8  1 LYS A 53  ? ? -33.72  -29.06  
9  1 ALA A 54  ? ? -73.64  -73.03  
10 1 ALA A 59  ? ? -69.84  62.95   
11 1 ASP A 64  ? ? -59.78  4.29    
12 1 SER A 77  ? ? 78.40   -28.73  
13 1 ARG A 78  ? ? -63.56  25.59   
14 1 ASN A 83  ? ? -36.39  -33.77  
15 1 GLU A 88  ? ? -35.44  -20.00  
16 1 ARG A 92  ? ? -36.15  132.07  
17 1 PRO A 93  ? ? -69.45  -178.95 
18 1 VAL A 102 ? ? -60.29  -124.92 
19 1 ALA A 103 ? ? 176.43  -18.51  
20 1 LEU A 107 ? ? 54.13   -3.32   
21 1 ALA A 109 ? ? -25.36  130.49  
22 1 LEU A 111 ? ? -164.67 -159.15 
23 1 ALA A 115 ? ? 178.82  149.36  
24 1 LEU A 117 ? ? -173.84 149.25  
# 
_pdbx_SG_project.id                    1 
_pdbx_SG_project.project_name          'NPPSFA, National Project on Protein Structural and Functional Analyses' 
_pdbx_SG_project.full_name_of_center   'RIKEN Structural Genomics/Proteomics Initiative' 
_pdbx_SG_project.initial_of_center     RSGI 
# 
loop_
_pdbx_unobs_or_zero_occ_residues.id 
_pdbx_unobs_or_zero_occ_residues.PDB_model_num 
_pdbx_unobs_or_zero_occ_residues.polymer_flag 
_pdbx_unobs_or_zero_occ_residues.occupancy_flag 
_pdbx_unobs_or_zero_occ_residues.auth_asym_id 
_pdbx_unobs_or_zero_occ_residues.auth_comp_id 
_pdbx_unobs_or_zero_occ_residues.auth_seq_id 
_pdbx_unobs_or_zero_occ_residues.PDB_ins_code 
_pdbx_unobs_or_zero_occ_residues.label_asym_id 
_pdbx_unobs_or_zero_occ_residues.label_comp_id 
_pdbx_unobs_or_zero_occ_residues.label_seq_id 
1 1 Y 1 A MET 1   ? A MET 1   
2 1 Y 1 A GLU 2   ? A GLU 2   
3 1 Y 1 A THR 3   ? A THR 3   
4 1 Y 1 A CYS 120 ? A CYS 120 
5 1 Y 1 A ARG 121 ? A ARG 121 
6 1 Y 1 A ARG 122 ? A ARG 122 
7 1 Y 1 A LYS 123 ? A LYS 123 
# 
loop_
_chem_comp_atom.comp_id 
_chem_comp_atom.atom_id 
_chem_comp_atom.type_symbol 
_chem_comp_atom.pdbx_aromatic_flag 
_chem_comp_atom.pdbx_stereo_config 
_chem_comp_atom.pdbx_ordinal 
ALA N    N N N 1   
ALA CA   C N S 2   
ALA C    C N N 3   
ALA O    O N N 4   
ALA CB   C N N 5   
ALA OXT  O N N 6   
ALA H    H N N 7   
ALA H2   H N N 8   
ALA HA   H N N 9   
ALA HB1  H N N 10  
ALA HB2  H N N 11  
ALA HB3  H N N 12  
ALA HXT  H N N 13  
ARG N    N N N 14  
ARG CA   C N S 15  
ARG C    C N N 16  
ARG O    O N N 17  
ARG CB   C N N 18  
ARG CG   C N N 19  
ARG CD   C N N 20  
ARG NE   N N N 21  
ARG CZ   C N N 22  
ARG NH1  N N N 23  
ARG NH2  N N N 24  
ARG OXT  O N N 25  
ARG H    H N N 26  
ARG H2   H N N 27  
ARG HA   H N N 28  
ARG HB2  H N N 29  
ARG HB3  H N N 30  
ARG HG2  H N N 31  
ARG HG3  H N N 32  
ARG HD2  H N N 33  
ARG HD3  H N N 34  
ARG HE   H N N 35  
ARG HH11 H N N 36  
ARG HH12 H N N 37  
ARG HH21 H N N 38  
ARG HH22 H N N 39  
ARG HXT  H N N 40  
ASN N    N N N 41  
ASN CA   C N S 42  
ASN C    C N N 43  
ASN O    O N N 44  
ASN CB   C N N 45  
ASN CG   C N N 46  
ASN OD1  O N N 47  
ASN ND2  N N N 48  
ASN OXT  O N N 49  
ASN H    H N N 50  
ASN H2   H N N 51  
ASN HA   H N N 52  
ASN HB2  H N N 53  
ASN HB3  H N N 54  
ASN HD21 H N N 55  
ASN HD22 H N N 56  
ASN HXT  H N N 57  
ASP N    N N N 58  
ASP CA   C N S 59  
ASP C    C N N 60  
ASP O    O N N 61  
ASP CB   C N N 62  
ASP CG   C N N 63  
ASP OD1  O N N 64  
ASP OD2  O N N 65  
ASP OXT  O N N 66  
ASP H    H N N 67  
ASP H2   H N N 68  
ASP HA   H N N 69  
ASP HB2  H N N 70  
ASP HB3  H N N 71  
ASP HD2  H N N 72  
ASP HXT  H N N 73  
CYS N    N N N 74  
CYS CA   C N R 75  
CYS C    C N N 76  
CYS O    O N N 77  
CYS CB   C N N 78  
CYS SG   S N N 79  
CYS OXT  O N N 80  
CYS H    H N N 81  
CYS H2   H N N 82  
CYS HA   H N N 83  
CYS HB2  H N N 84  
CYS HB3  H N N 85  
CYS HG   H N N 86  
CYS HXT  H N N 87  
GLN N    N N N 88  
GLN CA   C N S 89  
GLN C    C N N 90  
GLN O    O N N 91  
GLN CB   C N N 92  
GLN CG   C N N 93  
GLN CD   C N N 94  
GLN OE1  O N N 95  
GLN NE2  N N N 96  
GLN OXT  O N N 97  
GLN H    H N N 98  
GLN H2   H N N 99  
GLN HA   H N N 100 
GLN HB2  H N N 101 
GLN HB3  H N N 102 
GLN HG2  H N N 103 
GLN HG3  H N N 104 
GLN HE21 H N N 105 
GLN HE22 H N N 106 
GLN HXT  H N N 107 
GLU N    N N N 108 
GLU CA   C N S 109 
GLU C    C N N 110 
GLU O    O N N 111 
GLU CB   C N N 112 
GLU CG   C N N 113 
GLU CD   C N N 114 
GLU OE1  O N N 115 
GLU OE2  O N N 116 
GLU OXT  O N N 117 
GLU H    H N N 118 
GLU H2   H N N 119 
GLU HA   H N N 120 
GLU HB2  H N N 121 
GLU HB3  H N N 122 
GLU HG2  H N N 123 
GLU HG3  H N N 124 
GLU HE2  H N N 125 
GLU HXT  H N N 126 
GLY N    N N N 127 
GLY CA   C N N 128 
GLY C    C N N 129 
GLY O    O N N 130 
GLY OXT  O N N 131 
GLY H    H N N 132 
GLY H2   H N N 133 
GLY HA2  H N N 134 
GLY HA3  H N N 135 
GLY HXT  H N N 136 
ILE N    N N N 137 
ILE CA   C N S 138 
ILE C    C N N 139 
ILE O    O N N 140 
ILE CB   C N S 141 
ILE CG1  C N N 142 
ILE CG2  C N N 143 
ILE CD1  C N N 144 
ILE OXT  O N N 145 
ILE H    H N N 146 
ILE H2   H N N 147 
ILE HA   H N N 148 
ILE HB   H N N 149 
ILE HG12 H N N 150 
ILE HG13 H N N 151 
ILE HG21 H N N 152 
ILE HG22 H N N 153 
ILE HG23 H N N 154 
ILE HD11 H N N 155 
ILE HD12 H N N 156 
ILE HD13 H N N 157 
ILE HXT  H N N 158 
LEU N    N N N 159 
LEU CA   C N S 160 
LEU C    C N N 161 
LEU O    O N N 162 
LEU CB   C N N 163 
LEU CG   C N N 164 
LEU CD1  C N N 165 
LEU CD2  C N N 166 
LEU OXT  O N N 167 
LEU H    H N N 168 
LEU H2   H N N 169 
LEU HA   H N N 170 
LEU HB2  H N N 171 
LEU HB3  H N N 172 
LEU HG   H N N 173 
LEU HD11 H N N 174 
LEU HD12 H N N 175 
LEU HD13 H N N 176 
LEU HD21 H N N 177 
LEU HD22 H N N 178 
LEU HD23 H N N 179 
LEU HXT  H N N 180 
LYS N    N N N 181 
LYS CA   C N S 182 
LYS C    C N N 183 
LYS O    O N N 184 
LYS CB   C N N 185 
LYS CG   C N N 186 
LYS CD   C N N 187 
LYS CE   C N N 188 
LYS NZ   N N N 189 
LYS OXT  O N N 190 
LYS H    H N N 191 
LYS H2   H N N 192 
LYS HA   H N N 193 
LYS HB2  H N N 194 
LYS HB3  H N N 195 
LYS HG2  H N N 196 
LYS HG3  H N N 197 
LYS HD2  H N N 198 
LYS HD3  H N N 199 
LYS HE2  H N N 200 
LYS HE3  H N N 201 
LYS HZ1  H N N 202 
LYS HZ2  H N N 203 
LYS HZ3  H N N 204 
LYS HXT  H N N 205 
MET N    N N N 206 
MET CA   C N S 207 
MET C    C N N 208 
MET O    O N N 209 
MET CB   C N N 210 
MET CG   C N N 211 
MET SD   S N N 212 
MET CE   C N N 213 
MET OXT  O N N 214 
MET H    H N N 215 
MET H2   H N N 216 
MET HA   H N N 217 
MET HB2  H N N 218 
MET HB3  H N N 219 
MET HG2  H N N 220 
MET HG3  H N N 221 
MET HE1  H N N 222 
MET HE2  H N N 223 
MET HE3  H N N 224 
MET HXT  H N N 225 
PHE N    N N N 226 
PHE CA   C N S 227 
PHE C    C N N 228 
PHE O    O N N 229 
PHE CB   C N N 230 
PHE CG   C Y N 231 
PHE CD1  C Y N 232 
PHE CD2  C Y N 233 
PHE CE1  C Y N 234 
PHE CE2  C Y N 235 
PHE CZ   C Y N 236 
PHE OXT  O N N 237 
PHE H    H N N 238 
PHE H2   H N N 239 
PHE HA   H N N 240 
PHE HB2  H N N 241 
PHE HB3  H N N 242 
PHE HD1  H N N 243 
PHE HD2  H N N 244 
PHE HE1  H N N 245 
PHE HE2  H N N 246 
PHE HZ   H N N 247 
PHE HXT  H N N 248 
PRO N    N N N 249 
PRO CA   C N S 250 
PRO C    C N N 251 
PRO O    O N N 252 
PRO CB   C N N 253 
PRO CG   C N N 254 
PRO CD   C N N 255 
PRO OXT  O N N 256 
PRO H    H N N 257 
PRO HA   H N N 258 
PRO HB2  H N N 259 
PRO HB3  H N N 260 
PRO HG2  H N N 261 
PRO HG3  H N N 262 
PRO HD2  H N N 263 
PRO HD3  H N N 264 
PRO HXT  H N N 265 
SER N    N N N 266 
SER CA   C N S 267 
SER C    C N N 268 
SER O    O N N 269 
SER CB   C N N 270 
SER OG   O N N 271 
SER OXT  O N N 272 
SER H    H N N 273 
SER H2   H N N 274 
SER HA   H N N 275 
SER HB2  H N N 276 
SER HB3  H N N 277 
SER HG   H N N 278 
SER HXT  H N N 279 
THR N    N N N 280 
THR CA   C N S 281 
THR C    C N N 282 
THR O    O N N 283 
THR CB   C N R 284 
THR OG1  O N N 285 
THR CG2  C N N 286 
THR OXT  O N N 287 
THR H    H N N 288 
THR H2   H N N 289 
THR HA   H N N 290 
THR HB   H N N 291 
THR HG1  H N N 292 
THR HG21 H N N 293 
THR HG22 H N N 294 
THR HG23 H N N 295 
THR HXT  H N N 296 
TYR N    N N N 297 
TYR CA   C N S 298 
TYR C    C N N 299 
TYR O    O N N 300 
TYR CB   C N N 301 
TYR CG   C Y N 302 
TYR CD1  C Y N 303 
TYR CD2  C Y N 304 
TYR CE1  C Y N 305 
TYR CE2  C Y N 306 
TYR CZ   C Y N 307 
TYR OH   O N N 308 
TYR OXT  O N N 309 
TYR H    H N N 310 
TYR H2   H N N 311 
TYR HA   H N N 312 
TYR HB2  H N N 313 
TYR HB3  H N N 314 
TYR HD1  H N N 315 
TYR HD2  H N N 316 
TYR HE1  H N N 317 
TYR HE2  H N N 318 
TYR HH   H N N 319 
TYR HXT  H N N 320 
VAL N    N N N 321 
VAL CA   C N S 322 
VAL C    C N N 323 
VAL O    O N N 324 
VAL CB   C N N 325 
VAL CG1  C N N 326 
VAL CG2  C N N 327 
VAL OXT  O N N 328 
VAL H    H N N 329 
VAL H2   H N N 330 
VAL HA   H N N 331 
VAL HB   H N N 332 
VAL HG11 H N N 333 
VAL HG12 H N N 334 
VAL HG13 H N N 335 
VAL HG21 H N N 336 
VAL HG22 H N N 337 
VAL HG23 H N N 338 
VAL HXT  H N N 339 
# 
loop_
_chem_comp_bond.comp_id 
_chem_comp_bond.atom_id_1 
_chem_comp_bond.atom_id_2 
_chem_comp_bond.value_order 
_chem_comp_bond.pdbx_aromatic_flag 
_chem_comp_bond.pdbx_stereo_config 
_chem_comp_bond.pdbx_ordinal 
ALA N   CA   sing N N 1   
ALA N   H    sing N N 2   
ALA N   H2   sing N N 3   
ALA CA  C    sing N N 4   
ALA CA  CB   sing N N 5   
ALA CA  HA   sing N N 6   
ALA C   O    doub N N 7   
ALA C   OXT  sing N N 8   
ALA CB  HB1  sing N N 9   
ALA CB  HB2  sing N N 10  
ALA CB  HB3  sing N N 11  
ALA OXT HXT  sing N N 12  
ARG N   CA   sing N N 13  
ARG N   H    sing N N 14  
ARG N   H2   sing N N 15  
ARG CA  C    sing N N 16  
ARG CA  CB   sing N N 17  
ARG CA  HA   sing N N 18  
ARG C   O    doub N N 19  
ARG C   OXT  sing N N 20  
ARG CB  CG   sing N N 21  
ARG CB  HB2  sing N N 22  
ARG CB  HB3  sing N N 23  
ARG CG  CD   sing N N 24  
ARG CG  HG2  sing N N 25  
ARG CG  HG3  sing N N 26  
ARG CD  NE   sing N N 27  
ARG CD  HD2  sing N N 28  
ARG CD  HD3  sing N N 29  
ARG NE  CZ   sing N N 30  
ARG NE  HE   sing N N 31  
ARG CZ  NH1  sing N N 32  
ARG CZ  NH2  doub N N 33  
ARG NH1 HH11 sing N N 34  
ARG NH1 HH12 sing N N 35  
ARG NH2 HH21 sing N N 36  
ARG NH2 HH22 sing N N 37  
ARG OXT HXT  sing N N 38  
ASN N   CA   sing N N 39  
ASN N   H    sing N N 40  
ASN N   H2   sing N N 41  
ASN CA  C    sing N N 42  
ASN CA  CB   sing N N 43  
ASN CA  HA   sing N N 44  
ASN C   O    doub N N 45  
ASN C   OXT  sing N N 46  
ASN CB  CG   sing N N 47  
ASN CB  HB2  sing N N 48  
ASN CB  HB3  sing N N 49  
ASN CG  OD1  doub N N 50  
ASN CG  ND2  sing N N 51  
ASN ND2 HD21 sing N N 52  
ASN ND2 HD22 sing N N 53  
ASN OXT HXT  sing N N 54  
ASP N   CA   sing N N 55  
ASP N   H    sing N N 56  
ASP N   H2   sing N N 57  
ASP CA  C    sing N N 58  
ASP CA  CB   sing N N 59  
ASP CA  HA   sing N N 60  
ASP C   O    doub N N 61  
ASP C   OXT  sing N N 62  
ASP CB  CG   sing N N 63  
ASP CB  HB2  sing N N 64  
ASP CB  HB3  sing N N 65  
ASP CG  OD1  doub N N 66  
ASP CG  OD2  sing N N 67  
ASP OD2 HD2  sing N N 68  
ASP OXT HXT  sing N N 69  
CYS N   CA   sing N N 70  
CYS N   H    sing N N 71  
CYS N   H2   sing N N 72  
CYS CA  C    sing N N 73  
CYS CA  CB   sing N N 74  
CYS CA  HA   sing N N 75  
CYS C   O    doub N N 76  
CYS C   OXT  sing N N 77  
CYS CB  SG   sing N N 78  
CYS CB  HB2  sing N N 79  
CYS CB  HB3  sing N N 80  
CYS SG  HG   sing N N 81  
CYS OXT HXT  sing N N 82  
GLN N   CA   sing N N 83  
GLN N   H    sing N N 84  
GLN N   H2   sing N N 85  
GLN CA  C    sing N N 86  
GLN CA  CB   sing N N 87  
GLN CA  HA   sing N N 88  
GLN C   O    doub N N 89  
GLN C   OXT  sing N N 90  
GLN CB  CG   sing N N 91  
GLN CB  HB2  sing N N 92  
GLN CB  HB3  sing N N 93  
GLN CG  CD   sing N N 94  
GLN CG  HG2  sing N N 95  
GLN CG  HG3  sing N N 96  
GLN CD  OE1  doub N N 97  
GLN CD  NE2  sing N N 98  
GLN NE2 HE21 sing N N 99  
GLN NE2 HE22 sing N N 100 
GLN OXT HXT  sing N N 101 
GLU N   CA   sing N N 102 
GLU N   H    sing N N 103 
GLU N   H2   sing N N 104 
GLU CA  C    sing N N 105 
GLU CA  CB   sing N N 106 
GLU CA  HA   sing N N 107 
GLU C   O    doub N N 108 
GLU C   OXT  sing N N 109 
GLU CB  CG   sing N N 110 
GLU CB  HB2  sing N N 111 
GLU CB  HB3  sing N N 112 
GLU CG  CD   sing N N 113 
GLU CG  HG2  sing N N 114 
GLU CG  HG3  sing N N 115 
GLU CD  OE1  doub N N 116 
GLU CD  OE2  sing N N 117 
GLU OE2 HE2  sing N N 118 
GLU OXT HXT  sing N N 119 
GLY N   CA   sing N N 120 
GLY N   H    sing N N 121 
GLY N   H2   sing N N 122 
GLY CA  C    sing N N 123 
GLY CA  HA2  sing N N 124 
GLY CA  HA3  sing N N 125 
GLY C   O    doub N N 126 
GLY C   OXT  sing N N 127 
GLY OXT HXT  sing N N 128 
ILE N   CA   sing N N 129 
ILE N   H    sing N N 130 
ILE N   H2   sing N N 131 
ILE CA  C    sing N N 132 
ILE CA  CB   sing N N 133 
ILE CA  HA   sing N N 134 
ILE C   O    doub N N 135 
ILE C   OXT  sing N N 136 
ILE CB  CG1  sing N N 137 
ILE CB  CG2  sing N N 138 
ILE CB  HB   sing N N 139 
ILE CG1 CD1  sing N N 140 
ILE CG1 HG12 sing N N 141 
ILE CG1 HG13 sing N N 142 
ILE CG2 HG21 sing N N 143 
ILE CG2 HG22 sing N N 144 
ILE CG2 HG23 sing N N 145 
ILE CD1 HD11 sing N N 146 
ILE CD1 HD12 sing N N 147 
ILE CD1 HD13 sing N N 148 
ILE OXT HXT  sing N N 149 
LEU N   CA   sing N N 150 
LEU N   H    sing N N 151 
LEU N   H2   sing N N 152 
LEU CA  C    sing N N 153 
LEU CA  CB   sing N N 154 
LEU CA  HA   sing N N 155 
LEU C   O    doub N N 156 
LEU C   OXT  sing N N 157 
LEU CB  CG   sing N N 158 
LEU CB  HB2  sing N N 159 
LEU CB  HB3  sing N N 160 
LEU CG  CD1  sing N N 161 
LEU CG  CD2  sing N N 162 
LEU CG  HG   sing N N 163 
LEU CD1 HD11 sing N N 164 
LEU CD1 HD12 sing N N 165 
LEU CD1 HD13 sing N N 166 
LEU CD2 HD21 sing N N 167 
LEU CD2 HD22 sing N N 168 
LEU CD2 HD23 sing N N 169 
LEU OXT HXT  sing N N 170 
LYS N   CA   sing N N 171 
LYS N   H    sing N N 172 
LYS N   H2   sing N N 173 
LYS CA  C    sing N N 174 
LYS CA  CB   sing N N 175 
LYS CA  HA   sing N N 176 
LYS C   O    doub N N 177 
LYS C   OXT  sing N N 178 
LYS CB  CG   sing N N 179 
LYS CB  HB2  sing N N 180 
LYS CB  HB3  sing N N 181 
LYS CG  CD   sing N N 182 
LYS CG  HG2  sing N N 183 
LYS CG  HG3  sing N N 184 
LYS CD  CE   sing N N 185 
LYS CD  HD2  sing N N 186 
LYS CD  HD3  sing N N 187 
LYS CE  NZ   sing N N 188 
LYS CE  HE2  sing N N 189 
LYS CE  HE3  sing N N 190 
LYS NZ  HZ1  sing N N 191 
LYS NZ  HZ2  sing N N 192 
LYS NZ  HZ3  sing N N 193 
LYS OXT HXT  sing N N 194 
MET N   CA   sing N N 195 
MET N   H    sing N N 196 
MET N   H2   sing N N 197 
MET CA  C    sing N N 198 
MET CA  CB   sing N N 199 
MET CA  HA   sing N N 200 
MET C   O    doub N N 201 
MET C   OXT  sing N N 202 
MET CB  CG   sing N N 203 
MET CB  HB2  sing N N 204 
MET CB  HB3  sing N N 205 
MET CG  SD   sing N N 206 
MET CG  HG2  sing N N 207 
MET CG  HG3  sing N N 208 
MET SD  CE   sing N N 209 
MET CE  HE1  sing N N 210 
MET CE  HE2  sing N N 211 
MET CE  HE3  sing N N 212 
MET OXT HXT  sing N N 213 
PHE N   CA   sing N N 214 
PHE N   H    sing N N 215 
PHE N   H2   sing N N 216 
PHE CA  C    sing N N 217 
PHE CA  CB   sing N N 218 
PHE CA  HA   sing N N 219 
PHE C   O    doub N N 220 
PHE C   OXT  sing N N 221 
PHE CB  CG   sing N N 222 
PHE CB  HB2  sing N N 223 
PHE CB  HB3  sing N N 224 
PHE CG  CD1  doub Y N 225 
PHE CG  CD2  sing Y N 226 
PHE CD1 CE1  sing Y N 227 
PHE CD1 HD1  sing N N 228 
PHE CD2 CE2  doub Y N 229 
PHE CD2 HD2  sing N N 230 
PHE CE1 CZ   doub Y N 231 
PHE CE1 HE1  sing N N 232 
PHE CE2 CZ   sing Y N 233 
PHE CE2 HE2  sing N N 234 
PHE CZ  HZ   sing N N 235 
PHE OXT HXT  sing N N 236 
PRO N   CA   sing N N 237 
PRO N   CD   sing N N 238 
PRO N   H    sing N N 239 
PRO CA  C    sing N N 240 
PRO CA  CB   sing N N 241 
PRO CA  HA   sing N N 242 
PRO C   O    doub N N 243 
PRO C   OXT  sing N N 244 
PRO CB  CG   sing N N 245 
PRO CB  HB2  sing N N 246 
PRO CB  HB3  sing N N 247 
PRO CG  CD   sing N N 248 
PRO CG  HG2  sing N N 249 
PRO CG  HG3  sing N N 250 
PRO CD  HD2  sing N N 251 
PRO CD  HD3  sing N N 252 
PRO OXT HXT  sing N N 253 
SER N   CA   sing N N 254 
SER N   H    sing N N 255 
SER N   H2   sing N N 256 
SER CA  C    sing N N 257 
SER CA  CB   sing N N 258 
SER CA  HA   sing N N 259 
SER C   O    doub N N 260 
SER C   OXT  sing N N 261 
SER CB  OG   sing N N 262 
SER CB  HB2  sing N N 263 
SER CB  HB3  sing N N 264 
SER OG  HG   sing N N 265 
SER OXT HXT  sing N N 266 
THR N   CA   sing N N 267 
THR N   H    sing N N 268 
THR N   H2   sing N N 269 
THR CA  C    sing N N 270 
THR CA  CB   sing N N 271 
THR CA  HA   sing N N 272 
THR C   O    doub N N 273 
THR C   OXT  sing N N 274 
THR CB  OG1  sing N N 275 
THR CB  CG2  sing N N 276 
THR CB  HB   sing N N 277 
THR OG1 HG1  sing N N 278 
THR CG2 HG21 sing N N 279 
THR CG2 HG22 sing N N 280 
THR CG2 HG23 sing N N 281 
THR OXT HXT  sing N N 282 
TYR N   CA   sing N N 283 
TYR N   H    sing N N 284 
TYR N   H2   sing N N 285 
TYR CA  C    sing N N 286 
TYR CA  CB   sing N N 287 
TYR CA  HA   sing N N 288 
TYR C   O    doub N N 289 
TYR C   OXT  sing N N 290 
TYR CB  CG   sing N N 291 
TYR CB  HB2  sing N N 292 
TYR CB  HB3  sing N N 293 
TYR CG  CD1  doub Y N 294 
TYR CG  CD2  sing Y N 295 
TYR CD1 CE1  sing Y N 296 
TYR CD1 HD1  sing N N 297 
TYR CD2 CE2  doub Y N 298 
TYR CD2 HD2  sing N N 299 
TYR CE1 CZ   doub Y N 300 
TYR CE1 HE1  sing N N 301 
TYR CE2 CZ   sing Y N 302 
TYR CE2 HE2  sing N N 303 
TYR CZ  OH   sing N N 304 
TYR OH  HH   sing N N 305 
TYR OXT HXT  sing N N 306 
VAL N   CA   sing N N 307 
VAL N   H    sing N N 308 
VAL N   H2   sing N N 309 
VAL CA  C    sing N N 310 
VAL CA  CB   sing N N 311 
VAL CA  HA   sing N N 312 
VAL C   O    doub N N 313 
VAL C   OXT  sing N N 314 
VAL CB  CG1  sing N N 315 
VAL CB  CG2  sing N N 316 
VAL CB  HB   sing N N 317 
VAL CG1 HG11 sing N N 318 
VAL CG1 HG12 sing N N 319 
VAL CG1 HG13 sing N N 320 
VAL CG2 HG21 sing N N 321 
VAL CG2 HG22 sing N N 322 
VAL CG2 HG23 sing N N 323 
VAL OXT HXT  sing N N 324 
# 
_atom_sites.entry_id                    2CWJ 
_atom_sites.fract_transf_matrix[1][1]   -0.00851105 
_atom_sites.fract_transf_matrix[1][2]   0.00112516 
_atom_sites.fract_transf_matrix[1][3]   -0.00322824 
_atom_sites.fract_transf_matrix[2][1]   0.00018148 
_atom_sites.fract_transf_matrix[2][2]   -0.00850011 
_atom_sites.fract_transf_matrix[2][3]   -0.00344105 
_atom_sites.fract_transf_matrix[3][1]   -0.00341388 
_atom_sites.fract_transf_matrix[3][2]   -0.00325696 
_atom_sites.fract_transf_matrix[3][3]   0.00786532 
_atom_sites.fract_transf_vector[1]      0.119330 
_atom_sites.fract_transf_vector[2]      0.963689 
_atom_sites.fract_transf_vector[3]      0.101755 
# 
loop_
_atom_type.symbol 
C 
N 
O 
S 
# 
loop_
_atom_site.group_PDB 
_atom_site.id 
_atom_site.type_symbol 
_atom_site.label_atom_id 
_atom_site.label_alt_id 
_atom_site.label_comp_id 
_atom_site.label_asym_id 
_atom_site.label_entity_id 
_atom_site.label_seq_id 
_atom_site.pdbx_PDB_ins_code 
_atom_site.Cartn_x 
_atom_site.Cartn_y 
_atom_site.Cartn_z 
_atom_site.occupancy 
_atom_site.B_iso_or_equiv 
_atom_site.pdbx_formal_charge 
_atom_site.auth_seq_id 
_atom_site.auth_comp_id 
_atom_site.auth_asym_id 
_atom_site.auth_atom_id 
_atom_site.pdbx_PDB_model_num 
ATOM 1   N N   . ALA A 1 4   ? -1.296  6.111   13.437  1.00 199.50 ? 4   ALA A N   1 
ATOM 2   C CA  . ALA A 1 4   ? -0.417  5.786   12.273  1.00 199.50 ? 4   ALA A CA  1 
ATOM 3   C C   . ALA A 1 4   ? -0.069  4.299   12.244  1.00 199.50 ? 4   ALA A C   1 
ATOM 4   O O   . ALA A 1 4   ? 0.027   3.659   13.286  1.00 199.50 ? 4   ALA A O   1 
ATOM 5   C CB  . ALA A 1 4   ? 0.865   6.619   12.344  1.00 161.88 ? 4   ALA A CB  1 
ATOM 6   N N   . PRO A 1 5   ? 0.126   3.730   11.040  1.00 108.58 ? 5   PRO A N   1 
ATOM 7   C CA  . PRO A 1 5   ? 0.468   2.316   10.856  1.00 108.58 ? 5   PRO A CA  1 
ATOM 8   C C   . PRO A 1 5   ? 1.651   1.863   11.706  1.00 108.58 ? 5   PRO A C   1 
ATOM 9   O O   . PRO A 1 5   ? 2.679   2.537   11.782  1.00 108.58 ? 5   PRO A O   1 
ATOM 10  C CB  . PRO A 1 5   ? 0.778   2.229   9.364   1.00 144.98 ? 5   PRO A CB  1 
ATOM 11  C CG  . PRO A 1 5   ? -0.121  3.247   8.775   1.00 144.98 ? 5   PRO A CG  1 
ATOM 12  C CD  . PRO A 1 5   ? 0.016   4.410   9.737   1.00 144.98 ? 5   PRO A CD  1 
ATOM 13  N N   . LYS A 1 6   ? 1.499   0.712   12.346  1.00 200.00 ? 6   LYS A N   1 
ATOM 14  C CA  . LYS A 1 6   ? 2.573   0.178   13.174  1.00 200.00 ? 6   LYS A CA  1 
ATOM 15  C C   . LYS A 1 6   ? 3.052   -1.196  12.696  1.00 200.00 ? 6   LYS A C   1 
ATOM 16  O O   . LYS A 1 6   ? 2.393   -2.216  12.935  1.00 200.00 ? 6   LYS A O   1 
ATOM 17  C CB  . LYS A 1 6   ? 2.139   0.113   14.647  1.00 99.31  ? 6   LYS A CB  1 
ATOM 18  C CG  . LYS A 1 6   ? 2.035   1.484   15.283  1.00 99.31  ? 6   LYS A CG  1 
ATOM 19  C CD  . LYS A 1 6   ? 1.861   1.417   16.775  1.00 99.31  ? 6   LYS A CD  1 
ATOM 20  C CE  . LYS A 1 6   ? 1.464   2.782   17.302  1.00 99.31  ? 6   LYS A CE  1 
ATOM 21  N NZ  . LYS A 1 6   ? 0.174   3.230   16.701  1.00 99.31  ? 6   LYS A NZ  1 
ATOM 22  N N   . PRO A 1 7   ? 4.228   -1.235  12.029  1.00 95.95  ? 7   PRO A N   1 
ATOM 23  C CA  . PRO A 1 7   ? 4.768   -2.494  11.529  1.00 95.95  ? 7   PRO A CA  1 
ATOM 24  C C   . PRO A 1 7   ? 4.534   -3.627  12.505  1.00 95.95  ? 7   PRO A C   1 
ATOM 25  O O   . PRO A 1 7   ? 4.652   -3.445  13.717  1.00 95.95  ? 7   PRO A O   1 
ATOM 26  C CB  . PRO A 1 7   ? 6.254   -2.179  11.319  1.00 172.40 ? 7   PRO A CB  1 
ATOM 27  C CG  . PRO A 1 7   ? 6.517   -1.043  12.237  1.00 172.40 ? 7   PRO A CG  1 
ATOM 28  C CD  . PRO A 1 7   ? 5.284   -0.209  12.045  1.00 172.40 ? 7   PRO A CD  1 
ATOM 29  N N   . VAL A 1 8   ? 4.177   -4.791  11.968  1.00 119.52 ? 8   VAL A N   1 
ATOM 30  C CA  . VAL A 1 8   ? 3.930   -5.960  12.798  1.00 119.52 ? 8   VAL A CA  1 
ATOM 31  C C   . VAL A 1 8   ? 4.754   -7.188  12.414  1.00 119.52 ? 8   VAL A C   1 
ATOM 32  O O   . VAL A 1 8   ? 4.521   -7.820  11.388  1.00 119.52 ? 8   VAL A O   1 
ATOM 33  C CB  . VAL A 1 8   ? 2.435   -6.347  12.797  1.00 105.56 ? 8   VAL A CB  1 
ATOM 34  C CG1 . VAL A 1 8   ? 1.971   -6.698  11.385  1.00 105.56 ? 8   VAL A CG1 1 
ATOM 35  C CG2 . VAL A 1 8   ? 2.216   -7.502  13.768  1.00 105.56 ? 8   VAL A CG2 1 
ATOM 36  N N   . GLY A 1 9   ? 5.723   -7.517  13.261  1.00 127.85 ? 9   GLY A N   1 
ATOM 37  C CA  . GLY A 1 9   ? 6.547   -8.683  13.016  1.00 127.85 ? 9   GLY A CA  1 
ATOM 38  C C   . GLY A 1 9   ? 8.027   -8.390  13.046  1.00 127.85 ? 9   GLY A C   1 
ATOM 39  O O   . GLY A 1 9   ? 8.534   -7.835  14.016  1.00 127.85 ? 9   GLY A O   1 
ATOM 40  N N   . PRO A 1 10  ? 8.751   -8.798  11.998  1.00 99.43  ? 10  PRO A N   1 
ATOM 41  C CA  . PRO A 1 10  ? 10.195  -8.599  11.848  1.00 99.43  ? 10  PRO A CA  1 
ATOM 42  C C   . PRO A 1 10  ? 10.522  -7.609  10.711  1.00 99.43  ? 10  PRO A C   1 
ATOM 43  O O   . PRO A 1 10  ? 11.445  -7.839  9.920   1.00 99.43  ? 10  PRO A O   1 
ATOM 44  C CB  . PRO A 1 10  ? 10.701  -10.009 11.528  1.00 181.42 ? 10  PRO A CB  1 
ATOM 45  C CG  . PRO A 1 10  ? 9.412   -10.903 11.438  1.00 181.42 ? 10  PRO A CG  1 
ATOM 46  C CD  . PRO A 1 10  ? 8.318   -9.940  11.180  1.00 181.42 ? 10  PRO A CD  1 
ATOM 47  N N   . TYR A 1 11  ? 9.786   -6.506  10.632  1.00 105.44 ? 11  TYR A N   1 
ATOM 48  C CA  . TYR A 1 11  ? 10.029  -5.574  9.547   1.00 105.44 ? 11  TYR A CA  1 
ATOM 49  C C   . TYR A 1 11  ? 9.870   -4.108  9.877   1.00 105.44 ? 11  TYR A C   1 
ATOM 50  O O   . TYR A 1 11  ? 9.233   -3.730  10.853  1.00 105.44 ? 11  TYR A O   1 
ATOM 51  C CB  . TYR A 1 11  ? 9.087   -5.893  8.406   1.00 98.06  ? 11  TYR A CB  1 
ATOM 52  C CG  . TYR A 1 11  ? 7.679   -5.461  8.695   1.00 98.06  ? 11  TYR A CG  1 
ATOM 53  C CD1 . TYR A 1 11  ? 7.193   -4.254  8.221   1.00 98.06  ? 11  TYR A CD1 1 
ATOM 54  C CD2 . TYR A 1 11  ? 6.827   -6.269  9.424   1.00 98.06  ? 11  TYR A CD2 1 
ATOM 55  C CE1 . TYR A 1 11  ? 5.898   -3.876  8.454   1.00 98.06  ? 11  TYR A CE1 1 
ATOM 56  C CE2 . TYR A 1 11  ? 5.535   -5.897  9.662   1.00 98.06  ? 11  TYR A CE2 1 
ATOM 57  C CZ  . TYR A 1 11  ? 5.072   -4.706  9.173   1.00 98.06  ? 11  TYR A CZ  1 
ATOM 58  O OH  . TYR A 1 11  ? 3.761   -4.372  9.387   1.00 98.06  ? 11  TYR A OH  1 
ATOM 59  N N   . SER A 1 12  ? 10.448  -3.291  9.007   1.00 130.72 ? 12  SER A N   1 
ATOM 60  C CA  . SER A 1 12  ? 10.388  -1.846  9.109   1.00 130.72 ? 12  SER A CA  1 
ATOM 61  C C   . SER A 1 12  ? 9.446   -1.418  7.973   1.00 130.72 ? 12  SER A C   1 
ATOM 62  O O   . SER A 1 12  ? 9.579   -1.896  6.844   1.00 130.72 ? 12  SER A O   1 
ATOM 63  C CB  . SER A 1 12  ? 11.790  -1.261  8.900   1.00 147.20 ? 12  SER A CB  1 
ATOM 64  O OG  . SER A 1 12  ? 12.729  -1.886  9.752   1.00 147.20 ? 12  SER A OG  1 
ATOM 65  N N   . GLN A 1 13  ? 8.492   -0.534  8.255   1.00 130.20 ? 13  GLN A N   1 
ATOM 66  C CA  . GLN A 1 13  ? 7.575   -0.110  7.209   1.00 130.20 ? 13  GLN A CA  1 
ATOM 67  C C   . GLN A 1 13  ? 8.212   0.858   6.229   1.00 130.20 ? 13  GLN A C   1 
ATOM 68  O O   . GLN A 1 13  ? 7.509   1.580   5.542   1.00 130.20 ? 13  GLN A O   1 
ATOM 69  C CB  . GLN A 1 13  ? 6.301   0.492   7.815   1.00 84.04  ? 13  GLN A CB  1 
ATOM 70  C CG  . GLN A 1 13  ? 5.416   -0.557  8.480   1.00 84.04  ? 13  GLN A CG  1 
ATOM 71  C CD  . GLN A 1 13  ? 4.106   -0.022  9.020   1.00 84.04  ? 13  GLN A CD  1 
ATOM 72  O OE1 . GLN A 1 13  ? 4.081   0.900   9.832   1.00 84.04  ? 13  GLN A OE1 1 
ATOM 73  N NE2 . GLN A 1 13  ? 3.007   -0.615  8.582   1.00 84.04  ? 13  GLN A NE2 1 
ATOM 74  N N   . ALA A 1 14  ? 9.541   0.855   6.164   1.00 107.87 ? 14  ALA A N   1 
ATOM 75  C CA  . ALA A 1 14  ? 10.299  1.720   5.256   1.00 107.87 ? 14  ALA A CA  1 
ATOM 76  C C   . ALA A 1 14  ? 11.750  1.829   5.699   1.00 107.87 ? 14  ALA A C   1 
ATOM 77  O O   . ALA A 1 14  ? 12.029  1.815   6.896   1.00 107.87 ? 14  ALA A O   1 
ATOM 78  C CB  . ALA A 1 14  ? 9.680   3.112   5.198   1.00 170.99 ? 14  ALA A CB  1 
ATOM 79  N N   . VAL A 1 15  ? 12.670  1.933   4.737   1.00 75.98  ? 15  VAL A N   1 
ATOM 80  C CA  . VAL A 1 15  ? 14.099  2.076   5.041   1.00 75.98  ? 15  VAL A CA  1 
ATOM 81  C C   . VAL A 1 15  ? 14.822  3.008   4.053   1.00 75.98  ? 15  VAL A C   1 
ATOM 82  O O   . VAL A 1 15  ? 14.764  2.830   2.834   1.00 75.98  ? 15  VAL A O   1 
ATOM 83  C CB  . VAL A 1 15  ? 14.836  0.715   5.074   1.00 89.78  ? 15  VAL A CB  1 
ATOM 84  C CG1 . VAL A 1 15  ? 14.171  -0.228  6.056   1.00 89.78  ? 15  VAL A CG1 1 
ATOM 85  C CG2 . VAL A 1 15  ? 14.869  0.122   3.703   1.00 89.78  ? 15  VAL A CG2 1 
ATOM 86  N N   . GLU A 1 16  ? 15.511  3.999   4.612   1.00 172.98 ? 16  GLU A N   1 
ATOM 87  C CA  . GLU A 1 16  ? 16.249  5.002   3.845   1.00 172.98 ? 16  GLU A CA  1 
ATOM 88  C C   . GLU A 1 16  ? 17.670  4.606   3.422   1.00 172.98 ? 16  GLU A C   1 
ATOM 89  O O   . GLU A 1 16  ? 18.653  5.096   3.986   1.00 172.98 ? 16  GLU A O   1 
ATOM 90  C CB  . GLU A 1 16  ? 16.316  6.317   4.645   1.00 166.48 ? 16  GLU A CB  1 
ATOM 91  C CG  . GLU A 1 16  ? 17.181  7.412   4.007   1.00 166.48 ? 16  GLU A CG  1 
ATOM 92  C CD  . GLU A 1 16  ? 16.638  7.920   2.669   1.00 166.48 ? 16  GLU A CD  1 
ATOM 93  O OE1 . GLU A 1 16  ? 15.577  8.589   2.680   1.00 166.48 ? 16  GLU A OE1 1 
ATOM 94  O OE2 . GLU A 1 16  ? 17.267  7.655   1.612   1.00 166.48 ? 16  GLU A OE2 1 
ATOM 95  N N   . SER A 1 17  ? 17.789  3.728   2.430   1.00 140.20 ? 17  SER A N   1 
ATOM 96  C CA  . SER A 1 17  ? 19.116  3.345   1.960   1.00 140.20 ? 17  SER A CA  1 
ATOM 97  C C   . SER A 1 17  ? 19.262  3.783   0.508   1.00 140.20 ? 17  SER A C   1 
ATOM 98  O O   . SER A 1 17  ? 18.400  3.495   -0.333  1.00 140.20 ? 17  SER A O   1 
ATOM 99  C CB  . SER A 1 17  ? 19.339  1.837   2.076   1.00 123.24 ? 17  SER A CB  1 
ATOM 100 O OG  . SER A 1 17  ? 20.705  1.510   1.854   1.00 123.24 ? 17  SER A OG  1 
ATOM 101 N N   . GLY A 1 18  ? 20.355  4.485   0.217   1.00 136.24 ? 18  GLY A N   1 
ATOM 102 C CA  . GLY A 1 18  ? 20.573  4.972   -1.132  1.00 136.24 ? 18  GLY A CA  1 
ATOM 103 C C   . GLY A 1 18  ? 19.511  5.989   -1.505  1.00 136.24 ? 18  GLY A C   1 
ATOM 104 O O   . GLY A 1 18  ? 18.834  6.553   -0.638  1.00 136.24 ? 18  GLY A O   1 
ATOM 105 N N   . CYS A 1 19  ? 19.362  6.237   -2.799  1.00 184.57 ? 19  CYS A N   1 
ATOM 106 C CA  . CYS A 1 19  ? 18.362  7.190   -3.268  1.00 184.57 ? 19  CYS A CA  1 
ATOM 107 C C   . CYS A 1 19  ? 16.987  6.521   -3.409  1.00 184.57 ? 19  CYS A C   1 
ATOM 108 O O   . CYS A 1 19  ? 16.187  6.930   -4.258  1.00 184.57 ? 19  CYS A O   1 
ATOM 109 C CB  . CYS A 1 19  ? 18.779  7.793   -4.622  1.00 131.13 ? 19  CYS A CB  1 
ATOM 110 S SG  . CYS A 1 19  ? 19.598  9.422   -4.549  1.00 131.13 ? 19  CYS A SG  1 
ATOM 111 N N   . PHE A 1 20  ? 16.720  5.502   -2.582  1.00 142.45 ? 20  PHE A N   1 
ATOM 112 C CA  . PHE A 1 20  ? 15.443  4.773   -2.617  1.00 142.45 ? 20  PHE A CA  1 
ATOM 113 C C   . PHE A 1 20  ? 14.796  4.584   -1.245  1.00 142.45 ? 20  PHE A C   1 
ATOM 114 O O   . PHE A 1 20  ? 15.454  4.652   -0.209  1.00 142.45 ? 20  PHE A O   1 
ATOM 115 C CB  . PHE A 1 20  ? 15.624  3.372   -3.218  1.00 134.79 ? 20  PHE A CB  1 
ATOM 116 C CG  . PHE A 1 20  ? 16.314  3.347   -4.553  1.00 134.79 ? 20  PHE A CG  1 
ATOM 117 C CD1 . PHE A 1 20  ? 15.913  4.195   -5.580  1.00 134.79 ? 20  PHE A CD1 1 
ATOM 118 C CD2 . PHE A 1 20  ? 17.339  2.437   -4.799  1.00 134.79 ? 20  PHE A CD2 1 
ATOM 119 C CE1 . PHE A 1 20  ? 16.523  4.141   -6.830  1.00 134.79 ? 20  PHE A CE1 1 
ATOM 120 C CE2 . PHE A 1 20  ? 17.954  2.376   -6.045  1.00 134.79 ? 20  PHE A CE2 1 
ATOM 121 C CZ  . PHE A 1 20  ? 17.543  3.228   -7.061  1.00 134.79 ? 20  PHE A CZ  1 
ATOM 122 N N   . MET A 1 21  ? 13.499  4.320   -1.252  1.00 109.65 ? 21  MET A N   1 
ATOM 123 C CA  . MET A 1 21  ? 12.767  4.077   -0.020  1.00 109.65 ? 21  MET A CA  1 
ATOM 124 C C   . MET A 1 21  ? 11.973  2.790   -0.157  1.00 109.65 ? 21  MET A C   1 
ATOM 125 O O   . MET A 1 21  ? 10.980  2.734   -0.883  1.00 109.65 ? 21  MET A O   1 
ATOM 126 C CB  . MET A 1 21  ? 11.820  5.232   0.289   1.00 123.80 ? 21  MET A CB  1 
ATOM 127 C CG  . MET A 1 21  ? 12.448  6.372   1.061   1.00 123.80 ? 21  MET A CG  1 
ATOM 128 S SD  . MET A 1 21  ? 12.605  5.963   2.799   1.00 123.80 ? 21  MET A SD  1 
ATOM 129 C CE  . MET A 1 21  ? 10.866  5.955   3.295   1.00 123.80 ? 21  MET A CE  1 
ATOM 130 N N   . PHE A 1 22  ? 12.429  1.752   0.537   1.00 109.56 ? 22  PHE A N   1 
ATOM 131 C CA  . PHE A 1 22  ? 11.766  0.457   0.503   1.00 109.56 ? 22  PHE A CA  1 
ATOM 132 C C   . PHE A 1 22  ? 10.670  0.419   1.552   1.00 109.56 ? 22  PHE A C   1 
ATOM 133 O O   . PHE A 1 22  ? 10.897  0.740   2.715   1.00 109.56 ? 22  PHE A O   1 
ATOM 134 C CB  . PHE A 1 22  ? 12.767  -0.659  0.764   1.00 89.66  ? 22  PHE A CB  1 
ATOM 135 C CG  . PHE A 1 22  ? 13.870  -0.737  -0.251  1.00 89.66  ? 22  PHE A CG  1 
ATOM 136 C CD1 . PHE A 1 22  ? 13.590  -0.990  -1.586  1.00 89.66  ? 22  PHE A CD1 1 
ATOM 137 C CD2 . PHE A 1 22  ? 15.199  -0.597  0.138   1.00 89.66  ? 22  PHE A CD2 1 
ATOM 138 C CE1 . PHE A 1 22  ? 14.620  -1.106  -2.524  1.00 89.66  ? 22  PHE A CE1 1 
ATOM 139 C CE2 . PHE A 1 22  ? 16.231  -0.711  -0.786  1.00 89.66  ? 22  PHE A CE2 1 
ATOM 140 C CZ  . PHE A 1 22  ? 15.940  -0.970  -2.120  1.00 89.66  ? 22  PHE A CZ  1 
ATOM 141 N N   . VAL A 1 23  ? 9.484   0.006   1.130   1.00 89.00  ? 23  VAL A N   1 
ATOM 142 C CA  . VAL A 1 23  ? 8.335   -0.041  2.012   1.00 89.00  ? 23  VAL A CA  1 
ATOM 143 C C   . VAL A 1 23  ? 7.723   -1.412  2.191   1.00 89.00  ? 23  VAL A C   1 
ATOM 144 O O   . VAL A 1 23  ? 7.310   -2.061  1.238   1.00 89.00  ? 23  VAL A O   1 
ATOM 145 C CB  . VAL A 1 23  ? 7.238   0.896   1.503   1.00 77.01  ? 23  VAL A CB  1 
ATOM 146 C CG1 . VAL A 1 23  ? 6.029   0.836   2.424   1.00 77.01  ? 23  VAL A CG1 1 
ATOM 147 C CG2 . VAL A 1 23  ? 7.784   2.304   1.397   1.00 77.01  ? 23  VAL A CG2 1 
ATOM 148 N N   . SER A 1 24  ? 7.660   -1.858  3.430   1.00 70.52  ? 24  SER A N   1 
ATOM 149 C CA  . SER A 1 24  ? 7.057   -3.141  3.668   1.00 70.52  ? 24  SER A CA  1 
ATOM 150 C C   . SER A 1 24  ? 5.652   -2.961  3.160   1.00 70.52  ? 24  SER A C   1 
ATOM 151 O O   . SER A 1 24  ? 5.047   -1.902  3.331   1.00 70.52  ? 24  SER A O   1 
ATOM 152 C CB  . SER A 1 24  ? 7.029   -3.473  5.156   1.00 173.73 ? 24  SER A CB  1 
ATOM 153 O OG  . SER A 1 24  ? 8.335   -3.620  5.685   1.00 173.73 ? 24  SER A OG  1 
ATOM 154 N N   . GLY A 1 25  ? 5.146   -3.998  2.518   1.00 94.10  ? 25  GLY A N   1 
ATOM 155 C CA  . GLY A 1 25  ? 3.803   -3.947  1.992   1.00 94.10  ? 25  GLY A CA  1 
ATOM 156 C C   . GLY A 1 25  ? 2.858   -3.506  3.070   1.00 94.10  ? 25  GLY A C   1 
ATOM 157 O O   . GLY A 1 25  ? 2.723   -4.176  4.083   1.00 94.10  ? 25  GLY A O   1 
ATOM 158 N N   . GLN A 1 26  ? 2.200   -2.378  2.865   1.00 108.05 ? 26  GLN A N   1 
ATOM 159 C CA  . GLN A 1 26  ? 1.291   -1.905  3.877   1.00 108.05 ? 26  GLN A CA  1 
ATOM 160 C C   . GLN A 1 26  ? -0.014  -2.665  4.018   1.00 108.05 ? 26  GLN A C   1 
ATOM 161 O O   . GLN A 1 26  ? -0.471  -3.338  3.096   1.00 108.05 ? 26  GLN A O   1 
ATOM 162 C CB  . GLN A 1 26  ? 1.030   -0.415  3.707   1.00 124.19 ? 26  GLN A CB  1 
ATOM 163 C CG  . GLN A 1 26  ? 2.035   0.387   4.488   1.00 124.19 ? 26  GLN A CG  1 
ATOM 164 C CD  . GLN A 1 26  ? 2.454   -0.346  5.757   1.00 124.19 ? 26  GLN A CD  1 
ATOM 165 O OE1 . GLN A 1 26  ? 1.611   -0.718  6.582   1.00 124.19 ? 26  GLN A OE1 1 
ATOM 166 N NE2 . GLN A 1 26  ? 3.761   -0.571  5.911   1.00 124.19 ? 26  GLN A NE2 1 
ATOM 167 N N   . ILE A 1 27  ? -0.593  -2.549  5.207   1.00 139.17 ? 27  ILE A N   1 
ATOM 168 C CA  . ILE A 1 27  ? -1.834  -3.222  5.548   1.00 139.17 ? 27  ILE A CA  1 
ATOM 169 C C   . ILE A 1 27  ? -2.983  -2.275  5.936   1.00 139.17 ? 27  ILE A C   1 
ATOM 170 O O   . ILE A 1 27  ? -2.779  -1.236  6.582   1.00 139.17 ? 27  ILE A O   1 
ATOM 171 C CB  . ILE A 1 27  ? -1.579  -4.241  6.697   1.00 84.92  ? 27  ILE A CB  1 
ATOM 172 C CG1 . ILE A 1 27  ? -1.199  -5.583  6.105   1.00 84.92  ? 27  ILE A CG1 1 
ATOM 173 C CG2 . ILE A 1 27  ? -2.828  -4.446  7.550   1.00 84.92  ? 27  ILE A CG2 1 
ATOM 174 C CD1 . ILE A 1 27  ? -2.363  -6.289  5.547   1.00 85.42  ? 27  ILE A CD1 1 
ATOM 175 N N   . PRO A 1 28  ? -4.213  -2.632  5.529   1.00 129.18 ? 28  PRO A N   1 
ATOM 176 C CA  . PRO A 1 28  ? -5.417  -1.858  5.807   1.00 129.18 ? 28  PRO A CA  1 
ATOM 177 C C   . PRO A 1 28  ? -5.890  -1.853  7.259   1.00 129.18 ? 28  PRO A C   1 
ATOM 178 O O   . PRO A 1 28  ? -7.076  -2.045  7.517   1.00 129.18 ? 28  PRO A O   1 
ATOM 179 C CB  . PRO A 1 28  ? -6.445  -2.492  4.870   1.00 48.61  ? 28  PRO A CB  1 
ATOM 180 C CG  . PRO A 1 28  ? -6.000  -3.876  4.770   1.00 48.61  ? 28  PRO A CG  1 
ATOM 181 C CD  . PRO A 1 28  ? -4.526  -3.703  4.567   1.00 48.61  ? 28  PRO A CD  1 
ATOM 182 N N   . ILE A 1 29  ? -4.993  -1.630  8.212   1.00 94.90  ? 29  ILE A N   1 
ATOM 183 C CA  . ILE A 1 29  ? -5.437  -1.600  9.604   1.00 94.90  ? 29  ILE A CA  1 
ATOM 184 C C   . ILE A 1 29  ? -5.696  -0.187  10.063  1.00 94.90  ? 29  ILE A C   1 
ATOM 185 O O   . ILE A 1 29  ? -4.846  0.688   9.893   1.00 94.90  ? 29  ILE A O   1 
ATOM 186 C CB  . ILE A 1 29  ? -4.414  -2.213  10.588  1.00 131.09 ? 29  ILE A CB  1 
ATOM 187 C CG1 . ILE A 1 29  ? -2.996  -2.132  10.004  1.00 131.09 ? 29  ILE A CG1 1 
ATOM 188 C CG2 . ILE A 1 29  ? -4.855  -3.606  10.959  1.00 131.09 ? 29  ILE A CG2 1 
ATOM 189 C CD1 . ILE A 1 29  ? -1.859  -2.008  11.047  1.00 131.59 ? 29  ILE A CD1 1 
ATOM 190 N N   . ASN A 1 30  ? -6.877  0.048   10.620  1.00 115.06 ? 30  ASN A N   1 
ATOM 191 C CA  . ASN A 1 30  ? -7.168  1.369   11.124  1.00 115.06 ? 30  ASN A CA  1 
ATOM 192 C C   . ASN A 1 30  ? -6.031  1.509   12.094  1.00 115.06 ? 30  ASN A C   1 
ATOM 193 O O   . ASN A 1 30  ? -6.102  1.010   13.210  1.00 115.06 ? 30  ASN A O   1 
ATOM 194 C CB  . ASN A 1 30  ? -8.476  1.402   11.891  1.00 145.20 ? 30  ASN A CB  1 
ATOM 195 C CG  . ASN A 1 30  ? -8.762  2.769   12.452  1.00 145.20 ? 30  ASN A CG  1 
ATOM 196 O OD1 . ASN A 1 30  ? -9.205  3.669   11.734  1.00 145.20 ? 30  ASN A OD1 1 
ATOM 197 N ND2 . ASN A 1 30  ? -8.480  2.949   13.734  1.00 145.20 ? 30  ASN A ND2 1 
ATOM 198 N N   . PRO A 1 31  ? -4.961  2.185   11.680  1.00 104.72 ? 31  PRO A N   1 
ATOM 199 C CA  . PRO A 1 31  ? -3.811  2.350   12.566  1.00 104.72 ? 31  PRO A CA  1 
ATOM 200 C C   . PRO A 1 31  ? -4.177  2.601   14.025  1.00 104.72 ? 31  PRO A C   1 
ATOM 201 O O   . PRO A 1 31  ? -3.590  1.994   14.920  1.00 104.72 ? 31  PRO A O   1 
ATOM 202 C CB  . PRO A 1 31  ? -3.058  3.508   11.932  1.00 87.03  ? 31  PRO A CB  1 
ATOM 203 C CG  . PRO A 1 31  ? -4.151  4.293   11.282  1.00 87.03  ? 31  PRO A CG  1 
ATOM 204 C CD  . PRO A 1 31  ? -4.974  3.227   10.645  1.00 87.03  ? 31  PRO A CD  1 
ATOM 205 N N   . GLU A 1 32  ? -5.155  3.475   14.257  1.00 198.09 ? 32  GLU A N   1 
ATOM 206 C CA  . GLU A 1 32  ? -5.590  3.812   15.615  1.00 198.09 ? 32  GLU A CA  1 
ATOM 207 C C   . GLU A 1 32  ? -6.606  2.820   16.175  1.00 198.09 ? 32  GLU A C   1 
ATOM 208 O O   . GLU A 1 32  ? -7.270  3.107   17.172  1.00 198.09 ? 32  GLU A O   1 
ATOM 209 C CB  . GLU A 1 32  ? -6.217  5.214   15.665  1.00 172.93 ? 32  GLU A CB  1 
ATOM 210 C CG  . GLU A 1 32  ? -5.439  6.338   14.989  1.00 172.93 ? 32  GLU A CG  1 
ATOM 211 C CD  . GLU A 1 32  ? -6.151  7.682   15.125  1.00 172.93 ? 32  GLU A CD  1 
ATOM 212 O OE1 . GLU A 1 32  ? -7.371  7.752   14.833  1.00 172.93 ? 32  GLU A OE1 1 
ATOM 213 O OE2 . GLU A 1 32  ? -5.488  8.671   15.523  1.00 172.93 ? 32  GLU A OE2 1 
ATOM 214 N N   . THR A 1 33  ? -6.749  1.672   15.529  1.00 129.98 ? 33  THR A N   1 
ATOM 215 C CA  . THR A 1 33  ? -7.678  0.663   16.010  1.00 129.98 ? 33  THR A CA  1 
ATOM 216 C C   . THR A 1 33  ? -7.160  -0.715  15.643  1.00 129.98 ? 33  THR A C   1 
ATOM 217 O O   . THR A 1 33  ? -7.894  -1.705  15.702  1.00 129.98 ? 33  THR A O   1 
ATOM 218 C CB  . THR A 1 33  ? -9.097  0.879   15.452  1.00 175.66 ? 33  THR A CB  1 
ATOM 219 O OG1 . THR A 1 33  ? -9.543  2.186   15.835  1.00 175.66 ? 33  THR A OG1 1 
ATOM 220 C CG2 . THR A 1 33  ? -10.076 -0.163  16.017  1.00 175.66 ? 33  THR A CG2 1 
ATOM 221 N N   . GLY A 1 34  ? -5.876  -0.758  15.287  1.00 148.12 ? 34  GLY A N   1 
ATOM 222 C CA  . GLY A 1 34  ? -5.213  -2.000  14.921  1.00 148.12 ? 34  GLY A CA  1 
ATOM 223 C C   . GLY A 1 34  ? -6.142  -3.121  14.493  1.00 148.12 ? 34  GLY A C   1 
ATOM 224 O O   . GLY A 1 34  ? -6.060  -4.253  14.984  1.00 148.12 ? 34  GLY A O   1 
ATOM 225 N N   . ALA A 1 35  ? -7.034  -2.797  13.566  1.00 100.02 ? 35  ALA A N   1 
ATOM 226 C CA  . ALA A 1 35  ? -7.998  -3.753  13.052  1.00 100.02 ? 35  ALA A CA  1 
ATOM 227 C C   . ALA A 1 35  ? -8.178  -3.441  11.578  1.00 100.02 ? 35  ALA A C   1 
ATOM 228 O O   . ALA A 1 35  ? -7.939  -2.315  11.142  1.00 100.02 ? 35  ALA A O   1 
ATOM 229 C CB  . ALA A 1 35  ? -9.325  -3.609  13.793  1.00 145.13 ? 35  ALA A CB  1 
ATOM 230 N N   . LEU A 1 36  ? -8.588  -4.429  10.799  1.00 139.72 ? 36  LEU A N   1 
ATOM 231 C CA  . LEU A 1 36  ? -8.772  -4.176  9.390   1.00 139.72 ? 36  LEU A CA  1 
ATOM 232 C C   . LEU A 1 36  ? -9.901  -3.154  9.213   1.00 139.72 ? 36  LEU A C   1 
ATOM 233 O O   . LEU A 1 36  ? -10.672 -2.926  10.144  1.00 139.72 ? 36  LEU A O   1 
ATOM 234 C CB  . LEU A 1 36  ? -9.062  -5.488  8.667   1.00 78.38  ? 36  LEU A CB  1 
ATOM 235 C CG  . LEU A 1 36  ? -7.968  -6.547  8.826   1.00 78.38  ? 36  LEU A CG  1 
ATOM 236 C CD1 . LEU A 1 36  ? -8.211  -7.626  7.813   1.00 78.38  ? 36  LEU A CD1 1 
ATOM 237 C CD2 . LEU A 1 36  ? -6.595  -5.958  8.617   1.00 78.38  ? 36  LEU A CD2 1 
ATOM 238 N N   . GLU A 1 37  ? -9.978  -2.526  8.037   1.00 131.61 ? 37  GLU A N   1 
ATOM 239 C CA  . GLU A 1 37  ? -10.998 -1.507  7.737   1.00 131.61 ? 37  GLU A CA  1 
ATOM 240 C C   . GLU A 1 37  ? -12.378 -2.120  7.590   1.00 131.61 ? 37  GLU A C   1 
ATOM 241 O O   . GLU A 1 37  ? -12.514 -3.329  7.402   1.00 131.61 ? 37  GLU A O   1 
ATOM 242 C CB  . GLU A 1 37  ? -10.682 -0.770  6.427   1.00 141.49 ? 37  GLU A CB  1 
ATOM 243 C CG  . GLU A 1 37  ? -9.249  -0.301  6.254   1.00 141.49 ? 37  GLU A CG  1 
ATOM 244 C CD  . GLU A 1 37  ? -8.818  0.691   7.305   1.00 141.49 ? 37  GLU A CD  1 
ATOM 245 O OE1 . GLU A 1 37  ? -9.464  1.757   7.424   1.00 141.49 ? 37  GLU A OE1 1 
ATOM 246 O OE2 . GLU A 1 37  ? -7.823  0.406   8.006   1.00 141.49 ? 37  GLU A OE2 1 
ATOM 247 N N   . GLU A 1 38  ? -13.410 -1.290  7.653   1.00 174.74 ? 38  GLU A N   1 
ATOM 248 C CA  . GLU A 1 38  ? -14.736 -1.844  7.500   1.00 174.74 ? 38  GLU A CA  1 
ATOM 249 C C   . GLU A 1 38  ? -15.346 -1.614  6.121   1.00 174.74 ? 38  GLU A C   1 
ATOM 250 O O   . GLU A 1 38  ? -15.304 -0.508  5.569   1.00 174.74 ? 38  GLU A O   1 
ATOM 251 C CB  . GLU A 1 38  ? -15.676 -1.327  8.585   1.00 191.56 ? 38  GLU A CB  1 
ATOM 252 C CG  . GLU A 1 38  ? -16.374 -2.464  9.322   1.00 191.56 ? 38  GLU A CG  1 
ATOM 253 C CD  . GLU A 1 38  ? -16.651 -3.654  8.414   1.00 191.56 ? 38  GLU A CD  1 
ATOM 254 O OE1 . GLU A 1 38  ? -17.628 -3.628  7.629   1.00 191.56 ? 38  GLU A OE1 1 
ATOM 255 O OE2 . GLU A 1 38  ? -15.867 -4.619  8.483   1.00 191.56 ? 38  GLU A OE2 1 
ATOM 256 N N   . GLY A 1 39  ? -15.915 -2.691  5.584   1.00 136.83 ? 39  GLY A N   1 
ATOM 257 C CA  . GLY A 1 39  ? -16.543 -2.675  4.273   1.00 136.83 ? 39  GLY A CA  1 
ATOM 258 C C   . GLY A 1 39  ? -16.270 -4.006  3.605   1.00 136.83 ? 39  GLY A C   1 
ATOM 259 O O   . GLY A 1 39  ? -17.187 -4.784  3.368   1.00 136.83 ? 39  GLY A O   1 
ATOM 260 N N   . GLY A 1 40  ? -14.998 -4.273  3.324   1.00 200.00 ? 40  GLY A N   1 
ATOM 261 C CA  . GLY A 1 40  ? -14.611 -5.526  2.700   1.00 200.00 ? 40  GLY A CA  1 
ATOM 262 C C   . GLY A 1 40  ? -14.008 -5.384  1.313   1.00 200.00 ? 40  GLY A C   1 
ATOM 263 O O   . GLY A 1 40  ? -13.143 -6.161  0.917   1.00 200.00 ? 40  GLY A O   1 
ATOM 264 N N   . PHE A 1 41  ? -14.452 -4.375  0.577   1.00 133.12 ? 41  PHE A N   1 
ATOM 265 C CA  . PHE A 1 41  ? -13.983 -4.150  -0.778  1.00 133.12 ? 41  PHE A CA  1 
ATOM 266 C C   . PHE A 1 41  ? -13.055 -2.927  -0.923  1.00 133.12 ? 41  PHE A C   1 
ATOM 267 O O   . PHE A 1 41  ? -11.854 -3.003  -0.676  1.00 133.12 ? 41  PHE A O   1 
ATOM 268 C CB  . PHE A 1 41  ? -15.200 -3.990  -1.702  1.00 95.99  ? 41  PHE A CB  1 
ATOM 269 C CG  . PHE A 1 41  ? -16.374 -4.888  -1.355  1.00 95.99  ? 41  PHE A CG  1 
ATOM 270 C CD1 . PHE A 1 41  ? -17.673 -4.420  -1.517  1.00 95.99  ? 41  PHE A CD1 1 
ATOM 271 C CD2 . PHE A 1 41  ? -16.189 -6.198  -0.907  1.00 95.99  ? 41  PHE A CD2 1 
ATOM 272 C CE1 . PHE A 1 41  ? -18.770 -5.230  -1.246  1.00 95.99  ? 41  PHE A CE1 1 
ATOM 273 C CE2 . PHE A 1 41  ? -17.286 -7.022  -0.632  1.00 95.99  ? 41  PHE A CE2 1 
ATOM 274 C CZ  . PHE A 1 41  ? -18.577 -6.532  -0.803  1.00 95.99  ? 41  PHE A CZ  1 
ATOM 275 N N   . LYS A 1 42  ? -13.644 -1.807  -1.334  1.00 119.13 ? 42  LYS A N   1 
ATOM 276 C CA  . LYS A 1 42  ? -12.949 -0.545  -1.574  1.00 119.13 ? 42  LYS A CA  1 
ATOM 277 C C   . LYS A 1 42  ? -12.433 0.135   -0.326  1.00 119.13 ? 42  LYS A C   1 
ATOM 278 O O   . LYS A 1 42  ? -11.352 0.703   -0.334  1.00 119.13 ? 42  LYS A O   1 
ATOM 279 C CB  . LYS A 1 42  ? -13.887 0.428   -2.299  1.00 197.83 ? 42  LYS A CB  1 
ATOM 280 C CG  . LYS A 1 42  ? -13.305 1.818   -2.574  1.00 197.83 ? 42  LYS A CG  1 
ATOM 281 C CD  . LYS A 1 42  ? -14.400 2.903   -2.780  1.00 197.83 ? 42  LYS A CD  1 
ATOM 282 C CE  . LYS A 1 42  ? -15.170 2.774   -4.102  1.00 197.83 ? 42  LYS A CE  1 
ATOM 283 N NZ  . LYS A 1 42  ? -16.133 3.901   -4.338  1.00 197.83 ? 42  LYS A NZ  1 
ATOM 284 N N   . GLU A 1 43  ? -13.255 0.118   0.721   1.00 137.61 ? 43  GLU A N   1 
ATOM 285 C CA  . GLU A 1 43  ? -12.840 0.735   1.976   1.00 137.61 ? 43  GLU A CA  1 
ATOM 286 C C   . GLU A 1 43  ? -11.388 0.404   2.299   1.00 137.61 ? 43  GLU A C   1 
ATOM 287 O O   . GLU A 1 43  ? -10.538 1.271   2.294   1.00 137.61 ? 43  GLU A O   1 
ATOM 288 C CB  . GLU A 1 43  ? -13.756 0.291   3.118   1.00 200.00 ? 43  GLU A CB  1 
ATOM 289 C CG  . GLU A 1 43  ? -15.215 0.676   2.932   1.00 200.00 ? 43  GLU A CG  1 
ATOM 290 C CD  . GLU A 1 43  ? -16.010 -0.391  2.205   1.00 200.00 ? 43  GLU A CD  1 
ATOM 291 O OE1 . GLU A 1 43  ? -15.423 -1.439  1.861   1.00 200.00 ? 43  GLU A OE1 1 
ATOM 292 O OE2 . GLU A 1 43  ? -17.220 -0.181  1.982   1.00 200.00 ? 43  GLU A OE2 1 
ATOM 293 N N   . SER A 1 44  ? -11.196 -0.896  2.516   1.00 121.76 ? 44  SER A N   1 
ATOM 294 C CA  . SER A 1 44  ? -9.883  -1.452  2.811   1.00 121.76 ? 44  SER A CA  1 
ATOM 295 C C   . SER A 1 44  ? -8.901  -0.981  1.752   1.00 121.76 ? 44  SER A C   1 
ATOM 296 O O   . SER A 1 44  ? -7.953  -0.252  2.050   1.00 121.76 ? 44  SER A O   1 
ATOM 297 C CB  . SER A 1 44  ? -9.956  -2.979  2.816   1.00 85.39  ? 44  SER A CB  1 
ATOM 298 O OG  . SER A 1 44  ? -10.828 -3.434  3.833   1.00 85.39  ? 44  SER A OG  1 
ATOM 299 N N   . ALA A 1 45  ? -9.153  -1.387  0.512   1.00 153.69 ? 45  ALA A N   1 
ATOM 300 C CA  . ALA A 1 45  ? -8.307  -1.012  -0.621  1.00 153.69 ? 45  ALA A CA  1 
ATOM 301 C C   . ALA A 1 45  ? -8.082  0.498   -0.692  1.00 153.69 ? 45  ALA A C   1 
ATOM 302 O O   . ALA A 1 45  ? -7.187  0.969   -1.396  1.00 153.69 ? 45  ALA A O   1 
ATOM 303 C CB  . ALA A 1 45  ? -8.932  -1.509  -1.927  1.00 140.61 ? 45  ALA A CB  1 
ATOM 304 N N   . LYS A 1 46  ? -8.907  1.248   0.029   1.00 75.91  ? 46  LYS A N   1 
ATOM 305 C CA  . LYS A 1 46  ? -8.791  2.689   0.049   1.00 75.91  ? 46  LYS A CA  1 
ATOM 306 C C   . LYS A 1 46  ? -7.833  3.068   1.173   1.00 75.91  ? 46  LYS A C   1 
ATOM 307 O O   . LYS A 1 46  ? -6.811  3.716   0.943   1.00 75.91  ? 46  LYS A O   1 
ATOM 308 C CB  . LYS A 1 46  ? -10.168 3.317   0.262   1.00 118.75 ? 46  LYS A CB  1 
ATOM 309 C CG  . LYS A 1 46  ? -10.214 4.795   -0.075  1.00 118.75 ? 46  LYS A CG  1 
ATOM 310 C CD  . LYS A 1 46  ? -11.591 5.406   0.165   1.00 118.75 ? 46  LYS A CD  1 
ATOM 311 C CE  . LYS A 1 46  ? -11.535 6.929   0.095   1.00 118.75 ? 46  LYS A CE  1 
ATOM 312 N NZ  . LYS A 1 46  ? -10.514 7.504   1.026   1.00 118.75 ? 46  LYS A NZ  1 
ATOM 313 N N   . ARG A 1 47  ? -8.149  2.636   2.389   1.00 94.71  ? 47  ARG A N   1 
ATOM 314 C CA  . ARG A 1 47  ? -7.302  2.934   3.544   1.00 94.71  ? 47  ARG A CA  1 
ATOM 315 C C   . ARG A 1 47  ? -5.919  2.332   3.408   1.00 94.71  ? 47  ARG A C   1 
ATOM 316 O O   . ARG A 1 47  ? -4.927  3.007   3.640   1.00 94.71  ? 47  ARG A O   1 
ATOM 317 C CB  . ARG A 1 47  ? -7.921  2.407   4.834   1.00 160.60 ? 47  ARG A CB  1 
ATOM 318 C CG  . ARG A 1 47  ? -6.979  2.511   6.030   1.00 160.60 ? 47  ARG A CG  1 
ATOM 319 C CD  . ARG A 1 47  ? -7.177  3.777   6.862   1.00 160.60 ? 47  ARG A CD  1 
ATOM 320 N NE  . ARG A 1 47  ? -5.888  4.347   7.258   1.00 160.60 ? 47  ARG A NE  1 
ATOM 321 C CZ  . ARG A 1 47  ? -5.694  5.141   8.307   1.00 160.60 ? 47  ARG A CZ  1 
ATOM 322 N NH1 . ARG A 1 47  ? -6.712  5.469   9.091   1.00 160.60 ? 47  ARG A NH1 1 
ATOM 323 N NH2 . ARG A 1 47  ? -4.480  5.613   8.565   1.00 160.60 ? 47  ARG A NH2 1 
ATOM 324 N N   . ALA A 1 48  ? -5.852  1.055   3.055   1.00 99.65  ? 48  ALA A N   1 
ATOM 325 C CA  . ALA A 1 48  ? -4.573  0.390   2.894   1.00 99.65  ? 48  ALA A CA  1 
ATOM 326 C C   . ALA A 1 48  ? -3.645  1.308   2.126   1.00 99.65  ? 48  ALA A C   1 
ATOM 327 O O   . ALA A 1 48  ? -2.459  1.381   2.410   1.00 99.65  ? 48  ALA A O   1 
ATOM 328 C CB  . ALA A 1 48  ? -4.748  -0.905  2.146   1.00 83.59  ? 48  ALA A CB  1 
ATOM 329 N N   . LEU A 1 49  ? -4.196  2.019   1.152   1.00 105.91 ? 49  LEU A N   1 
ATOM 330 C CA  . LEU A 1 49  ? -3.392  2.937   0.365   1.00 105.91 ? 49  LEU A CA  1 
ATOM 331 C C   . LEU A 1 49  ? -3.104  4.177   1.171   1.00 105.91 ? 49  LEU A C   1 
ATOM 332 O O   . LEU A 1 49  ? -1.968  4.635   1.226   1.00 105.91 ? 49  LEU A O   1 
ATOM 333 C CB  . LEU A 1 49  ? -4.102  3.291   -0.938  1.00 99.67  ? 49  LEU A CB  1 
ATOM 334 C CG  . LEU A 1 49  ? -3.426  2.611   -2.134  1.00 99.67  ? 49  LEU A CG  1 
ATOM 335 C CD1 . LEU A 1 49  ? -4.463  2.202   -3.146  1.00 99.67  ? 49  LEU A CD1 1 
ATOM 336 C CD2 . LEU A 1 49  ? -2.373  3.533   -2.736  1.00 99.67  ? 49  LEU A CD2 1 
ATOM 337 N N   . ASP A 1 50  ? -4.134  4.731   1.794   1.00 110.50 ? 50  ASP A N   1 
ATOM 338 C CA  . ASP A 1 50  ? -3.923  5.901   2.626   1.00 110.50 ? 50  ASP A CA  1 
ATOM 339 C C   . ASP A 1 50  ? -2.821  5.455   3.593   1.00 110.50 ? 50  ASP A C   1 
ATOM 340 O O   . ASP A 1 50  ? -1.777  6.094   3.703   1.00 110.50 ? 50  ASP A O   1 
ATOM 341 C CB  . ASP A 1 50  ? -5.202  6.249   3.391   1.00 179.22 ? 50  ASP A CB  1 
ATOM 342 C CG  . ASP A 1 50  ? -6.405  6.481   2.467   1.00 179.22 ? 50  ASP A CG  1 
ATOM 343 O OD1 . ASP A 1 50  ? -6.375  7.441   1.661   1.00 179.22 ? 50  ASP A OD1 1 
ATOM 344 O OD2 . ASP A 1 50  ? -7.383  5.705   2.556   1.00 179.22 ? 50  ASP A OD2 1 
ATOM 345 N N   . ASN A 1 51  ? -3.057  4.332   4.264   1.00 141.74 ? 51  ASN A N   1 
ATOM 346 C CA  . ASN A 1 51  ? -2.096  3.764   5.198   1.00 141.74 ? 51  ASN A CA  1 
ATOM 347 C C   . ASN A 1 51  ? -0.694  3.893   4.620   1.00 141.74 ? 51  ASN A C   1 
ATOM 348 O O   . ASN A 1 51  ? 0.283   3.917   5.355   1.00 141.74 ? 51  ASN A O   1 
ATOM 349 C CB  . ASN A 1 51  ? -2.417  2.287   5.450   1.00 105.16 ? 51  ASN A CB  1 
ATOM 350 C CG  . ASN A 1 51  ? -3.049  2.052   6.799   1.00 105.16 ? 51  ASN A CG  1 
ATOM 351 O OD1 . ASN A 1 51  ? -3.848  2.856   7.251   1.00 105.16 ? 51  ASN A OD1 1 
ATOM 352 N ND2 . ASN A 1 51  ? -2.696  0.945   7.449   1.00 105.16 ? 51  ASN A ND2 1 
ATOM 353 N N   . LEU A 1 52  ? -0.598  3.962   3.297   1.00 119.89 ? 52  LEU A N   1 
ATOM 354 C CA  . LEU A 1 52  ? 0.704   4.119   2.661   1.00 119.89 ? 52  LEU A CA  1 
ATOM 355 C C   . LEU A 1 52  ? 0.951   5.592   2.474   1.00 119.89 ? 52  LEU A C   1 
ATOM 356 O O   . LEU A 1 52  ? 1.983   6.119   2.880   1.00 119.89 ? 52  LEU A O   1 
ATOM 357 C CB  . LEU A 1 52  ? 0.764   3.446   1.282   1.00 126.23 ? 52  LEU A CB  1 
ATOM 358 C CG  . LEU A 1 52  ? 2.079   3.653   0.493   1.00 126.23 ? 52  LEU A CG  1 
ATOM 359 C CD1 . LEU A 1 52  ? 3.238   2.997   1.237   1.00 126.23 ? 52  LEU A CD1 1 
ATOM 360 C CD2 . LEU A 1 52  ? 1.962   3.072   -0.906  1.00 126.23 ? 52  LEU A CD2 1 
ATOM 361 N N   . LYS A 1 53  ? -0.009  6.240   1.829   1.00 151.32 ? 53  LYS A N   1 
ATOM 362 C CA  . LYS A 1 53  ? 0.056   7.663   1.576   1.00 151.32 ? 53  LYS A CA  1 
ATOM 363 C C   . LYS A 1 53  ? 0.773   8.328   2.758   1.00 151.32 ? 53  LYS A C   1 
ATOM 364 O O   . LYS A 1 53  ? 1.450   9.342   2.577   1.00 151.32 ? 53  LYS A O   1 
ATOM 365 C CB  . LYS A 1 53  ? -1.379  8.199   1.430   1.00 169.54 ? 53  LYS A CB  1 
ATOM 366 C CG  . LYS A 1 53  ? -1.547  9.651   0.973   1.00 169.54 ? 53  LYS A CG  1 
ATOM 367 C CD  . LYS A 1 53  ? -3.044  9.960   0.826   1.00 169.54 ? 53  LYS A CD  1 
ATOM 368 C CE  . LYS A 1 53  ? -3.305  11.074  -0.180  1.00 169.54 ? 53  LYS A CE  1 
ATOM 369 N NZ  . LYS A 1 53  ? -4.724  11.092  -0.657  1.00 169.54 ? 53  LYS A NZ  1 
ATOM 370 N N   . ALA A 1 54  ? 0.658   7.728   3.950   1.00 162.65 ? 54  ALA A N   1 
ATOM 371 C CA  . ALA A 1 54  ? 1.261   8.260   5.181   1.00 162.65 ? 54  ALA A CA  1 
ATOM 372 C C   . ALA A 1 54  ? 2.792   8.140   5.361   1.00 162.65 ? 54  ALA A C   1 
ATOM 373 O O   . ALA A 1 54  ? 3.515   9.141   5.293   1.00 162.65 ? 54  ALA A O   1 
ATOM 374 C CB  . ALA A 1 54  ? 0.549   7.654   6.386   1.00 101.91 ? 54  ALA A CB  1 
ATOM 375 N N   . ILE A 1 55  ? 3.284   6.932   5.627   1.00 120.69 ? 55  ILE A N   1 
ATOM 376 C CA  . ILE A 1 55  ? 4.719   6.717   5.813   1.00 120.69 ? 55  ILE A CA  1 
ATOM 377 C C   . ILE A 1 55  ? 5.515   7.390   4.706   1.00 120.69 ? 55  ILE A C   1 
ATOM 378 O O   . ILE A 1 55  ? 6.571   7.987   4.943   1.00 120.69 ? 55  ILE A O   1 
ATOM 379 C CB  . ILE A 1 55  ? 5.066   5.224   5.777   1.00 76.01  ? 55  ILE A CB  1 
ATOM 380 C CG1 . ILE A 1 55  ? 4.524   4.524   7.030   1.00 76.01  ? 55  ILE A CG1 1 
ATOM 381 C CG2 . ILE A 1 55  ? 6.582   5.053   5.635   1.00 76.01  ? 55  ILE A CG2 1 
ATOM 382 C CD1 . ILE A 1 55  ? 2.992   4.429   7.126   1.00 76.51  ? 55  ILE A CD1 1 
ATOM 383 N N   . VAL A 1 56  ? 4.999   7.242   3.493   1.00 119.42 ? 56  VAL A N   1 
ATOM 384 C CA  . VAL A 1 56  ? 5.590   7.817   2.300   1.00 119.42 ? 56  VAL A CA  1 
ATOM 385 C C   . VAL A 1 56  ? 5.962   9.251   2.612   1.00 119.42 ? 56  VAL A C   1 
ATOM 386 O O   . VAL A 1 56  ? 7.104   9.681   2.407   1.00 119.42 ? 56  VAL A O   1 
ATOM 387 C CB  . VAL A 1 56  ? 4.565   7.843   1.149   1.00 130.99 ? 56  VAL A CB  1 
ATOM 388 C CG1 . VAL A 1 56  ? 5.205   8.399   -0.126  1.00 130.99 ? 56  VAL A CG1 1 
ATOM 389 C CG2 . VAL A 1 56  ? 3.998   6.455   0.933   1.00 130.99 ? 56  VAL A CG2 1 
ATOM 390 N N   . GLU A 1 57  ? 4.970   9.980   3.119   1.00 163.21 ? 57  GLU A N   1 
ATOM 391 C CA  . GLU A 1 57  ? 5.118   11.389  3.469   1.00 163.21 ? 57  GLU A CA  1 
ATOM 392 C C   . GLU A 1 57  ? 6.063   11.578  4.668   1.00 163.21 ? 57  GLU A C   1 
ATOM 393 O O   . GLU A 1 57  ? 6.782   12.585  4.750   1.00 163.21 ? 57  GLU A O   1 
ATOM 394 C CB  . GLU A 1 57  ? 3.725   11.995  3.729   1.00 130.96 ? 57  GLU A CB  1 
ATOM 395 C CG  . GLU A 1 57  ? 2.738   11.728  2.566   1.00 130.96 ? 57  GLU A CG  1 
ATOM 396 C CD  . GLU A 1 57  ? 1.381   12.441  2.683   1.00 130.96 ? 57  GLU A CD  1 
ATOM 397 O OE1 . GLU A 1 57  ? 0.750   12.406  3.765   1.00 130.96 ? 57  GLU A OE1 1 
ATOM 398 O OE2 . GLU A 1 57  ? 0.932   13.028  1.671   1.00 130.96 ? 57  GLU A OE2 1 
ATOM 399 N N   . GLY A 1 58  ? 6.077   10.607  5.581   1.00 102.37 ? 58  GLY A N   1 
ATOM 400 C CA  . GLY A 1 58  ? 6.967   10.711  6.718   1.00 102.37 ? 58  GLY A CA  1 
ATOM 401 C C   . GLY A 1 58  ? 8.312   11.190  6.208   1.00 102.37 ? 58  GLY A C   1 
ATOM 402 O O   . GLY A 1 58  ? 8.705   12.336  6.430   1.00 102.37 ? 58  GLY A O   1 
ATOM 403 N N   . ALA A 1 59  ? 9.007   10.312  5.493   1.00 200.00 ? 59  ALA A N   1 
ATOM 404 C CA  . ALA A 1 59  ? 10.315  10.636  4.939   1.00 200.00 ? 59  ALA A CA  1 
ATOM 405 C C   . ALA A 1 59  ? 10.170  11.653  3.816   1.00 200.00 ? 59  ALA A C   1 
ATOM 406 O O   . ALA A 1 59  ? 10.503  11.360  2.656   1.00 200.00 ? 59  ALA A O   1 
ATOM 407 C CB  . ALA A 1 59  ? 11.008  9.360   4.417   1.00 175.29 ? 59  ALA A CB  1 
ATOM 408 N N   . GLY A 1 60  ? 9.675   12.838  4.176   1.00 134.19 ? 60  GLY A N   1 
ATOM 409 C CA  . GLY A 1 60  ? 9.478   13.910  3.213   1.00 134.19 ? 60  GLY A CA  1 
ATOM 410 C C   . GLY A 1 60  ? 9.461   13.345  1.815   1.00 134.19 ? 60  GLY A C   1 
ATOM 411 O O   . GLY A 1 60  ? 10.503  13.234  1.169   1.00 134.19 ? 60  GLY A O   1 
ATOM 412 N N   . TYR A 1 61  ? 8.288   12.962  1.339   1.00 115.48 ? 61  TYR A N   1 
ATOM 413 C CA  . TYR A 1 61  ? 8.247   12.384  0.025   1.00 115.48 ? 61  TYR A CA  1 
ATOM 414 C C   . TYR A 1 61  ? 6.895   12.347  -0.647  1.00 115.48 ? 61  TYR A C   1 
ATOM 415 O O   . TYR A 1 61  ? 5.956   11.747  -0.136  1.00 115.48 ? 61  TYR A O   1 
ATOM 416 C CB  . TYR A 1 61  ? 8.784   10.975  0.088   1.00 198.50 ? 61  TYR A CB  1 
ATOM 417 C CG  . TYR A 1 61  ? 9.082   10.444  -1.275  1.00 198.50 ? 61  TYR A CG  1 
ATOM 418 C CD1 . TYR A 1 61  ? 10.220  10.857  -1.956  1.00 198.50 ? 61  TYR A CD1 1 
ATOM 419 C CD2 . TYR A 1 61  ? 8.231   9.523   -1.896  1.00 198.50 ? 61  TYR A CD2 1 
ATOM 420 C CE1 . TYR A 1 61  ? 10.517  10.362  -3.220  1.00 198.50 ? 61  TYR A CE1 1 
ATOM 421 C CE2 . TYR A 1 61  ? 8.514   9.023   -3.172  1.00 198.50 ? 61  TYR A CE2 1 
ATOM 422 C CZ  . TYR A 1 61  ? 9.664   9.443   -3.824  1.00 198.50 ? 61  TYR A CZ  1 
ATOM 423 O OH  . TYR A 1 61  ? 9.986   8.936   -5.066  1.00 198.50 ? 61  TYR A OH  1 
ATOM 424 N N   . SER A 1 62  ? 6.813   12.975  -1.815  1.00 134.61 ? 62  SER A N   1 
ATOM 425 C CA  . SER A 1 62  ? 5.575   13.005  -2.583  1.00 134.61 ? 62  SER A CA  1 
ATOM 426 C C   . SER A 1 62  ? 5.422   11.618  -3.177  1.00 134.61 ? 62  SER A C   1 
ATOM 427 O O   . SER A 1 62  ? 6.403   11.040  -3.640  1.00 134.61 ? 62  SER A O   1 
ATOM 428 C CB  . SER A 1 62  ? 5.667   14.033  -3.711  1.00 140.66 ? 62  SER A CB  1 
ATOM 429 O OG  . SER A 1 62  ? 6.040   15.307  -3.212  1.00 140.66 ? 62  SER A OG  1 
ATOM 430 N N   . MET A 1 63  ? 4.210   11.074  -3.155  1.00 108.44 ? 63  MET A N   1 
ATOM 431 C CA  . MET A 1 63  ? 3.988   9.747   -3.712  1.00 108.44 ? 63  MET A CA  1 
ATOM 432 C C   . MET A 1 63  ? 4.184   9.720   -5.215  1.00 108.44 ? 63  MET A C   1 
ATOM 433 O O   . MET A 1 63  ? 4.770   8.778   -5.746  1.00 108.44 ? 63  MET A O   1 
ATOM 434 C CB  . MET A 1 63  ? 2.596   9.248   -3.383  1.00 80.61  ? 63  MET A CB  1 
ATOM 435 C CG  . MET A 1 63  ? 2.506   8.652   -2.025  1.00 80.61  ? 63  MET A CG  1 
ATOM 436 S SD  . MET A 1 63  ? 1.379   7.294   -2.079  1.00 80.61  ? 63  MET A SD  1 
ATOM 437 C CE  . MET A 1 63  ? -0.139  8.072   -1.673  1.00 80.61  ? 63  MET A CE  1 
ATOM 438 N N   . ASP A 1 64  ? 3.692   10.743  -5.907  1.00 164.59 ? 64  ASP A N   1 
ATOM 439 C CA  . ASP A 1 64  ? 3.859   10.793  -7.355  1.00 164.59 ? 64  ASP A CA  1 
ATOM 440 C C   . ASP A 1 64  ? 5.353   10.794  -7.695  1.00 164.59 ? 64  ASP A C   1 
ATOM 441 O O   . ASP A 1 64  ? 5.737   10.911  -8.863  1.00 164.59 ? 64  ASP A O   1 
ATOM 442 C CB  . ASP A 1 64  ? 3.181   12.043  -7.946  1.00 194.57 ? 64  ASP A CB  1 
ATOM 443 C CG  . ASP A 1 64  ? 3.679   13.351  -7.319  1.00 194.57 ? 64  ASP A CG  1 
ATOM 444 O OD1 . ASP A 1 64  ? 4.912   13.543  -7.184  1.00 194.57 ? 64  ASP A OD1 1 
ATOM 445 O OD2 . ASP A 1 64  ? 2.827   14.203  -6.977  1.00 194.57 ? 64  ASP A OD2 1 
ATOM 446 N N   . ASP A 1 65  ? 6.177   10.661  -6.653  1.00 135.46 ? 65  ASP A N   1 
ATOM 447 C CA  . ASP A 1 65  ? 7.642   10.636  -6.749  1.00 135.46 ? 65  ASP A CA  1 
ATOM 448 C C   . ASP A 1 65  ? 8.086   9.164   -6.788  1.00 135.46 ? 65  ASP A C   1 
ATOM 449 O O   . ASP A 1 65  ? 9.224   8.847   -7.146  1.00 135.46 ? 65  ASP A O   1 
ATOM 450 C CB  . ASP A 1 65  ? 8.226   11.366  -5.523  1.00 118.37 ? 65  ASP A CB  1 
ATOM 451 C CG  . ASP A 1 65  ? 9.680   11.784  -5.700  1.00 118.37 ? 65  ASP A CG  1 
ATOM 452 O OD1 . ASP A 1 65  ? 10.201  12.476  -4.791  1.00 118.37 ? 65  ASP A OD1 1 
ATOM 453 O OD2 . ASP A 1 65  ? 10.297  11.426  -6.727  1.00 118.37 ? 65  ASP A OD2 1 
ATOM 454 N N   . ILE A 1 66  ? 7.153   8.282   -6.426  1.00 124.78 ? 66  ILE A N   1 
ATOM 455 C CA  . ILE A 1 66  ? 7.348   6.829   -6.407  1.00 124.78 ? 66  ILE A CA  1 
ATOM 456 C C   . ILE A 1 66  ? 7.531   6.233   -7.788  1.00 124.78 ? 66  ILE A C   1 
ATOM 457 O O   . ILE A 1 66  ? 6.657   6.360   -8.647  1.00 124.78 ? 66  ILE A O   1 
ATOM 458 C CB  . ILE A 1 66  ? 6.144   6.127   -5.815  1.00 63.51  ? 66  ILE A CB  1 
ATOM 459 C CG1 . ILE A 1 66  ? 5.930   6.612   -4.398  1.00 63.51  ? 66  ILE A CG1 1 
ATOM 460 C CG2 . ILE A 1 66  ? 6.331   4.626   -5.885  1.00 63.51  ? 66  ILE A CG2 1 
ATOM 461 C CD1 . ILE A 1 66  ? 4.828   5.904   -3.718  1.00 64.01  ? 66  ILE A CD1 1 
ATOM 462 N N   . VAL A 1 67  ? 8.641   5.542   -7.996  1.00 134.83 ? 67  VAL A N   1 
ATOM 463 C CA  . VAL A 1 67  ? 8.882   4.952   -9.300  1.00 134.83 ? 67  VAL A CA  1 
ATOM 464 C C   . VAL A 1 67  ? 8.283   3.563   -9.509  1.00 134.83 ? 67  VAL A C   1 
ATOM 465 O O   . VAL A 1 67  ? 7.972   3.182   -10.640 1.00 134.83 ? 67  VAL A O   1 
ATOM 466 C CB  . VAL A 1 67  ? 10.382  4.910   -9.614  1.00 198.74 ? 67  VAL A CB  1 
ATOM 467 C CG1 . VAL A 1 67  ? 10.804  6.230   -10.228 1.00 198.74 ? 67  VAL A CG1 1 
ATOM 468 C CG2 . VAL A 1 67  ? 11.169  4.648   -8.344  1.00 198.74 ? 67  VAL A CG2 1 
ATOM 469 N N   . LYS A 1 68  ? 8.102   2.806   -8.435  1.00 72.98  ? 68  LYS A N   1 
ATOM 470 C CA  . LYS A 1 68  ? 7.541   1.482   -8.588  1.00 72.98  ? 68  LYS A CA  1 
ATOM 471 C C   . LYS A 1 68  ? 6.681   1.120   -7.408  1.00 72.98  ? 68  LYS A C   1 
ATOM 472 O O   . LYS A 1 68  ? 6.969   1.508   -6.282  1.00 72.98  ? 68  LYS A O   1 
ATOM 473 C CB  . LYS A 1 68  ? 8.653   0.456   -8.729  1.00 162.33 ? 68  LYS A CB  1 
ATOM 474 C CG  . LYS A 1 68  ? 8.157   -0.952  -8.978  1.00 162.33 ? 68  LYS A CG  1 
ATOM 475 C CD  . LYS A 1 68  ? 8.130   -1.310  -10.456 1.00 162.33 ? 68  LYS A CD  1 
ATOM 476 C CE  . LYS A 1 68  ? 7.493   -2.674  -10.658 1.00 162.33 ? 68  LYS A CE  1 
ATOM 477 N NZ  . LYS A 1 68  ? 6.084   -2.691  -10.138 1.00 162.33 ? 68  LYS A NZ  1 
ATOM 478 N N   . VAL A 1 69  ? 5.612   0.384   -7.683  1.00 122.59 ? 69  VAL A N   1 
ATOM 479 C CA  . VAL A 1 69  ? 4.693   -0.090  -6.654  1.00 122.59 ? 69  VAL A CA  1 
ATOM 480 C C   . VAL A 1 69  ? 4.332   -1.527  -7.008  1.00 122.59 ? 69  VAL A C   1 
ATOM 481 O O   . VAL A 1 69  ? 4.158   -1.871  -8.181  1.00 122.59 ? 69  VAL A O   1 
ATOM 482 C CB  . VAL A 1 69  ? 3.435   0.766   -6.582  1.00 90.50  ? 69  VAL A CB  1 
ATOM 483 C CG1 . VAL A 1 69  ? 2.817   0.877   -7.944  1.00 90.50  ? 69  VAL A CG1 1 
ATOM 484 C CG2 . VAL A 1 69  ? 2.461   0.164   -5.607  1.00 90.50  ? 69  VAL A CG2 1 
ATOM 485 N N   . THR A 1 70  ? 4.222   -2.365  -5.986  1.00 63.82  ? 70  THR A N   1 
ATOM 486 C CA  . THR A 1 70  ? 3.939   -3.779  -6.178  1.00 63.82  ? 70  THR A CA  1 
ATOM 487 C C   . THR A 1 70  ? 2.798   -4.213  -5.250  1.00 63.82  ? 70  THR A C   1 
ATOM 488 O O   . THR A 1 70  ? 2.959   -4.241  -4.033  1.00 63.82  ? 70  THR A O   1 
ATOM 489 C CB  . THR A 1 70  ? 5.209   -4.584  -5.877  1.00 136.82 ? 70  THR A CB  1 
ATOM 490 O OG1 . THR A 1 70  ? 6.360   -3.735  -6.030  1.00 136.82 ? 70  THR A OG1 1 
ATOM 491 C CG2 . THR A 1 70  ? 5.320   -5.741  -6.833  1.00 136.82 ? 70  THR A CG2 1 
ATOM 492 N N   . VAL A 1 71  ? 1.652   -4.569  -5.825  1.00 72.44  ? 71  VAL A N   1 
ATOM 493 C CA  . VAL A 1 71  ? 0.472   -4.954  -5.044  1.00 72.44  ? 71  VAL A CA  1 
ATOM 494 C C   . VAL A 1 71  ? 0.242   -6.465  -4.951  1.00 72.44  ? 71  VAL A C   1 
ATOM 495 O O   . VAL A 1 71  ? 0.898   -7.236  -5.634  1.00 72.44  ? 71  VAL A O   1 
ATOM 496 C CB  . VAL A 1 71  ? -0.801  -4.271  -5.636  1.00 56.49  ? 71  VAL A CB  1 
ATOM 497 C CG1 . VAL A 1 71  ? -1.995  -4.472  -4.719  1.00 56.49  ? 71  VAL A CG1 1 
ATOM 498 C CG2 . VAL A 1 71  ? -0.549  -2.788  -5.834  1.00 56.49  ? 71  VAL A CG2 1 
ATOM 499 N N   . TYR A 1 72  ? -0.685  -6.880  -4.091  1.00 69.95  ? 72  TYR A N   1 
ATOM 500 C CA  . TYR A 1 72  ? -1.019  -8.293  -3.915  1.00 69.95  ? 72  TYR A CA  1 
ATOM 501 C C   . TYR A 1 72  ? -2.500  -8.395  -3.615  1.00 69.95  ? 72  TYR A C   1 
ATOM 502 O O   . TYR A 1 72  ? -2.961  -7.914  -2.591  1.00 69.95  ? 72  TYR A O   1 
ATOM 503 C CB  . TYR A 1 72  ? -0.233  -8.911  -2.752  1.00 70.50  ? 72  TYR A CB  1 
ATOM 504 C CG  . TYR A 1 72  ? 1.279   -8.773  -2.838  1.00 70.50  ? 72  TYR A CG  1 
ATOM 505 C CD1 . TYR A 1 72  ? 1.995   -9.411  -3.834  1.00 70.50  ? 72  TYR A CD1 1 
ATOM 506 C CD2 . TYR A 1 72  ? 1.985   -7.986  -1.933  1.00 70.50  ? 72  TYR A CD2 1 
ATOM 507 C CE1 . TYR A 1 72  ? 3.375   -9.270  -3.939  1.00 70.50  ? 72  TYR A CE1 1 
ATOM 508 C CE2 . TYR A 1 72  ? 3.364   -7.839  -2.029  1.00 70.50  ? 72  TYR A CE2 1 
ATOM 509 C CZ  . TYR A 1 72  ? 4.051   -8.483  -3.042  1.00 70.50  ? 72  TYR A CZ  1 
ATOM 510 O OH  . TYR A 1 72  ? 5.406   -8.318  -3.199  1.00 70.50  ? 72  TYR A OH  1 
ATOM 511 N N   . ILE A 1 73  ? -3.249  -9.023  -4.508  1.00 89.37  ? 73  ILE A N   1 
ATOM 512 C CA  . ILE A 1 73  ? -4.684  -9.149  -4.311  1.00 89.37  ? 73  ILE A CA  1 
ATOM 513 C C   . ILE A 1 73  ? -5.209  -10.554 -4.181  1.00 89.37  ? 73  ILE A C   1 
ATOM 514 O O   . ILE A 1 73  ? -5.001  -11.411 -5.044  1.00 89.37  ? 73  ILE A O   1 
ATOM 515 C CB  . ILE A 1 73  ? -5.493  -8.500  -5.436  1.00 109.49 ? 73  ILE A CB  1 
ATOM 516 C CG1 . ILE A 1 73  ? -5.286  -6.992  -5.419  1.00 109.49 ? 73  ILE A CG1 1 
ATOM 517 C CG2 . ILE A 1 73  ? -6.977  -8.830  -5.253  1.00 109.49 ? 73  ILE A CG2 1 
ATOM 518 C CD1 . ILE A 1 73  ? -5.800  -6.324  -6.664  1.00 109.99 ? 73  ILE A CD1 1 
ATOM 519 N N   . THR A 1 74  ? -5.952  -10.747 -3.103  1.00 80.76  ? 74  THR A N   1 
ATOM 520 C CA  . THR A 1 74  ? -6.566  -12.016 -2.793  1.00 80.76  ? 74  THR A CA  1 
ATOM 521 C C   . THR A 1 74  ? -7.713  -12.272 -3.772  1.00 80.76  ? 74  THR A C   1 
ATOM 522 O O   . THR A 1 74  ? -7.934  -13.415 -4.193  1.00 80.76  ? 74  THR A O   1 
ATOM 523 C CB  . THR A 1 74  ? -7.129  -11.993 -1.372  1.00 117.89 ? 74  THR A CB  1 
ATOM 524 O OG1 . THR A 1 74  ? -6.108  -11.584 -0.461  1.00 117.89 ? 74  THR A OG1 1 
ATOM 525 C CG2 . THR A 1 74  ? -7.612  -13.362 -0.980  1.00 117.89 ? 74  THR A CG2 1 
ATOM 526 N N   . ASP A 1 75  ? -8.430  -11.213 -4.153  1.00 85.05  ? 75  ASP A N   1 
ATOM 527 C CA  . ASP A 1 75  ? -9.553  -11.409 -5.041  1.00 85.05  ? 75  ASP A CA  1 
ATOM 528 C C   . ASP A 1 75  ? -9.575  -10.931 -6.480  1.00 85.05  ? 75  ASP A C   1 
ATOM 529 O O   . ASP A 1 75  ? -8.976  -9.934  -6.899  1.00 85.05  ? 75  ASP A O   1 
ATOM 530 C CB  . ASP A 1 75  ? -10.848 -10.944 -4.392  1.00 118.52 ? 75  ASP A CB  1 
ATOM 531 C CG  . ASP A 1 75  ? -12.075 -11.516 -5.089  1.00 118.52 ? 75  ASP A CG  1 
ATOM 532 O OD1 . ASP A 1 75  ? -12.965 -10.731 -5.480  1.00 118.52 ? 75  ASP A OD1 1 
ATOM 533 O OD2 . ASP A 1 75  ? -12.160 -12.758 -5.248  1.00 118.52 ? 75  ASP A OD2 1 
ATOM 534 N N   . ILE A 1 76  ? -10.380 -11.710 -7.184  1.00 92.26  ? 76  ILE A N   1 
ATOM 535 C CA  . ILE A 1 76  ? -10.719 -11.688 -8.608  1.00 84.89  ? 76  ILE A CA  1 
ATOM 536 C C   . ILE A 1 76  ? -11.544 -10.486 -9.118  1.00 88.31  ? 76  ILE A C   1 
ATOM 537 O O   . ILE A 1 76  ? -12.681 -10.232 -8.653  1.00 92.64  ? 76  ILE A O   1 
ATOM 538 C CB  . ILE A 1 76  ? -11.554 -12.990 -8.919  1.00 127.32 ? 76  ILE A CB  1 
ATOM 539 C CG1 . ILE A 1 76  ? -10.929 -14.225 -8.219  1.00 130.47 ? 76  ILE A CG1 1 
ATOM 540 C CG2 . ILE A 1 76  ? -11.639 -13.206 -10.411 1.00 130.47 ? 76  ILE A CG2 1 
ATOM 541 C CD1 . ILE A 1 76  ? -11.948 -15.160 -7.531  1.00 130.47 ? 76  ILE A CD1 1 
ATOM 542 N N   . SER A 1 77  ? -10.993 -9.767  -10.086 1.00 170.92 ? 77  SER A N   1 
ATOM 543 C CA  . SER A 1 77  ? -11.728 -8.664  -10.684 1.00 170.92 ? 77  SER A CA  1 
ATOM 544 C C   . SER A 1 77  ? -11.758 -7.388  -9.872  1.00 170.92 ? 77  SER A C   1 
ATOM 545 O O   . SER A 1 77  ? -11.883 -6.297  -10.438 1.00 170.92 ? 77  SER A O   1 
ATOM 546 C CB  . SER A 1 77  ? -13.188 -9.084  -10.993 1.00 200.00 ? 77  SER A CB  1 
ATOM 547 O OG  . SER A 1 77  ? -13.327 -9.902  -12.161 1.00 200.00 ? 77  SER A OG  1 
ATOM 548 N N   . ARG A 1 78  ? -11.674 -7.493  -8.552  1.00 106.44 ? 78  ARG A N   1 
ATOM 549 C CA  . ARG A 1 78  ? -11.680 -6.275  -7.762  1.00 106.44 ? 78  ARG A CA  1 
ATOM 550 C C   . ARG A 1 78  ? -10.412 -5.525  -8.173  1.00 106.44 ? 78  ARG A C   1 
ATOM 551 O O   . ARG A 1 78  ? -9.848  -4.715  -7.436  1.00 106.44 ? 78  ARG A O   1 
ATOM 552 C CB  . ARG A 1 78  ? -11.746 -6.580  -6.255  1.00 112.51 ? 78  ARG A CB  1 
ATOM 553 C CG  . ARG A 1 78  ? -13.124 -7.119  -5.809  1.00 112.51 ? 78  ARG A CG  1 
ATOM 554 C CD  . ARG A 1 78  ? -13.522 -6.691  -4.389  1.00 112.51 ? 78  ARG A CD  1 
ATOM 555 N NE  . ARG A 1 78  ? -14.818 -7.243  -3.975  1.00 112.51 ? 78  ARG A NE  1 
ATOM 556 C CZ  . ARG A 1 78  ? -14.992 -8.500  -3.565  1.00 112.51 ? 78  ARG A CZ  1 
ATOM 557 N NH1 . ARG A 1 78  ? -13.950 -9.320  -3.521  1.00 112.51 ? 78  ARG A NH1 1 
ATOM 558 N NH2 . ARG A 1 78  ? -16.193 -8.942  -3.198  1.00 112.51 ? 78  ARG A NH2 1 
ATOM 559 N N   . PHE A 1 79  ? -9.991  -5.831  -9.397  1.00 101.77 ? 79  PHE A N   1 
ATOM 560 C CA  . PHE A 1 79  ? -8.854  -5.215  -10.045 1.00 101.77 ? 79  PHE A CA  1 
ATOM 561 C C   . PHE A 1 79  ? -9.412  -3.839  -10.351 1.00 101.77 ? 79  PHE A C   1 
ATOM 562 O O   . PHE A 1 79  ? -8.763  -2.819  -10.124 1.00 101.77 ? 79  PHE A O   1 
ATOM 563 C CB  . PHE A 1 79  ? -8.549  -5.936  -11.361 1.00 84.52  ? 79  PHE A CB  1 
ATOM 564 C CG  . PHE A 1 79  ? -7.223  -5.574  -11.972 1.00 84.52  ? 79  PHE A CG  1 
ATOM 565 C CD1 . PHE A 1 79  ? -6.582  -4.377  -11.651 1.00 84.52  ? 79  PHE A CD1 1 
ATOM 566 C CD2 . PHE A 1 79  ? -6.602  -6.439  -12.867 1.00 84.52  ? 79  PHE A CD2 1 
ATOM 567 C CE1 . PHE A 1 79  ? -5.334  -4.044  -12.219 1.00 84.52  ? 79  PHE A CE1 1 
ATOM 568 C CE2 . PHE A 1 79  ? -5.358  -6.115  -13.438 1.00 84.52  ? 79  PHE A CE2 1 
ATOM 569 C CZ  . PHE A 1 79  ? -4.726  -4.921  -13.109 1.00 84.52  ? 79  PHE A CZ  1 
ATOM 570 N N   . SER A 1 80  ? -10.641 -3.839  -10.863 1.00 132.75 ? 80  SER A N   1 
ATOM 571 C CA  . SER A 1 80  ? -11.364 -2.623  -11.213 1.00 132.75 ? 80  SER A CA  1 
ATOM 572 C C   . SER A 1 80  ? -11.725 -1.821  -9.960  1.00 132.75 ? 80  SER A C   1 
ATOM 573 O O   . SER A 1 80  ? -11.317 -0.668  -9.818  1.00 132.75 ? 80  SER A O   1 
ATOM 574 C CB  . SER A 1 80  ? -12.634 -2.990  -11.972 1.00 141.06 ? 80  SER A CB  1 
ATOM 575 O OG  . SER A 1 80  ? -13.449 -3.852  -11.190 1.00 141.06 ? 80  SER A OG  1 
ATOM 576 N N   . GLU A 1 81  ? -12.491 -2.432  -9.056  1.00 112.50 ? 81  GLU A N   1 
ATOM 577 C CA  . GLU A 1 81  ? -12.890 -1.764  -7.820  1.00 112.50 ? 81  GLU A CA  1 
ATOM 578 C C   . GLU A 1 81  ? -11.662 -1.154  -7.167  1.00 112.50 ? 81  GLU A C   1 
ATOM 579 O O   . GLU A 1 81  ? -11.753 -0.165  -6.459  1.00 112.50 ? 81  GLU A O   1 
ATOM 580 C CB  . GLU A 1 81  ? -13.547 -2.743  -6.845  1.00 102.38 ? 81  GLU A CB  1 
ATOM 581 C CG  . GLU A 1 81  ? -14.695 -3.554  -7.421  1.00 102.38 ? 81  GLU A CG  1 
ATOM 582 C CD  . GLU A 1 81  ? -15.469 -4.295  -6.348  1.00 102.38 ? 81  GLU A CD  1 
ATOM 583 O OE1 . GLU A 1 81  ? -14.879 -4.606  -5.300  1.00 102.38 ? 81  GLU A OE1 1 
ATOM 584 O OE2 . GLU A 1 81  ? -16.665 -4.586  -6.553  1.00 102.38 ? 81  GLU A OE2 1 
ATOM 585 N N   . PHE A 1 82  ? -10.508 -1.755  -7.403  1.00 144.92 ? 82  PHE A N   1 
ATOM 586 C CA  . PHE A 1 82  ? -9.281  -1.229  -6.848  1.00 144.92 ? 82  PHE A CA  1 
ATOM 587 C C   . PHE A 1 82  ? -8.683  -0.223  -7.806  1.00 144.92 ? 82  PHE A C   1 
ATOM 588 O O   . PHE A 1 82  ? -8.426  0.924   -7.452  1.00 144.92 ? 82  PHE A O   1 
ATOM 589 C CB  . PHE A 1 82  ? -8.256  -2.318  -6.648  1.00 99.54  ? 82  PHE A CB  1 
ATOM 590 C CG  . PHE A 1 82  ? -6.853  -1.815  -6.730  1.00 99.54  ? 82  PHE A CG  1 
ATOM 591 C CD1 . PHE A 1 82  ? -6.385  -0.897  -5.810  1.00 99.54  ? 82  PHE A CD1 1 
ATOM 592 C CD2 . PHE A 1 82  ? -6.011  -2.220  -7.753  1.00 99.54  ? 82  PHE A CD2 1 
ATOM 593 C CE1 . PHE A 1 82  ? -5.096  -0.396  -5.903  1.00 99.54  ? 82  PHE A CE1 1 
ATOM 594 C CE2 . PHE A 1 82  ? -4.716  -1.720  -7.849  1.00 99.54  ? 82  PHE A CE2 1 
ATOM 595 C CZ  . PHE A 1 82  ? -4.262  -0.807  -6.926  1.00 99.54  ? 82  PHE A CZ  1 
ATOM 596 N N   . ASN A 1 83  ? -8.430  -0.681  -9.023  1.00 84.36  ? 83  ASN A N   1 
ATOM 597 C CA  . ASN A 1 83  ? -7.850  0.166   -10.037 1.00 84.36  ? 83  ASN A CA  1 
ATOM 598 C C   . ASN A 1 83  ? -8.414  1.548   -9.870  1.00 84.36  ? 83  ASN A C   1 
ATOM 599 O O   . ASN A 1 83  ? -7.736  2.533   -10.099 1.00 84.36  ? 83  ASN A O   1 
ATOM 600 C CB  . ASN A 1 83  ? -8.182  -0.374  -11.408 1.00 96.28  ? 83  ASN A CB  1 
ATOM 601 C CG  . ASN A 1 83  ? -6.959  -0.799  -12.148 1.00 96.28  ? 83  ASN A CG  1 
ATOM 602 O OD1 . ASN A 1 83  ? -5.889  -0.943  -11.554 1.00 96.28  ? 83  ASN A OD1 1 
ATOM 603 N ND2 . ASN A 1 83  ? -7.092  -1.005  -13.452 1.00 96.28  ? 83  ASN A ND2 1 
ATOM 604 N N   . GLU A 1 84  ? -9.668  1.603   -9.449  1.00 124.00 ? 84  GLU A N   1 
ATOM 605 C CA  . GLU A 1 84  ? -10.358 2.857   -9.211  1.00 124.00 ? 84  GLU A CA  1 
ATOM 606 C C   . GLU A 1 84  ? -9.624  3.679   -8.134  1.00 124.00 ? 84  GLU A C   1 
ATOM 607 O O   . GLU A 1 84  ? -9.063  4.739   -8.417  1.00 124.00 ? 84  GLU A O   1 
ATOM 608 C CB  . GLU A 1 84  ? -11.799 2.549   -8.776  1.00 113.21 ? 84  GLU A CB  1 
ATOM 609 C CG  . GLU A 1 84  ? -12.756 3.750   -8.681  1.00 113.21 ? 84  GLU A CG  1 
ATOM 610 C CD  . GLU A 1 84  ? -14.162 3.377   -8.162  1.00 113.21 ? 84  GLU A CD  1 
ATOM 611 O OE1 . GLU A 1 84  ? -14.841 2.526   -8.788  1.00 113.21 ? 84  GLU A OE1 1 
ATOM 612 O OE2 . GLU A 1 84  ? -14.595 3.951   -7.134  1.00 113.21 ? 84  GLU A OE2 1 
ATOM 613 N N   . VAL A 1 85  ? -9.609  3.177   -6.905  1.00 83.76  ? 85  VAL A N   1 
ATOM 614 C CA  . VAL A 1 85  ? -8.980  3.876   -5.789  1.00 83.76  ? 85  VAL A CA  1 
ATOM 615 C C   . VAL A 1 85  ? -7.522  4.245   -5.982  1.00 83.76  ? 85  VAL A C   1 
ATOM 616 O O   . VAL A 1 85  ? -7.024  5.161   -5.341  1.00 83.76  ? 85  VAL A O   1 
ATOM 617 C CB  . VAL A 1 85  ? -9.061  3.052   -4.493  1.00 107.22 ? 85  VAL A CB  1 
ATOM 618 C CG1 . VAL A 1 85  ? -8.309  3.752   -3.396  1.00 107.22 ? 85  VAL A CG1 1 
ATOM 619 C CG2 . VAL A 1 85  ? -10.496 2.855   -4.070  1.00 107.22 ? 85  VAL A CG2 1 
ATOM 620 N N   . TYR A 1 86  ? -6.829  3.538   -6.859  1.00 108.76 ? 86  TYR A N   1 
ATOM 621 C CA  . TYR A 1 86  ? -5.411  3.813   -7.058  1.00 108.76 ? 86  TYR A CA  1 
ATOM 622 C C   . TYR A 1 86  ? -5.187  5.214   -7.550  1.00 108.76 ? 86  TYR A C   1 
ATOM 623 O O   . TYR A 1 86  ? -4.268  5.907   -7.114  1.00 108.76 ? 86  TYR A O   1 
ATOM 624 C CB  . TYR A 1 86  ? -4.813  2.834   -8.064  1.00 120.94 ? 86  TYR A CB  1 
ATOM 625 C CG  . TYR A 1 86  ? -3.295  2.860   -8.185  1.00 120.94 ? 86  TYR A CG  1 
ATOM 626 C CD1 . TYR A 1 86  ? -2.526  1.763   -7.782  1.00 120.94 ? 86  TYR A CD1 1 
ATOM 627 C CD2 . TYR A 1 86  ? -2.640  3.918   -8.799  1.00 120.94 ? 86  TYR A CD2 1 
ATOM 628 C CE1 . TYR A 1 86  ? -1.152  1.715   -8.002  1.00 120.94 ? 86  TYR A CE1 1 
ATOM 629 C CE2 . TYR A 1 86  ? -1.265  3.877   -9.025  1.00 120.94 ? 86  TYR A CE2 1 
ATOM 630 C CZ  . TYR A 1 86  ? -0.531  2.772   -8.630  1.00 120.94 ? 86  TYR A CZ  1 
ATOM 631 O OH  . TYR A 1 86  ? 0.809   2.712   -8.913  1.00 120.94 ? 86  TYR A OH  1 
ATOM 632 N N   . ARG A 1 87  ? -6.044  5.639   -8.456  1.00 112.14 ? 87  ARG A N   1 
ATOM 633 C CA  . ARG A 1 87  ? -5.947  6.943   -9.088  1.00 112.14 ? 87  ARG A CA  1 
ATOM 634 C C   . ARG A 1 87  ? -5.910  8.048   -8.045  1.00 112.14 ? 87  ARG A C   1 
ATOM 635 O O   . ARG A 1 87  ? -4.906  8.772   -7.929  1.00 112.14 ? 87  ARG A O   1 
ATOM 636 C CB  . ARG A 1 87  ? -7.114  7.161   -10.051 1.00 200.00 ? 87  ARG A CB  1 
ATOM 637 C CG  . ARG A 1 87  ? -8.457  7.356   -9.366  1.00 200.00 ? 87  ARG A CG  1 
ATOM 638 C CD  . ARG A 1 87  ? -9.594  7.323   -10.375 1.00 200.00 ? 87  ARG A CD  1 
ATOM 639 N NE  . ARG A 1 87  ? -10.893 7.519   -9.739  1.00 200.00 ? 87  ARG A NE  1 
ATOM 640 C CZ  . ARG A 1 87  ? -12.048 7.532   -10.397 1.00 200.00 ? 87  ARG A CZ  1 
ATOM 641 N NH1 . ARG A 1 87  ? -12.064 7.360   -11.711 1.00 200.00 ? 87  ARG A NH1 1 
ATOM 642 N NH2 . ARG A 1 87  ? -13.184 7.716   -9.739  1.00 200.00 ? 87  ARG A NH2 1 
ATOM 643 N N   . GLU A 1 88  ? -6.980  8.221   -7.291  1.00 139.45 ? 88  GLU A N   1 
ATOM 644 C CA  . GLU A 1 88  ? -7.069  9.270   -6.291  1.00 139.45 ? 88  GLU A CA  1 
ATOM 645 C C   . GLU A 1 88  ? -5.765  9.583   -5.564  1.00 139.45 ? 88  GLU A C   1 
ATOM 646 O O   . GLU A 1 88  ? -5.616  10.669  -4.993  1.00 139.45 ? 88  GLU A O   1 
ATOM 647 C CB  . GLU A 1 88  ? -8.145  8.889   -5.286  1.00 122.66 ? 88  GLU A CB  1 
ATOM 648 C CG  . GLU A 1 88  ? -9.460  8.566   -5.958  1.00 122.66 ? 88  GLU A CG  1 
ATOM 649 C CD  . GLU A 1 88  ? -10.365 7.756   -5.071  1.00 122.66 ? 88  GLU A CD  1 
ATOM 650 O OE1 . GLU A 1 88  ? -10.376 8.035   -3.851  1.00 122.66 ? 88  GLU A OE1 1 
ATOM 651 O OE2 . GLU A 1 88  ? -11.062 6.855   -5.593  1.00 122.66 ? 88  GLU A OE2 1 
ATOM 652 N N   . TYR A 1 89  ? -4.821  8.647   -5.595  1.00 103.48 ? 89  TYR A N   1 
ATOM 653 C CA  . TYR A 1 89  ? -3.545  8.829   -4.913  1.00 103.48 ? 89  TYR A CA  1 
ATOM 654 C C   . TYR A 1 89  ? -2.361  9.202   -5.809  1.00 103.48 ? 89  TYR A C   1 
ATOM 655 O O   . TYR A 1 89  ? -1.623  10.145  -5.515  1.00 103.48 ? 89  TYR A O   1 
ATOM 656 C CB  . TYR A 1 89  ? -3.195  7.564   -4.140  1.00 80.64  ? 89  TYR A CB  1 
ATOM 657 C CG  . TYR A 1 89  ? -4.238  7.156   -3.141  1.00 80.64  ? 89  TYR A CG  1 
ATOM 658 C CD1 . TYR A 1 89  ? -5.508  6.774   -3.550  1.00 80.64  ? 89  TYR A CD1 1 
ATOM 659 C CD2 . TYR A 1 89  ? -3.958  7.160   -1.787  1.00 80.64  ? 89  TYR A CD2 1 
ATOM 660 C CE1 . TYR A 1 89  ? -6.468  6.408   -2.638  1.00 80.64  ? 89  TYR A CE1 1 
ATOM 661 C CE2 . TYR A 1 89  ? -4.910  6.795   -0.863  1.00 80.64  ? 89  TYR A CE2 1 
ATOM 662 C CZ  . TYR A 1 89  ? -6.165  6.419   -1.297  1.00 80.64  ? 89  TYR A CZ  1 
ATOM 663 O OH  . TYR A 1 89  ? -7.119  6.034   -0.394  1.00 80.64  ? 89  TYR A OH  1 
ATOM 664 N N   . PHE A 1 90  ? -2.167  8.449   -6.888  1.00 133.85 ? 90  PHE A N   1 
ATOM 665 C CA  . PHE A 1 90  ? -1.056  8.699   -7.809  1.00 133.85 ? 90  PHE A CA  1 
ATOM 666 C C   . PHE A 1 90  ? -1.524  9.466   -9.028  1.00 133.85 ? 90  PHE A C   1 
ATOM 667 O O   . PHE A 1 90  ? -2.440  9.025   -9.717  1.00 133.85 ? 90  PHE A O   1 
ATOM 668 C CB  . PHE A 1 90  ? -0.443  7.383   -8.273  1.00 120.80 ? 90  PHE A CB  1 
ATOM 669 C CG  . PHE A 1 90  ? 0.404   6.709   -7.236  1.00 120.80 ? 90  PHE A CG  1 
ATOM 670 C CD1 . PHE A 1 90  ? 1.762   6.981   -7.146  1.00 120.80 ? 90  PHE A CD1 1 
ATOM 671 C CD2 . PHE A 1 90  ? -0.155  5.789   -6.353  1.00 120.80 ? 90  PHE A CD2 1 
ATOM 672 C CE1 . PHE A 1 90  ? 2.550   6.343   -6.194  1.00 120.80 ? 90  PHE A CE1 1 
ATOM 673 C CE2 . PHE A 1 90  ? 0.622   5.149   -5.401  1.00 120.80 ? 90  PHE A CE2 1 
ATOM 674 C CZ  . PHE A 1 90  ? 1.980   5.425   -5.320  1.00 120.80 ? 90  PHE A CZ  1 
ATOM 675 N N   . ASN A 1 91  ? -0.899  10.604  -9.313  1.00 165.67 ? 91  ASN A N   1 
ATOM 676 C CA  . ASN A 1 91  ? -1.295  11.406  -10.477 1.00 165.67 ? 91  ASN A CA  1 
ATOM 677 C C   . ASN A 1 91  ? -0.219  11.298  -11.568 1.00 165.67 ? 91  ASN A C   1 
ATOM 678 O O   . ASN A 1 91  ? 0.982   11.268  -11.257 1.00 165.67 ? 91  ASN A O   1 
ATOM 679 C CB  . ASN A 1 91  ? -1.506  12.872  -10.063 1.00 179.73 ? 91  ASN A CB  1 
ATOM 680 C CG  . ASN A 1 91  ? -0.204  13.590  -9.753  1.00 179.73 ? 91  ASN A CG  1 
ATOM 681 O OD1 . ASN A 1 91  ? 0.479   13.285  -8.771  1.00 179.73 ? 91  ASN A OD1 1 
ATOM 682 N ND2 . ASN A 1 91  ? 0.149   14.552  -10.596 1.00 179.73 ? 91  ASN A ND2 1 
ATOM 683 N N   . ARG A 1 92  ? -0.652  11.230  -12.830 1.00 135.50 ? 92  ARG A N   1 
ATOM 684 C CA  . ARG A 1 92  ? 0.273   11.096  -13.955 1.00 135.50 ? 92  ARG A CA  1 
ATOM 685 C C   . ARG A 1 92  ? 1.581   11.874  -13.757 1.00 135.50 ? 92  ARG A C   1 
ATOM 686 O O   . ARG A 1 92  ? 1.571   13.046  -13.377 1.00 135.50 ? 92  ARG A O   1 
ATOM 687 C CB  . ARG A 1 92  ? -0.408  11.532  -15.259 1.00 198.69 ? 92  ARG A CB  1 
ATOM 688 C CG  . ARG A 1 92  ? -1.478  10.556  -15.773 1.00 198.69 ? 92  ARG A CG  1 
ATOM 689 C CD  . ARG A 1 92  ? -0.941  9.576   -16.845 1.00 198.69 ? 92  ARG A CD  1 
ATOM 690 N NE  . ARG A 1 92  ? -0.829  10.172  -18.185 1.00 198.69 ? 92  ARG A NE  1 
ATOM 691 C CZ  . ARG A 1 92  ? -0.272  9.573   -19.241 1.00 198.69 ? 92  ARG A CZ  1 
ATOM 692 N NH1 . ARG A 1 92  ? 0.231   8.352   -19.127 1.00 198.69 ? 92  ARG A NH1 1 
ATOM 693 N NH2 . ARG A 1 92  ? -0.195  10.198  -20.413 1.00 198.69 ? 92  ARG A NH2 1 
ATOM 694 N N   . PRO A 1 93  ? 2.732   11.227  -14.006 1.00 94.50  ? 93  PRO A N   1 
ATOM 695 C CA  . PRO A 1 93  ? 2.898   9.839   -14.447 1.00 94.50  ? 93  PRO A CA  1 
ATOM 696 C C   . PRO A 1 93  ? 2.514   8.858   -13.337 1.00 94.50  ? 93  PRO A C   1 
ATOM 697 O O   . PRO A 1 93  ? 2.122   9.264   -12.239 1.00 94.50  ? 93  PRO A O   1 
ATOM 698 C CB  . PRO A 1 93  ? 4.391   9.762   -14.788 1.00 110.41 ? 93  PRO A CB  1 
ATOM 699 C CG  . PRO A 1 93  ? 4.785   11.202  -14.993 1.00 110.41 ? 93  PRO A CG  1 
ATOM 700 C CD  . PRO A 1 93  ? 4.041   11.891  -13.910 1.00 110.41 ? 93  PRO A CD  1 
ATOM 701 N N   . TYR A 1 94  ? 2.650   7.571   -13.628 1.00 79.34  ? 94  TYR A N   1 
ATOM 702 C CA  . TYR A 1 94  ? 2.340   6.529   -12.669 1.00 79.34  ? 94  TYR A CA  1 
ATOM 703 C C   . TYR A 1 94  ? 3.606   5.727   -12.454 1.00 79.34  ? 94  TYR A C   1 
ATOM 704 O O   . TYR A 1 94  ? 4.595   5.921   -13.145 1.00 79.34  ? 94  TYR A O   1 
ATOM 705 C CB  . TYR A 1 94  ? 1.242   5.611   -13.200 1.00 115.18 ? 94  TYR A CB  1 
ATOM 706 C CG  . TYR A 1 94  ? -0.144  6.224   -13.166 1.00 115.18 ? 94  TYR A CG  1 
ATOM 707 C CD1 . TYR A 1 94  ? -0.607  6.886   -12.025 1.00 115.18 ? 94  TYR A CD1 1 
ATOM 708 C CD2 . TYR A 1 94  ? -1.037  6.060   -14.234 1.00 115.18 ? 94  TYR A CD2 1 
ATOM 709 C CE1 . TYR A 1 94  ? -1.921  7.359   -11.947 1.00 115.18 ? 94  TYR A CE1 1 
ATOM 710 C CE2 . TYR A 1 94  ? -2.358  6.532   -14.157 1.00 115.18 ? 94  TYR A CE2 1 
ATOM 711 C CZ  . TYR A 1 94  ? -2.794  7.174   -13.013 1.00 115.18 ? 94  TYR A CZ  1 
ATOM 712 O OH  . TYR A 1 94  ? -4.109  7.607   -12.922 1.00 115.18 ? 94  TYR A OH  1 
ATOM 713 N N   . PRO A 1 95  ? 3.596   4.808   -11.484 1.00 144.89 ? 95  PRO A N   1 
ATOM 714 C CA  . PRO A 1 95  ? 4.792   4.010   -11.234 1.00 144.89 ? 95  PRO A CA  1 
ATOM 715 C C   . PRO A 1 95  ? 4.633   2.609   -11.800 1.00 144.89 ? 95  PRO A C   1 
ATOM 716 O O   . PRO A 1 95  ? 3.602   1.983   -11.570 1.00 144.89 ? 95  PRO A O   1 
ATOM 717 C CB  . PRO A 1 95  ? 4.848   3.996   -9.717  1.00 92.09  ? 95  PRO A CB  1 
ATOM 718 C CG  . PRO A 1 95  ? 3.400   3.746   -9.409  1.00 92.09  ? 95  PRO A CG  1 
ATOM 719 C CD  . PRO A 1 95  ? 2.630   4.621   -10.390 1.00 92.09  ? 95  PRO A CD  1 
ATOM 720 N N   . ALA A 1 96  ? 5.635   2.122   -12.534 1.00 121.74 ? 96  ALA A N   1 
ATOM 721 C CA  . ALA A 1 96  ? 5.562   0.768   -13.074 1.00 121.74 ? 96  ALA A CA  1 
ATOM 722 C C   . ALA A 1 96  ? 5.038   -0.087  -11.917 1.00 121.74 ? 96  ALA A C   1 
ATOM 723 O O   . ALA A 1 96  ? 5.595   -0.063  -10.822 1.00 121.74 ? 96  ALA A O   1 
ATOM 724 C CB  . ALA A 1 96  ? 6.943   0.301   -13.519 1.00 91.59  ? 96  ALA A CB  1 
ATOM 725 N N   . ARG A 1 97  ? 3.973   -0.837  -12.144 1.00 95.66  ? 97  ARG A N   1 
ATOM 726 C CA  . ARG A 1 97  ? 3.406   -1.591  -11.059 1.00 95.66  ? 97  ARG A CA  1 
ATOM 727 C C   . ARG A 1 97  ? 3.061   -3.003  -11.414 1.00 95.66  ? 97  ARG A C   1 
ATOM 728 O O   . ARG A 1 97  ? 2.656   -3.287  -12.536 1.00 95.66  ? 97  ARG A O   1 
ATOM 729 C CB  . ARG A 1 97  ? 2.166   -0.864  -10.590 1.00 82.24  ? 97  ARG A CB  1 
ATOM 730 C CG  . ARG A 1 97  ? 1.273   -1.631  -9.676  1.00 82.24  ? 97  ARG A CG  1 
ATOM 731 C CD  . ARG A 1 97  ? -0.142  -1.484  -10.160 1.00 82.24  ? 97  ARG A CD  1 
ATOM 732 N NE  . ARG A 1 97  ? -0.310  -2.182  -11.423 1.00 82.24  ? 97  ARG A NE  1 
ATOM 733 C CZ  . ARG A 1 97  ? -1.451  -2.263  -12.088 1.00 82.24  ? 97  ARG A CZ  1 
ATOM 734 N NH1 . ARG A 1 97  ? -1.493  -2.939  -13.227 1.00 82.24  ? 97  ARG A NH1 1 
ATOM 735 N NH2 . ARG A 1 97  ? -2.543  -1.668  -11.620 1.00 82.24  ? 97  ARG A NH2 1 
ATOM 736 N N   . ALA A 1 98  ? 3.214   -3.881  -10.432 1.00 118.20 ? 98  ALA A N   1 
ATOM 737 C CA  . ALA A 1 98  ? 2.909   -5.299  -10.584 1.00 118.20 ? 98  ALA A CA  1 
ATOM 738 C C   . ALA A 1 98  ? 1.558   -5.557  -9.964  1.00 118.20 ? 98  ALA A C   1 
ATOM 739 O O   . ALA A 1 98  ? 1.021   -4.713  -9.266  1.00 118.20 ? 98  ALA A O   1 
ATOM 740 C CB  . ALA A 1 98  ? 3.947   -6.126  -9.882  1.00 107.74 ? 98  ALA A CB  1 
ATOM 741 N N   . VAL A 1 99  ? 1.007   -6.730  -10.215 1.00 87.48  ? 99  VAL A N   1 
ATOM 742 C CA  . VAL A 1 99  ? -0.290  -7.067  -9.659  1.00 87.48  ? 99  VAL A CA  1 
ATOM 743 C C   . VAL A 1 99  ? -0.568  -8.543  -9.792  1.00 87.48  ? 99  VAL A C   1 
ATOM 744 O O   . VAL A 1 99  ? -0.614  -9.087  -10.890 1.00 87.48  ? 99  VAL A O   1 
ATOM 745 C CB  . VAL A 1 99  ? -1.406  -6.282  -10.335 1.00 200.00 ? 99  VAL A CB  1 
ATOM 746 C CG1 . VAL A 1 99  ? -1.771  -5.088  -9.479  1.00 200.00 ? 99  VAL A CG1 1 
ATOM 747 C CG2 . VAL A 1 99  ? -0.957  -5.835  -11.730 1.00 200.00 ? 99  VAL A CG2 1 
ATOM 748 N N   . VAL A 1 100 ? -0.776  -9.183  -8.655  1.00 59.44  ? 100 VAL A N   1 
ATOM 749 C CA  . VAL A 1 100 ? -0.994  -10.600 -8.642  1.00 59.44  ? 100 VAL A CA  1 
ATOM 750 C C   . VAL A 1 100 ? -2.226  -10.992 -7.894  1.00 59.44  ? 100 VAL A C   1 
ATOM 751 O O   . VAL A 1 100 ? -2.876  -10.177 -7.269  1.00 59.44  ? 100 VAL A O   1 
ATOM 752 C CB  . VAL A 1 100 ? 0.148   -11.265 -7.960  1.00 83.80  ? 100 VAL A CB  1 
ATOM 753 C CG1 . VAL A 1 100 ? 1.443   -10.721 -8.492  1.00 83.80  ? 100 VAL A CG1 1 
ATOM 754 C CG2 . VAL A 1 100 ? 0.060   -11.003 -6.489  1.00 83.80  ? 100 VAL A CG2 1 
ATOM 755 N N   . GLY A 1 101 ? -2.530  -12.272 -7.962  1.00 59.93  ? 101 GLY A N   1 
ATOM 756 C CA  . GLY A 1 101 ? -3.665  -12.788 -7.249  1.00 59.93  ? 101 GLY A CA  1 
ATOM 757 C C   . GLY A 1 101 ? -3.073  -13.767 -6.270  1.00 59.93  ? 101 GLY A C   1 
ATOM 758 O O   . GLY A 1 101 ? -2.805  -14.906 -6.604  1.00 59.93  ? 101 GLY A O   1 
ATOM 759 N N   . VAL A 1 102 ? -2.827  -13.318 -5.059  1.00 101.67 ? 102 VAL A N   1 
ATOM 760 C CA  . VAL A 1 102 ? -2.272  -14.205 -4.077  1.00 101.67 ? 102 VAL A CA  1 
ATOM 761 C C   . VAL A 1 102 ? -3.262  -15.339 -3.899  1.00 101.67 ? 102 VAL A C   1 
ATOM 762 O O   . VAL A 1 102 ? -3.640  -15.993 -4.858  1.00 101.67 ? 102 VAL A O   1 
ATOM 763 C CB  . VAL A 1 102 ? -2.057  -13.472 -2.755  1.00 101.78 ? 102 VAL A CB  1 
ATOM 764 C CG1 . VAL A 1 102 ? -0.999  -12.400 -2.927  1.00 101.78 ? 102 VAL A CG1 1 
ATOM 765 C CG2 . VAL A 1 102 ? -3.351  -12.846 -2.301  1.00 101.78 ? 102 VAL A CG2 1 
ATOM 766 N N   . ALA A 1 103 ? -3.686  -15.565 -2.666  1.00 95.25  ? 103 ALA A N   1 
ATOM 767 C CA  . ALA A 1 103 ? -4.632  -16.621 -2.353  1.00 95.25  ? 103 ALA A CA  1 
ATOM 768 C C   . ALA A 1 103 ? -4.776  -16.596 -0.860  1.00 95.25  ? 103 ALA A C   1 
ATOM 769 O O   . ALA A 1 103 ? -5.740  -17.115 -0.311  1.00 95.25  ? 103 ALA A O   1 
ATOM 770 C CB  . ALA A 1 103 ? -4.089  -17.967 -2.793  1.00 101.72 ? 103 ALA A CB  1 
ATOM 771 N N   . ALA A 1 104 ? -3.799  -15.969 -0.213  1.00 72.32  ? 104 ALA A N   1 
ATOM 772 C CA  . ALA A 1 104 ? -3.756  -15.858 1.238   1.00 72.32  ? 104 ALA A CA  1 
ATOM 773 C C   . ALA A 1 104 ? -2.895  -14.684 1.692   1.00 72.32  ? 104 ALA A C   1 
ATOM 774 O O   . ALA A 1 104 ? -1.832  -14.444 1.130   1.00 72.32  ? 104 ALA A O   1 
ATOM 775 C CB  . ALA A 1 104 ? -3.205  -17.141 1.824   1.00 158.24 ? 104 ALA A CB  1 
ATOM 776 N N   . LEU A 1 105 ? -3.349  -13.965 2.716   1.00 82.59  ? 105 LEU A N   1 
ATOM 777 C CA  . LEU A 1 105 ? -2.594  -12.831 3.238   1.00 82.59  ? 105 LEU A CA  1 
ATOM 778 C C   . LEU A 1 105 ? -2.637  -12.655 4.743   1.00 82.59  ? 105 LEU A C   1 
ATOM 779 O O   . LEU A 1 105 ? -3.487  -13.224 5.425   1.00 82.59  ? 105 LEU A O   1 
ATOM 780 C CB  . LEU A 1 105 ? -3.065  -11.528 2.611   1.00 65.57  ? 105 LEU A CB  1 
ATOM 781 C CG  . LEU A 1 105 ? -2.433  -11.123 1.289   1.00 65.57  ? 105 LEU A CG  1 
ATOM 782 C CD1 . LEU A 1 105 ? -2.359  -9.617  1.262   1.00 65.57  ? 105 LEU A CD1 1 
ATOM 783 C CD2 . LEU A 1 105 ? -1.038  -11.701 1.147   1.00 65.57  ? 105 LEU A CD2 1 
ATOM 784 N N   . PRO A 1 106 ? -1.705  -11.856 5.281   1.00 72.07  ? 106 PRO A N   1 
ATOM 785 C CA  . PRO A 1 106 ? -1.585  -11.557 6.702   1.00 72.07  ? 106 PRO A CA  1 
ATOM 786 C C   . PRO A 1 106 ? -2.907  -11.135 7.344   1.00 72.07  ? 106 PRO A C   1 
ATOM 787 O O   . PRO A 1 106 ? -3.639  -10.313 6.813   1.00 72.07  ? 106 PRO A O   1 
ATOM 788 C CB  . PRO A 1 106 ? -0.546  -10.446 6.713   1.00 59.74  ? 106 PRO A CB  1 
ATOM 789 C CG  . PRO A 1 106 ? 0.371   -10.883 5.662   1.00 59.74  ? 106 PRO A CG  1 
ATOM 790 C CD  . PRO A 1 106 ? -0.557  -11.295 4.553   1.00 59.74  ? 106 PRO A CD  1 
ATOM 791 N N   . LEU A 1 107 ? -3.212  -11.717 8.493   1.00 172.21 ? 107 LEU A N   1 
ATOM 792 C CA  . LEU A 1 107 ? -4.436  -11.402 9.210   1.00 172.21 ? 107 LEU A CA  1 
ATOM 793 C C   . LEU A 1 107 ? -5.671  -11.568 8.337   1.00 172.21 ? 107 LEU A C   1 
ATOM 794 O O   . LEU A 1 107 ? -6.797  -11.413 8.802   1.00 172.21 ? 107 LEU A O   1 
ATOM 795 C CB  . LEU A 1 107 ? -4.364  -9.978  9.756   1.00 101.81 ? 107 LEU A CB  1 
ATOM 796 C CG  . LEU A 1 107 ? -3.060  -9.578  10.461  1.00 101.81 ? 107 LEU A CG  1 
ATOM 797 C CD1 . LEU A 1 107 ? -3.385  -8.455  11.425  1.00 101.81 ? 107 LEU A CD1 1 
ATOM 798 C CD2 . LEU A 1 107 ? -2.440  -10.741 11.227  1.00 101.81 ? 107 LEU A CD2 1 
ATOM 799 N N   . GLY A 1 108 ? -5.454  -11.897 7.072   1.00 94.85  ? 108 GLY A N   1 
ATOM 800 C CA  . GLY A 1 108 ? -6.562  -12.087 6.162   1.00 94.85  ? 108 GLY A CA  1 
ATOM 801 C C   . GLY A 1 108 ? -6.751  -10.915 5.223   1.00 94.85  ? 108 GLY A C   1 
ATOM 802 O O   . GLY A 1 108 ? -7.502  -11.014 4.262   1.00 94.85  ? 108 GLY A O   1 
ATOM 803 N N   . ALA A 1 109 ? -6.059  -9.815  5.500   1.00 101.70 ? 109 ALA A N   1 
ATOM 804 C CA  . ALA A 1 109 ? -6.138  -8.590  4.704   1.00 101.70 ? 109 ALA A CA  1 
ATOM 805 C C   . ALA A 1 109 ? -6.553  -8.806  3.259   1.00 101.70 ? 109 ALA A C   1 
ATOM 806 O O   . ALA A 1 109 ? -5.980  -9.652  2.586   1.00 101.70 ? 109 ALA A O   1 
ATOM 807 C CB  . ALA A 1 109 ? -4.816  -7.893  4.736   1.00 38.65  ? 109 ALA A CB  1 
ATOM 808 N N   . PRO A 1 110 ? -7.550  -8.035  2.761   1.00 91.02  ? 110 PRO A N   1 
ATOM 809 C CA  . PRO A 1 110 ? -8.055  -8.131  1.382   1.00 91.02  ? 110 PRO A CA  1 
ATOM 810 C C   . PRO A 1 110 ? -6.975  -8.027  0.306   1.00 91.02  ? 110 PRO A C   1 
ATOM 811 O O   . PRO A 1 110 ? -7.150  -8.539  -0.802  1.00 91.02  ? 110 PRO A O   1 
ATOM 812 C CB  . PRO A 1 110 ? -9.061  -6.983  1.305   1.00 147.52 ? 110 PRO A CB  1 
ATOM 813 C CG  . PRO A 1 110 ? -9.614  -6.943  2.666   1.00 147.52 ? 110 PRO A CG  1 
ATOM 814 C CD  . PRO A 1 110 ? -8.364  -7.073  3.529   1.00 147.52 ? 110 PRO A CD  1 
ATOM 815 N N   . LEU A 1 111 ? -5.867  -7.372  0.649   1.00 84.38  ? 111 LEU A N   1 
ATOM 816 C CA  . LEU A 1 111 ? -4.747  -7.187  -0.261  1.00 84.38  ? 111 LEU A CA  1 
ATOM 817 C C   . LEU A 1 111 ? -3.535  -6.752  0.543   1.00 84.38  ? 111 LEU A C   1 
ATOM 818 O O   . LEU A 1 111 ? -3.482  -6.974  1.742   1.00 84.38  ? 111 LEU A O   1 
ATOM 819 C CB  . LEU A 1 111 ? -5.082  -6.121  -1.301  1.00 109.67 ? 111 LEU A CB  1 
ATOM 820 C CG  . LEU A 1 111 ? -5.039  -4.660  -0.845  1.00 109.67 ? 111 LEU A CG  1 
ATOM 821 C CD1 . LEU A 1 111 ? -5.837  -3.789  -1.822  1.00 109.67 ? 111 LEU A CD1 1 
ATOM 822 C CD2 . LEU A 1 111 ? -5.596  -4.534  0.561   1.00 109.67 ? 111 LEU A CD2 1 
ATOM 823 N N   . GLU A 1 112 ? -2.561  -6.135  -0.111  1.00 91.23  ? 112 GLU A N   1 
ATOM 824 C CA  . GLU A 1 112 ? -1.365  -5.660  0.571   1.00 91.23  ? 112 GLU A CA  1 
ATOM 825 C C   . GLU A 1 112 ? -0.503  -5.019  -0.467  1.00 91.23  ? 112 GLU A C   1 
ATOM 826 O O   . GLU A 1 112 ? -0.599  -5.370  -1.622  1.00 91.23  ? 112 GLU A O   1 
ATOM 827 C CB  . GLU A 1 112 ? -0.596  -6.808  1.167   1.00 136.74 ? 112 GLU A CB  1 
ATOM 828 C CG  . GLU A 1 112 ? 0.271   -6.368  2.297   1.00 136.74 ? 112 GLU A CG  1 
ATOM 829 C CD  . GLU A 1 112 ? 1.369   -7.344  2.560   1.00 136.74 ? 112 GLU A CD  1 
ATOM 830 O OE1 . GLU A 1 112 ? 1.189   -8.535  2.236   1.00 136.74 ? 112 GLU A OE1 1 
ATOM 831 O OE2 . GLU A 1 112 ? 2.408   -6.919  3.099   1.00 136.74 ? 112 GLU A OE2 1 
ATOM 832 N N   . VAL A 1 113 ? 0.367   -4.106  -0.075  1.00 121.35 ? 113 VAL A N   1 
ATOM 833 C CA  . VAL A 1 113 ? 1.191   -3.449  -1.078  1.00 121.35 ? 113 VAL A CA  1 
ATOM 834 C C   . VAL A 1 113 ? 2.531   -2.852  -0.663  1.00 121.35 ? 113 VAL A C   1 
ATOM 835 O O   . VAL A 1 113 ? 2.609   -2.026  0.248   1.00 121.35 ? 113 VAL A O   1 
ATOM 836 C CB  . VAL A 1 113 ? 0.380   -2.345  -1.780  1.00 123.76 ? 113 VAL A CB  1 
ATOM 837 C CG1 . VAL A 1 113 ? -0.604  -1.734  -0.801  1.00 123.76 ? 113 VAL A CG1 1 
ATOM 838 C CG2 . VAL A 1 113 ? 1.315   -1.263  -2.334  1.00 123.76 ? 113 VAL A CG2 1 
ATOM 839 N N   . GLU A 1 114 ? 3.583   -3.270  -1.360  1.00 56.83  ? 114 GLU A N   1 
ATOM 840 C CA  . GLU A 1 114 ? 4.921   -2.775  -1.097  1.00 56.83  ? 114 GLU A CA  1 
ATOM 841 C C   . GLU A 1 114 ? 5.138   -1.836  -2.241  1.00 56.83  ? 114 GLU A C   1 
ATOM 842 O O   . GLU A 1 114 ? 4.320   -1.778  -3.142  1.00 56.83  ? 114 GLU A O   1 
ATOM 843 C CB  . GLU A 1 114 ? 5.958   -3.907  -1.146  1.00 109.41 ? 114 GLU A CB  1 
ATOM 844 C CG  . GLU A 1 114 ? 6.636   -4.144  -2.501  1.00 109.41 ? 114 GLU A CG  1 
ATOM 845 C CD  . GLU A 1 114 ? 7.549   -5.363  -2.485  1.00 109.41 ? 114 GLU A CD  1 
ATOM 846 O OE1 . GLU A 1 114 ? 7.026   -6.491  -2.393  1.00 109.41 ? 114 GLU A OE1 1 
ATOM 847 O OE2 . GLU A 1 114 ? 8.785   -5.194  -2.553  1.00 109.41 ? 114 GLU A OE2 1 
ATOM 848 N N   . ALA A 1 115 ? 6.234   -1.103  -2.218  1.00 72.19  ? 115 ALA A N   1 
ATOM 849 C CA  . ALA A 1 115 ? 6.518   -0.178  -3.291  1.00 72.19  ? 115 ALA A CA  1 
ATOM 850 C C   . ALA A 1 115 ? 7.807   0.530   -2.976  1.00 72.19  ? 115 ALA A C   1 
ATOM 851 O O   . ALA A 1 115 ? 8.152   0.734   -1.816  1.00 72.19  ? 115 ALA A O   1 
ATOM 852 C CB  . ALA A 1 115 ? 5.388   0.830   -3.431  1.00 79.18  ? 115 ALA A CB  1 
ATOM 853 N N   . VAL A 1 116 ? 8.529   0.899   -4.018  1.00 109.70 ? 116 VAL A N   1 
ATOM 854 C CA  . VAL A 1 116 ? 9.776   1.594   -3.831  1.00 109.70 ? 116 VAL A CA  1 
ATOM 855 C C   . VAL A 1 116 ? 9.665   2.942   -4.518  1.00 109.70 ? 116 VAL A C   1 
ATOM 856 O O   . VAL A 1 116 ? 8.681   3.228   -5.204  1.00 109.70 ? 116 VAL A O   1 
ATOM 857 C CB  . VAL A 1 116 ? 10.922  0.781   -4.405  1.00 86.76  ? 116 VAL A CB  1 
ATOM 858 C CG1 . VAL A 1 116 ? 12.246  1.405   -4.020  1.00 86.76  ? 116 VAL A CG1 1 
ATOM 859 C CG2 . VAL A 1 116 ? 10.819  -0.646  -3.887  1.00 86.76  ? 116 VAL A CG2 1 
ATOM 860 N N   . LEU A 1 117 ? 10.672  3.774   -4.332  1.00 117.99 ? 117 LEU A N   1 
ATOM 861 C CA  . LEU A 1 117 ? 10.647  5.099   -4.909  1.00 117.99 ? 117 LEU A CA  1 
ATOM 862 C C   . LEU A 1 117 ? 12.002  5.739   -4.644  1.00 117.99 ? 117 LEU A C   1 
ATOM 863 O O   . LEU A 1 117 ? 12.650  5.429   -3.634  1.00 117.99 ? 117 LEU A O   1 
ATOM 864 C CB  . LEU A 1 117 ? 9.520   5.886   -4.239  1.00 115.27 ? 117 LEU A CB  1 
ATOM 865 C CG  . LEU A 1 117 ? 9.463   5.713   -2.715  1.00 115.27 ? 117 LEU A CG  1 
ATOM 866 C CD1 . LEU A 1 117 ? 10.473  6.647   -2.085  1.00 115.27 ? 117 LEU A CD1 1 
ATOM 867 C CD2 . LEU A 1 117 ? 8.072   6.007   -2.171  1.00 115.27 ? 117 LEU A CD2 1 
ATOM 868 N N   . TYR A 1 118 ? 12.440  6.613   -5.548  1.00 167.11 ? 118 TYR A N   1 
ATOM 869 C CA  . TYR A 1 118 ? 13.728  7.286   -5.383  1.00 167.11 ? 118 TYR A CA  1 
ATOM 870 C C   . TYR A 1 118 ? 13.499  8.588   -4.595  1.00 167.11 ? 118 TYR A C   1 
ATOM 871 O O   . TYR A 1 118 ? 12.563  9.327   -4.890  1.00 167.11 ? 118 TYR A O   1 
ATOM 872 C CB  . TYR A 1 118 ? 14.358  7.579   -6.765  1.00 152.86 ? 118 TYR A CB  1 
ATOM 873 C CG  . TYR A 1 118 ? 14.023  8.950   -7.294  1.00 152.86 ? 118 TYR A CG  1 
ATOM 874 C CD1 . TYR A 1 118 ? 14.729  10.073  -6.856  1.00 152.86 ? 118 TYR A CD1 1 
ATOM 875 C CD2 . TYR A 1 118 ? 12.916  9.153   -8.118  1.00 152.86 ? 118 TYR A CD2 1 
ATOM 876 C CE1 . TYR A 1 118 ? 14.331  11.362  -7.207  1.00 152.86 ? 118 TYR A CE1 1 
ATOM 877 C CE2 . TYR A 1 118 ? 12.508  10.445  -8.477  1.00 152.86 ? 118 TYR A CE2 1 
ATOM 878 C CZ  . TYR A 1 118 ? 13.218  11.542  -8.008  1.00 152.86 ? 118 TYR A CZ  1 
ATOM 879 O OH  . TYR A 1 118 ? 12.791  12.816  -8.281  1.00 152.86 ? 118 TYR A OH  1 
ATOM 880 N N   . THR A 1 119 ? 14.340  8.858   -3.594  1.00 190.68 ? 119 THR A N   1 
ATOM 881 C CA  . THR A 1 119 ? 14.215  10.080  -2.779  1.00 190.68 ? 119 THR A CA  1 
ATOM 882 C C   . THR A 1 119 ? 15.135  11.230  -3.293  1.00 190.68 ? 119 THR A C   1 
ATOM 883 O O   . THR A 1 119 ? 14.729  12.411  -3.167  1.00 189.39 ? 119 THR A O   1 
ATOM 884 C CB  . THR A 1 119 ? 14.469  9.769   -1.219  1.00 166.14 ? 119 THR A CB  1 
ATOM 885 O OG1 . THR A 1 119 ? 14.006  10.866  -0.409  1.00 166.14 ? 119 THR A OG1 1 
ATOM 886 C CG2 . THR A 1 119 ? 15.957  9.504   -0.925  1.00 166.14 ? 119 THR A CG2 1 
# 
